data_8JA5
#
_entry.id   8JA5
#
_cell.length_a   125.957
_cell.length_b   125.957
_cell.length_c   317.264
_cell.angle_alpha   90.00
_cell.angle_beta   90.00
_cell.angle_gamma   90.00
#
_symmetry.space_group_name_H-M   'P 41 21 2'
#
loop_
_entity.id
_entity.type
_entity.pdbx_description
1 polymer '14F8 antibody heavy chain'
2 polymer '14F8 antibody light chain'
3 polymer 'Glycoprotein G'
4 polymer '14F8 antibody light chain'
5 branched alpha-D-mannopyranose-(1-3)-beta-D-mannopyranose-(1-4)-2-acetamido-2-deoxy-beta-D-glucopyranose-(1-4)-2-acetamido-2-deoxy-beta-D-glucopyranose
6 branched alpha-D-mannopyranose-(1-3)-alpha-D-mannopyranose-(1-3)-beta-D-mannopyranose-(1-4)-2-acetamido-2-deoxy-beta-D-glucopyranose-(1-4)-[alpha-L-fucopyranose-(1-6)]2-acetamido-2-deoxy-beta-D-glucopyranose
7 branched 2-acetamido-2-deoxy-beta-D-glucopyranose-(1-4)-2-acetamido-2-deoxy-beta-D-glucopyranose
8 branched alpha-D-mannopyranose-(1-6)-beta-D-mannopyranose-(1-4)-2-acetamido-2-deoxy-beta-D-glucopyranose-(1-4)-[alpha-L-fucopyranose-(1-6)]2-acetamido-2-deoxy-beta-D-glucopyranose
9 non-polymer 2-acetamido-2-deoxy-beta-D-glucopyranose
10 water water
#
loop_
_entity_poly.entity_id
_entity_poly.type
_entity_poly.pdbx_seq_one_letter_code
_entity_poly.pdbx_strand_id
1 'polypeptide(L)'
;QVQLKESGPGLVAPSQSLSITCTVSGFSLTSYDISWIRQPPGKGLEWLGVIWTGGVTNYNSAFLSRLSISKDNSKSQVFL
KMNSLQTDDTAIYYCVREGDWFFDVWGAGTTVTVSSASTKGPSVFPLAPSSKSTSGGTAALGCLVKDYFPEPVTVSWNSG
ALTSGVHTFPAVLQSSGLYSLSSVVTVPSSSLGTQTYICNVNHKPSNTKVDKKVEPKSCDKTHTCPPHHHHHH
;
H,B
2 'polypeptide(L)'
;DVLMTQTPLSLPVSLGDQASISCRSSQSIVHSNGNTYLEWYLQKPGQSPQLLIYKVSNRFSGVPDRFSGSGSGTDFTLKI
NRVEAEDLGLYYCFQASHVPYTFGGGTKLEIKRTVAAPSVFIFPPSDEQLKSGTASVVCLLNNFYPREAKVQWKVDNALQ
SGNSQESVTEQDSKDSTYSLSSTLTLSKADYEKHKLYACEVTHQGLSSPVTKSAAA
;
L
3 'polypeptide(L)'
;NNICLQKTSNQILKPKLISYTLPVVGQSGTCITDPLLAMDEGYFAYSHLERIGSCSRGVSKQRIIGVGEVLDRGDEVPSL
FMTNVWTPPNPNTVYHCSAVYNNEFYYVLCAVSTVGDPILNSTYWSGSLMMTRLAVKPKSNGGGYNQHQLALRSIEKGRY
DKVMPYGPSGIKQGDTLYFPAVGFLVRTEFKYNDSNCPITKCQYSKPENCRLSMGIRPNSHYILRSGLLKYNLSDGENPK
VVFIEISDQRLSIGSPSKIYDSLGQPVFYQASFSWDTMIKFGDVLTVNPLVVNWRNNTVISRPGQSQCPRFNTCPEICWE
GVYNDAFLIDRINWISAGVFLDSNQTAENPVFTVFKDNEILYRAQLASEDTNAQKTITNCFLLKNKIWCISLVEIYDTGD
NVIRPKLFAVKIPEQCTHHHHHH
;
A,D
4 'polypeptide(L)'
;DVLMTQTPLSLPVSLGDQASISCRSSQSIVHSNGNTYLEWYLQKPGQSPQLLIYKVSNRFSGVPDRFSGSGSGTDFTLKI
NRVEAEDLGLYYCFQASHVPYTFGGGTKLEIKRTVAAPSVFIFPPSDEQLKSGTASVVCLLNNFYPREAKVQWKVDNALQ
SGNSQESVTEQDSKDSTYSLSSTLTLSKADYEKHKLYACEVTHQGLSSPVTKSFNRGEC
;
C
#
# COMPACT_ATOMS: atom_id res chain seq x y z
N GLN A 1 35.51 5.37 -3.09
CA GLN A 1 34.63 6.27 -2.29
C GLN A 1 33.51 6.81 -3.18
N VAL A 2 32.61 5.95 -3.65
CA VAL A 2 31.46 6.43 -4.44
C VAL A 2 30.27 6.51 -3.50
N GLN A 3 29.70 7.70 -3.34
CA GLN A 3 28.61 7.89 -2.37
C GLN A 3 27.53 8.83 -2.91
N LEU A 4 26.28 8.61 -2.51
CA LEU A 4 25.20 9.56 -2.86
C LEU A 4 24.66 10.03 -1.51
N LYS A 5 24.57 11.34 -1.31
CA LYS A 5 24.11 11.89 -0.02
C LYS A 5 22.87 12.77 -0.27
N GLU A 6 21.82 12.56 0.50
CA GLU A 6 20.54 13.28 0.26
C GLU A 6 20.30 14.28 1.37
N SER A 7 20.03 15.53 1.01
CA SER A 7 19.69 16.56 2.02
C SER A 7 18.26 16.96 1.78
N GLY A 8 17.44 16.92 2.82
CA GLY A 8 16.01 17.22 2.67
C GLY A 8 15.54 18.13 3.77
N PRO A 9 14.24 18.42 3.87
CA PRO A 9 13.76 19.39 4.86
C PRO A 9 13.33 18.79 6.19
N GLY A 10 13.10 17.48 6.18
CA GLY A 10 12.53 16.79 7.32
C GLY A 10 11.03 16.92 7.30
N LEU A 11 10.57 18.14 7.52
CA LEU A 11 9.16 18.45 7.72
C LEU A 11 8.64 19.29 6.57
N VAL A 12 7.47 18.91 6.04
CA VAL A 12 6.81 19.63 4.94
C VAL A 12 5.33 19.75 5.26
N ALA A 13 4.79 20.95 5.15
CA ALA A 13 3.38 21.06 5.48
C ALA A 13 2.53 20.52 4.33
N PRO A 14 1.32 20.04 4.61
CA PRO A 14 0.46 19.58 3.52
C PRO A 14 0.22 20.71 2.53
N SER A 15 0.20 20.35 1.25
CA SER A 15 -0.02 21.20 0.08
C SER A 15 1.23 22.01 -0.27
N GLN A 16 2.25 22.06 0.56
CA GLN A 16 3.45 22.79 0.19
C GLN A 16 4.41 21.83 -0.49
N SER A 17 5.59 22.32 -0.85
CA SER A 17 6.45 21.56 -1.75
C SER A 17 7.71 21.02 -1.08
N LEU A 18 8.12 19.85 -1.55
CA LEU A 18 9.30 19.14 -1.08
C LEU A 18 10.47 19.37 -2.03
N SER A 19 11.63 19.68 -1.47
CA SER A 19 12.84 19.88 -2.25
C SER A 19 13.98 19.08 -1.62
N ILE A 20 14.59 18.18 -2.39
CA ILE A 20 15.72 17.36 -1.88
C ILE A 20 16.95 17.56 -2.78
N THR A 21 18.12 17.71 -2.18
CA THR A 21 19.38 17.83 -2.97
C THR A 21 20.24 16.60 -2.69
N CYS A 22 20.69 15.93 -3.75
CA CYS A 22 21.59 14.77 -3.60
C CYS A 22 22.96 15.21 -4.07
N THR A 23 23.97 15.06 -3.21
CA THR A 23 25.36 15.41 -3.58
C THR A 23 26.06 14.08 -3.87
N VAL A 24 26.74 14.00 -5.00
CA VAL A 24 27.31 12.71 -5.46
C VAL A 24 28.84 12.78 -5.40
N SER A 25 29.46 11.70 -4.92
CA SER A 25 30.94 11.65 -4.81
C SER A 25 31.52 10.44 -5.52
N GLY A 26 32.66 10.59 -6.18
CA GLY A 26 33.37 9.47 -6.82
C GLY A 26 32.93 9.11 -8.22
N PHE A 27 32.00 9.87 -8.78
CA PHE A 27 31.46 9.54 -10.12
C PHE A 27 30.97 10.82 -10.80
N SER A 28 30.79 10.77 -12.12
CA SER A 28 30.32 11.95 -12.88
C SER A 28 28.85 11.75 -13.25
N LEU A 29 28.05 12.80 -13.07
CA LEU A 29 26.61 12.76 -13.43
C LEU A 29 26.53 12.54 -14.93
N THR A 30 27.46 13.09 -15.69
CA THR A 30 27.53 12.82 -17.14
C THR A 30 27.80 11.32 -17.39
N SER A 31 28.66 10.69 -16.61
CA SER A 31 28.92 9.24 -16.73
C SER A 31 27.72 8.35 -16.38
N TYR A 32 26.96 8.67 -15.34
CA TYR A 32 25.89 7.75 -14.87
C TYR A 32 24.51 8.38 -14.74
N ASP A 33 23.47 7.67 -15.16
CA ASP A 33 22.07 8.11 -14.98
C ASP A 33 21.68 8.01 -13.50
N ILE A 34 20.85 8.91 -13.01
CA ILE A 34 20.47 8.95 -11.56
C ILE A 34 18.96 8.86 -11.43
N SER A 35 18.48 8.07 -10.47
CA SER A 35 17.02 7.83 -10.31
C SER A 35 16.59 8.12 -8.87
N TRP A 36 15.30 8.44 -8.69
CA TRP A 36 14.77 8.72 -7.33
C TRP A 36 13.77 7.64 -6.94
N ILE A 37 13.94 7.05 -5.76
CA ILE A 37 13.05 5.97 -5.26
C ILE A 37 12.61 6.36 -3.83
N ARG A 38 11.37 6.05 -3.48
CA ARG A 38 10.86 6.40 -2.13
C ARG A 38 10.28 5.19 -1.41
N GLN A 39 10.51 5.10 -0.11
CA GLN A 39 9.85 4.04 0.67
C GLN A 39 8.84 4.71 1.59
N PRO A 40 7.54 4.40 1.45
CA PRO A 40 6.54 4.92 2.36
C PRO A 40 6.76 4.22 3.69
N PRO A 41 6.45 4.83 4.85
CA PRO A 41 6.76 4.19 6.11
C PRO A 41 5.97 2.88 6.16
N GLY A 42 6.61 1.81 6.63
CA GLY A 42 5.92 0.50 6.62
C GLY A 42 5.85 -0.08 5.21
N LYS A 43 5.32 0.70 4.27
CA LYS A 43 5.06 0.22 2.88
C LYS A 43 6.33 0.03 2.04
N GLY A 44 6.21 -0.71 0.93
CA GLY A 44 7.31 -1.05 0.01
C GLY A 44 7.83 0.04 -0.92
N LEU A 45 8.98 -0.18 -1.54
CA LEU A 45 9.66 0.80 -2.42
C LEU A 45 8.87 1.17 -3.69
N GLU A 46 8.93 2.45 -4.08
CA GLU A 46 8.27 2.96 -5.32
C GLU A 46 9.27 3.80 -6.11
N TRP A 47 9.19 3.78 -7.44
CA TRP A 47 10.17 4.51 -8.29
C TRP A 47 9.50 5.75 -8.87
N LEU A 48 10.09 6.91 -8.61
CA LEU A 48 9.46 8.16 -9.05
C LEU A 48 10.03 8.69 -10.37
N GLY A 49 11.35 8.75 -10.49
CA GLY A 49 11.92 9.37 -11.70
C GLY A 49 13.37 9.06 -12.00
N VAL A 50 13.81 9.32 -13.23
CA VAL A 50 15.26 9.18 -13.58
C VAL A 50 15.72 10.43 -14.33
N ILE A 51 16.94 10.90 -14.07
CA ILE A 51 17.50 11.98 -14.93
C ILE A 51 18.68 11.33 -15.66
N TRP A 52 18.68 11.41 -16.98
CA TRP A 52 19.76 10.82 -17.80
C TRP A 52 21.00 11.71 -17.80
N THR A 53 22.13 11.17 -18.25
CA THR A 53 23.41 11.91 -18.31
C THR A 53 23.23 13.11 -19.24
N GLY A 54 22.51 12.93 -20.34
CA GLY A 54 22.16 14.00 -21.30
C GLY A 54 21.25 15.04 -20.70
N GLY A 55 20.49 14.68 -19.67
CA GLY A 55 19.48 15.58 -19.10
C GLY A 55 18.08 15.21 -19.55
N VAL A 56 17.93 14.14 -20.32
CA VAL A 56 16.55 13.66 -20.61
C VAL A 56 15.97 13.22 -19.27
N THR A 57 14.70 13.55 -19.03
CA THR A 57 14.08 13.19 -17.72
C THR A 57 12.87 12.29 -17.99
N ASN A 58 12.79 11.17 -17.31
CA ASN A 58 11.66 10.22 -17.45
C ASN A 58 11.05 10.06 -16.06
N TYR A 59 9.73 10.15 -15.94
CA TYR A 59 9.08 10.16 -14.61
C TYR A 59 7.95 9.15 -14.54
N ASN A 60 7.62 8.72 -13.32
CA ASN A 60 6.41 7.87 -13.16
C ASN A 60 5.24 8.75 -13.57
N SER A 61 4.28 8.19 -14.30
CA SER A 61 3.14 8.97 -14.84
C SER A 61 2.36 9.57 -13.68
N ALA A 62 2.23 8.83 -12.58
CA ALA A 62 1.39 9.28 -11.46
C ALA A 62 1.91 10.61 -10.90
N PHE A 63 3.22 10.79 -10.81
CA PHE A 63 3.78 12.01 -10.17
C PHE A 63 4.12 13.06 -11.23
N LEU A 64 3.79 12.85 -12.50
CA LEU A 64 4.29 13.75 -13.57
C LEU A 64 3.80 15.20 -13.38
N SER A 65 2.56 15.38 -12.98
CA SER A 65 2.06 16.74 -12.73
C SER A 65 2.82 17.42 -11.59
N ARG A 66 3.11 16.69 -10.53
CA ARG A 66 3.73 17.31 -9.32
C ARG A 66 5.23 17.10 -9.17
N LEU A 67 5.91 16.39 -10.07
CA LEU A 67 7.34 16.04 -9.81
C LEU A 67 8.33 16.59 -10.85
N SER A 68 9.39 17.24 -10.39
CA SER A 68 10.47 17.73 -11.29
C SER A 68 11.83 17.19 -10.83
N ILE A 69 12.65 16.69 -11.75
CA ILE A 69 14.03 16.25 -11.39
C ILE A 69 15.05 17.09 -12.19
N SER A 70 16.06 17.64 -11.50
CA SER A 70 17.09 18.51 -12.14
C SER A 70 18.48 18.18 -11.58
N LYS A 71 19.53 18.55 -12.31
CA LYS A 71 20.92 18.24 -11.87
C LYS A 71 21.88 19.41 -12.08
N ASP A 72 22.91 19.55 -11.26
CA ASP A 72 24.01 20.50 -11.57
C ASP A 72 25.25 19.62 -11.76
N ASN A 73 25.75 19.51 -12.98
CA ASN A 73 26.94 18.66 -13.27
C ASN A 73 28.17 19.22 -12.57
N SER A 74 28.32 20.54 -12.60
CA SER A 74 29.51 21.20 -12.03
C SER A 74 29.62 20.99 -10.52
N LYS A 75 28.49 21.07 -9.80
CA LYS A 75 28.51 20.94 -8.33
C LYS A 75 28.20 19.50 -7.93
N SER A 76 28.04 18.61 -8.90
CA SER A 76 27.80 17.17 -8.63
C SER A 76 26.55 17.01 -7.77
N GLN A 77 25.51 17.79 -8.06
CA GLN A 77 24.25 17.75 -7.27
C GLN A 77 23.05 17.38 -8.15
N VAL A 78 22.19 16.48 -7.67
CA VAL A 78 20.94 16.11 -8.38
C VAL A 78 19.78 16.58 -7.49
N PHE A 79 18.78 17.23 -8.08
CA PHE A 79 17.69 17.84 -7.28
C PHE A 79 16.33 17.24 -7.59
N LEU A 80 15.56 16.90 -6.55
CA LEU A 80 14.16 16.42 -6.76
C LEU A 80 13.21 17.46 -6.17
N LYS A 81 12.23 17.91 -6.94
CA LYS A 81 11.20 18.83 -6.40
C LYS A 81 9.81 18.23 -6.58
N MET A 82 9.00 18.26 -5.52
CA MET A 82 7.62 17.72 -5.59
C MET A 82 6.66 18.76 -5.03
N ASN A 83 5.41 18.75 -5.47
CA ASN A 83 4.44 19.82 -5.13
C ASN A 83 3.15 19.23 -4.61
N SER A 84 2.35 20.04 -3.92
CA SER A 84 1.03 19.57 -3.46
C SER A 84 1.20 18.34 -2.56
N LEU A 85 2.19 18.39 -1.69
CA LEU A 85 2.51 17.23 -0.81
C LEU A 85 1.37 16.91 0.16
N GLN A 86 1.19 15.63 0.46
CA GLN A 86 0.11 15.13 1.33
C GLN A 86 0.68 14.02 2.22
N THR A 87 -0.06 13.53 3.20
CA THR A 87 0.47 12.56 4.20
C THR A 87 0.95 11.30 3.47
N ASP A 88 0.28 10.91 2.40
CA ASP A 88 0.63 9.70 1.63
C ASP A 88 2.06 9.91 1.14
N ASP A 89 2.41 11.14 0.79
CA ASP A 89 3.77 11.50 0.32
C ASP A 89 4.81 11.26 1.43
N THR A 90 4.45 11.26 2.71
CA THR A 90 5.51 11.11 3.71
C THR A 90 6.22 9.77 3.47
N ALA A 91 7.55 9.82 3.35
CA ALA A 91 8.32 8.61 3.01
C ALA A 91 9.82 8.84 3.23
N ILE A 92 10.62 7.79 3.22
CA ILE A 92 12.09 7.96 3.17
C ILE A 92 12.39 8.13 1.68
N TYR A 93 13.18 9.13 1.31
CA TYR A 93 13.41 9.39 -0.12
C TYR A 93 14.86 9.04 -0.47
N TYR A 94 15.04 8.27 -1.54
CA TYR A 94 16.38 7.74 -1.87
C TYR A 94 16.89 8.26 -3.22
N CYS A 95 18.16 8.68 -3.25
CA CYS A 95 18.82 9.10 -4.50
C CYS A 95 19.65 7.88 -4.89
N VAL A 96 19.40 7.32 -6.07
CA VAL A 96 20.08 6.05 -6.46
C VAL A 96 20.87 6.25 -7.76
N ARG A 97 21.92 5.43 -7.94
CA ARG A 97 22.75 5.49 -9.16
C ARG A 97 22.43 4.25 -9.98
N GLU A 98 22.33 4.42 -11.29
CA GLU A 98 21.89 3.30 -12.15
C GLU A 98 22.98 2.84 -13.09
N GLY A 99 23.21 1.54 -13.20
CA GLY A 99 24.05 1.02 -14.29
C GLY A 99 23.22 0.02 -15.05
N ASP A 100 23.03 0.17 -16.35
CA ASP A 100 22.28 -0.83 -17.17
C ASP A 100 20.91 -1.15 -16.55
N TRP A 101 20.15 -0.12 -16.19
CA TRP A 101 18.76 -0.32 -15.70
C TRP A 101 18.74 -1.12 -14.40
N PHE A 102 19.77 -1.00 -13.58
CA PHE A 102 19.79 -1.63 -12.24
C PHE A 102 20.36 -0.59 -11.28
N PHE A 103 20.02 -0.66 -10.00
CA PHE A 103 20.54 0.39 -9.09
C PHE A 103 21.78 -0.13 -8.38
N ASP A 104 22.97 0.24 -8.87
CA ASP A 104 24.27 -0.18 -8.26
C ASP A 104 24.52 0.42 -6.88
N VAL A 105 24.21 1.71 -6.70
CA VAL A 105 24.56 2.39 -5.42
C VAL A 105 23.37 3.19 -4.92
N TRP A 106 23.20 3.26 -3.61
CA TRP A 106 22.00 3.92 -3.05
C TRP A 106 22.39 4.94 -1.98
N GLY A 107 21.79 6.12 -2.00
CA GLY A 107 21.96 7.05 -0.90
C GLY A 107 21.42 6.46 0.39
N ALA A 108 21.74 7.12 1.50
CA ALA A 108 21.20 6.66 2.78
C ALA A 108 19.72 6.95 2.92
N GLY A 109 19.19 7.85 2.09
CA GLY A 109 17.80 8.22 2.24
C GLY A 109 17.67 9.43 3.14
N THR A 110 16.66 10.22 2.85
CA THR A 110 16.28 11.31 3.74
C THR A 110 14.82 11.12 4.16
N THR A 111 14.53 11.36 5.42
CA THR A 111 13.17 11.12 5.89
C THR A 111 12.33 12.39 5.74
N VAL A 112 11.21 12.27 5.04
CA VAL A 112 10.34 13.41 4.81
C VAL A 112 9.00 13.08 5.42
N THR A 113 8.54 13.94 6.33
CA THR A 113 7.26 13.80 6.99
C THR A 113 6.37 14.97 6.61
N VAL A 114 5.15 14.66 6.16
CA VAL A 114 4.20 15.69 5.78
C VAL A 114 3.28 15.97 6.97
N SER A 115 3.31 17.18 7.48
CA SER A 115 2.59 17.45 8.72
C SER A 115 2.54 18.95 8.93
N SER A 116 1.46 19.41 9.58
CA SER A 116 1.34 20.81 9.94
C SER A 116 1.95 21.12 11.30
N ALA A 117 2.44 20.12 12.02
CA ALA A 117 3.06 20.28 13.33
C ALA A 117 4.38 21.06 13.19
N SER A 118 4.91 21.47 14.33
CA SER A 118 6.19 22.17 14.34
C SER A 118 7.32 21.17 14.64
N THR A 119 8.51 21.47 14.13
CA THR A 119 9.63 20.63 14.49
C THR A 119 9.96 20.89 15.94
N LYS A 120 10.45 19.87 16.64
CA LYS A 120 10.68 19.98 18.07
C LYS A 120 11.80 19.05 18.47
N GLY A 121 12.81 19.58 19.15
CA GLY A 121 13.95 18.81 19.58
C GLY A 121 13.61 17.91 20.74
N PRO A 122 14.42 16.86 20.93
CA PRO A 122 14.12 15.83 21.91
C PRO A 122 14.61 16.18 23.30
N SER A 123 14.09 15.45 24.27
CA SER A 123 14.50 15.61 25.63
C SER A 123 15.04 14.24 25.96
N VAL A 124 16.27 14.15 26.44
CA VAL A 124 16.89 12.85 26.69
C VAL A 124 17.01 12.60 28.16
N PHE A 125 16.54 11.46 28.61
CA PHE A 125 16.53 11.16 30.02
C PHE A 125 17.22 9.84 30.26
N PRO A 126 17.98 9.76 31.33
CA PRO A 126 18.72 8.54 31.62
C PRO A 126 17.93 7.36 32.05
N LEU A 127 18.27 6.20 31.55
CA LEU A 127 17.63 5.01 32.03
C LEU A 127 18.71 4.43 32.89
N ALA A 128 18.61 4.62 34.19
CA ALA A 128 19.64 4.20 35.11
C ALA A 128 19.87 2.75 35.41
N PRO A 129 21.13 2.37 35.46
CA PRO A 129 21.42 0.99 35.85
C PRO A 129 21.11 0.79 37.31
N SER A 130 20.69 -0.41 37.67
CA SER A 130 20.28 -0.66 39.04
C SER A 130 20.41 -2.13 39.25
N SER A 131 20.18 -2.59 40.47
CA SER A 131 20.18 -4.02 40.74
C SER A 131 19.06 -4.60 39.93
N LYS A 132 17.96 -3.86 39.82
CA LYS A 132 16.82 -4.27 39.01
C LYS A 132 17.16 -4.36 37.53
N SER A 133 18.17 -3.62 37.09
CA SER A 133 18.61 -3.66 35.72
C SER A 133 19.84 -4.53 35.56
N THR A 134 20.15 -5.34 36.55
CA THR A 134 21.32 -6.18 36.45
C THR A 134 20.98 -7.64 36.52
N SER A 135 21.46 -8.42 35.54
CA SER A 135 21.29 -9.86 35.61
C SER A 135 22.68 -10.42 35.58
N GLY A 136 23.07 -11.12 36.63
CA GLY A 136 24.41 -11.66 36.71
C GLY A 136 25.46 -10.58 36.63
N GLY A 137 26.41 -10.76 35.73
CA GLY A 137 27.42 -9.74 35.53
C GLY A 137 27.09 -8.76 34.45
N THR A 138 25.97 -8.95 33.77
CA THR A 138 25.56 -8.05 32.71
C THR A 138 24.54 -7.06 33.20
N ALA A 139 24.73 -5.82 32.83
CA ALA A 139 23.83 -4.78 33.28
C ALA A 139 23.34 -4.03 32.10
N ALA A 140 22.15 -3.45 32.25
CA ALA A 140 21.55 -2.68 31.16
C ALA A 140 21.49 -1.21 31.55
N LEU A 141 21.93 -0.34 30.66
CA LEU A 141 21.86 1.12 30.89
C LEU A 141 21.31 1.72 29.60
N GLY A 142 20.59 2.81 29.69
CA GLY A 142 19.92 3.33 28.49
C GLY A 142 19.56 4.79 28.57
N CYS A 143 19.17 5.38 27.45
CA CYS A 143 18.63 6.75 27.49
C CYS A 143 17.25 6.75 26.81
N LEU A 144 16.34 7.58 27.30
CA LEU A 144 15.02 7.70 26.63
C LEU A 144 15.03 9.01 25.86
N VAL A 145 14.76 8.95 24.56
CA VAL A 145 14.69 10.18 23.73
C VAL A 145 13.20 10.41 23.52
N LYS A 146 12.72 11.59 23.90
CA LYS A 146 11.26 11.82 23.92
C LYS A 146 10.91 13.21 23.39
N ASP A 147 9.67 13.38 22.95
CA ASP A 147 9.15 14.70 22.51
C ASP A 147 9.86 15.32 21.31
N TYR A 148 10.29 14.52 20.33
CA TYR A 148 10.81 15.14 19.08
C TYR A 148 9.79 14.84 17.96
N PHE A 149 9.15 15.84 17.36
CA PHE A 149 8.21 15.49 16.25
C PHE A 149 8.83 14.96 14.95
N PRO A 150 9.91 15.54 14.38
CA PRO A 150 10.38 15.03 13.09
C PRO A 150 10.97 13.65 13.38
N GLU A 151 10.71 12.65 12.54
CA GLU A 151 11.06 11.24 12.86
C GLU A 151 12.53 10.87 13.03
N PRO A 152 13.50 11.35 12.22
CA PRO A 152 14.83 10.77 12.37
C PRO A 152 15.67 11.29 13.54
N VAL A 153 16.09 10.37 14.42
CA VAL A 153 17.03 10.71 15.52
C VAL A 153 18.09 9.61 15.54
N THR A 154 19.34 9.97 15.81
CA THR A 154 20.44 8.99 15.85
C THR A 154 21.04 9.02 17.25
N VAL A 155 21.23 7.84 17.86
CA VAL A 155 21.74 7.80 19.25
C VAL A 155 23.10 7.11 19.25
N SER A 156 24.07 7.71 19.94
CA SER A 156 25.44 7.14 19.99
C SER A 156 25.87 7.03 21.45
N TRP A 157 26.73 6.06 21.73
CA TRP A 157 27.22 5.86 23.12
C TRP A 157 28.71 6.17 23.17
N ASN A 158 29.11 7.01 24.12
CA ASN A 158 30.55 7.36 24.31
C ASN A 158 31.11 7.96 23.01
N SER A 159 30.31 8.78 22.33
CA SER A 159 30.76 9.46 21.09
C SER A 159 31.15 8.41 20.04
N GLY A 160 30.42 7.29 20.00
CA GLY A 160 30.65 6.24 19.00
C GLY A 160 31.75 5.31 19.45
N ALA A 161 32.34 5.59 20.62
CA ALA A 161 33.36 4.68 21.16
C ALA A 161 32.71 3.34 21.47
N LEU A 162 31.49 3.37 22.04
CA LEU A 162 30.87 2.08 22.43
C LEU A 162 29.74 1.78 21.44
N THR A 163 29.89 0.70 20.68
CA THR A 163 28.81 0.28 19.76
C THR A 163 28.35 -1.11 20.19
N SER A 164 29.09 -1.72 21.12
CA SER A 164 28.80 -3.12 21.52
C SER A 164 27.50 -3.24 22.32
N GLY A 165 26.72 -4.27 22.06
CA GLY A 165 25.50 -4.52 22.87
C GLY A 165 24.53 -3.36 22.87
N VAL A 166 24.35 -2.68 21.74
CA VAL A 166 23.48 -1.49 21.74
C VAL A 166 22.23 -1.80 20.92
N HIS A 167 21.05 -1.58 21.51
CA HIS A 167 19.80 -1.72 20.73
C HIS A 167 19.09 -0.38 20.78
N THR A 168 18.72 0.18 19.64
CA THR A 168 17.90 1.41 19.67
C THR A 168 16.53 0.98 19.16
N PHE A 169 15.51 1.17 19.98
CA PHE A 169 14.16 0.69 19.62
C PHE A 169 13.53 1.56 18.55
N PRO A 170 12.63 0.99 17.71
CA PRO A 170 11.91 1.80 16.76
C PRO A 170 11.06 2.80 17.53
N ALA A 171 10.99 4.03 17.04
CA ALA A 171 10.21 5.11 17.71
C ALA A 171 8.71 4.90 17.59
N VAL A 172 7.96 5.32 18.61
CA VAL A 172 6.48 5.24 18.59
C VAL A 172 5.91 6.65 18.69
N LEU A 173 5.01 7.05 17.78
CA LEU A 173 4.36 8.36 17.95
C LEU A 173 3.41 8.27 19.13
N GLN A 174 3.45 9.28 19.99
CA GLN A 174 2.61 9.33 21.20
C GLN A 174 1.30 10.07 20.94
N SER A 175 0.43 10.13 21.94
CA SER A 175 -0.85 10.88 21.85
C SER A 175 -0.46 12.33 21.61
N SER A 176 0.67 12.75 22.15
CA SER A 176 1.19 14.12 22.01
C SER A 176 1.43 14.44 20.53
N GLY A 177 1.84 13.47 19.73
CA GLY A 177 2.23 13.78 18.34
C GLY A 177 3.72 13.98 18.29
N LEU A 178 4.38 13.69 19.41
CA LEU A 178 5.86 13.77 19.48
C LEU A 178 6.38 12.34 19.67
N TYR A 179 7.37 11.93 18.88
CA TYR A 179 7.94 10.55 18.93
C TYR A 179 8.76 10.28 20.20
N SER A 180 8.75 9.05 20.70
CA SER A 180 9.61 8.66 21.85
C SER A 180 10.35 7.35 21.54
N LEU A 181 11.62 7.24 21.92
CA LEU A 181 12.37 5.96 21.75
C LEU A 181 13.31 5.74 22.94
N SER A 182 13.68 4.48 23.17
CA SER A 182 14.70 4.16 24.21
C SER A 182 15.88 3.46 23.55
N SER A 183 17.10 3.88 23.85
CA SER A 183 18.30 3.16 23.33
C SER A 183 18.97 2.48 24.53
N VAL A 184 19.21 1.18 24.43
CA VAL A 184 19.73 0.41 25.59
C VAL A 184 21.05 -0.25 25.23
N VAL A 185 22.05 -0.16 26.11
CA VAL A 185 23.33 -0.89 25.89
C VAL A 185 23.60 -1.85 27.05
N THR A 186 23.93 -3.11 26.75
CA THR A 186 24.33 -4.06 27.82
C THR A 186 25.80 -3.80 28.17
N VAL A 187 26.12 -3.68 29.46
CA VAL A 187 27.50 -3.34 29.92
C VAL A 187 27.86 -4.21 31.13
N PRO A 188 29.15 -4.44 31.43
CA PRO A 188 29.51 -5.19 32.62
C PRO A 188 29.12 -4.49 33.92
N SER A 189 28.62 -5.24 34.90
CA SER A 189 28.18 -4.70 36.20
C SER A 189 29.36 -4.08 36.94
N SER A 190 30.52 -4.71 36.83
CA SER A 190 31.76 -4.25 37.50
C SER A 190 32.11 -2.85 37.00
N SER A 191 31.89 -2.59 35.71
CA SER A 191 32.22 -1.30 35.07
C SER A 191 31.45 -0.16 35.72
N LEU A 192 30.22 -0.40 36.12
CA LEU A 192 29.37 0.74 36.56
C LEU A 192 29.96 1.49 37.75
N GLY A 193 29.95 2.82 37.68
CA GLY A 193 30.43 3.71 38.76
C GLY A 193 31.91 3.99 38.65
N THR A 194 32.62 3.28 37.79
CA THR A 194 34.05 3.58 37.55
C THR A 194 34.19 4.00 36.09
N GLN A 195 33.18 3.67 35.29
CA GLN A 195 33.21 3.96 33.83
C GLN A 195 32.03 4.89 33.54
N THR A 196 32.28 5.96 32.79
CA THR A 196 31.21 6.94 32.55
C THR A 196 30.55 6.60 31.22
N TYR A 197 29.22 6.50 31.21
CA TYR A 197 28.52 6.28 29.93
C TYR A 197 27.70 7.53 29.61
N ILE A 198 27.93 8.10 28.43
CA ILE A 198 27.14 9.29 28.01
C ILE A 198 26.45 9.00 26.68
N CYS A 199 25.13 9.20 26.61
CA CYS A 199 24.42 9.09 25.31
C CYS A 199 24.73 10.30 24.45
N ASN A 200 24.87 10.10 23.16
CA ASN A 200 24.98 11.29 22.28
C ASN A 200 23.79 11.17 21.34
N VAL A 201 22.93 12.19 21.28
CA VAL A 201 21.70 12.08 20.46
C VAL A 201 21.71 13.19 19.41
N ASN A 202 21.49 12.84 18.15
CA ASN A 202 21.39 13.90 17.12
C ASN A 202 20.00 13.92 16.51
N HIS A 203 19.34 15.08 16.52
CA HIS A 203 18.02 15.24 15.86
C HIS A 203 18.25 16.32 14.82
N LYS A 204 18.71 15.90 13.65
CA LYS A 204 19.07 16.89 12.65
C LYS A 204 17.98 17.93 12.38
N PRO A 205 16.70 17.57 12.27
CA PRO A 205 15.70 18.58 11.93
C PRO A 205 15.62 19.77 12.90
N SER A 206 16.01 19.60 14.17
CA SER A 206 15.97 20.71 15.12
C SER A 206 17.35 21.22 15.44
N ASN A 207 18.34 20.80 14.64
CA ASN A 207 19.76 20.98 14.91
C ASN A 207 20.09 20.77 16.38
N THR A 208 19.65 19.61 16.91
CA THR A 208 19.96 19.20 18.26
C THR A 208 21.03 18.11 18.32
N LYS A 209 22.08 18.37 19.11
CA LYS A 209 23.03 17.34 19.49
C LYS A 209 23.18 17.47 21.00
N VAL A 210 22.87 16.39 21.74
CA VAL A 210 22.93 16.44 23.20
C VAL A 210 23.61 15.22 23.77
N ASP A 211 24.32 15.44 24.88
CA ASP A 211 24.96 14.40 25.68
C ASP A 211 24.28 14.25 27.03
N LYS A 212 23.86 13.03 27.36
CA LYS A 212 23.32 12.74 28.68
C LYS A 212 24.14 11.64 29.34
N LYS A 213 24.74 11.96 30.49
CA LYS A 213 25.49 10.96 31.23
C LYS A 213 24.56 10.04 32.00
N VAL A 214 24.84 8.73 31.98
CA VAL A 214 24.00 7.72 32.61
C VAL A 214 24.72 7.08 33.79
N GLU A 215 24.14 7.24 34.98
CA GLU A 215 24.71 6.79 36.23
C GLU A 215 23.75 5.85 36.95
N PRO A 216 24.25 5.04 37.89
CA PRO A 216 23.35 4.14 38.64
C PRO A 216 22.77 4.73 39.93
N ASP B 1 2.39 0.18 -13.88
CA ASP B 1 1.39 -0.37 -14.80
C ASP B 1 1.69 -1.84 -15.18
N VAL B 2 2.94 -2.28 -15.08
CA VAL B 2 3.28 -3.70 -14.98
C VAL B 2 3.40 -4.00 -13.49
N LEU B 3 2.60 -4.93 -12.99
CA LEU B 3 2.53 -5.17 -11.55
C LEU B 3 3.36 -6.39 -11.17
N MET B 4 4.04 -6.27 -10.04
CA MET B 4 4.92 -7.36 -9.58
C MET B 4 4.34 -7.92 -8.28
N THR B 5 4.07 -9.21 -8.24
CA THR B 5 3.46 -9.83 -7.04
C THR B 5 4.47 -10.80 -6.42
N GLN B 6 4.77 -10.64 -5.13
CA GLN B 6 5.71 -11.55 -4.44
C GLN B 6 4.87 -12.48 -3.58
N THR B 7 4.95 -13.79 -3.83
CA THR B 7 4.02 -14.76 -3.19
C THR B 7 4.15 -14.87 -1.68
N PRO B 8 5.34 -14.90 -1.03
CA PRO B 8 5.33 -15.06 0.40
C PRO B 8 5.57 -13.69 1.05
N LEU B 9 4.57 -13.18 1.76
CA LEU B 9 4.77 -11.92 2.51
C LEU B 9 5.81 -12.17 3.59
N SER B 10 5.71 -13.31 4.26
CA SER B 10 6.69 -13.68 5.31
C SER B 10 7.26 -15.06 5.03
N LEU B 11 8.58 -15.20 5.04
CA LEU B 11 9.16 -16.57 4.93
C LEU B 11 9.99 -16.83 6.17
N PRO B 12 9.71 -17.91 6.92
CA PRO B 12 10.54 -18.27 8.05
C PRO B 12 11.42 -19.44 7.61
N VAL B 13 12.70 -19.43 7.97
CA VAL B 13 13.60 -20.48 7.47
C VAL B 13 14.70 -20.68 8.48
N SER B 14 15.10 -21.94 8.65
CA SER B 14 16.19 -22.32 9.53
C SER B 14 17.54 -22.10 8.86
N LEU B 15 18.58 -22.03 9.68
CA LEU B 15 19.90 -21.84 9.13
C LEU B 15 20.32 -23.07 8.33
N GLY B 16 20.95 -22.83 7.19
CA GLY B 16 21.34 -23.92 6.33
C GLY B 16 20.23 -24.47 5.47
N ASP B 17 18.99 -24.03 5.69
CA ASP B 17 17.90 -24.46 4.83
C ASP B 17 17.79 -23.54 3.63
N GLN B 18 16.87 -23.87 2.75
CA GLN B 18 16.76 -23.23 1.45
C GLN B 18 15.50 -22.38 1.48
N ALA B 19 15.63 -21.08 1.20
CA ALA B 19 14.49 -20.18 1.13
C ALA B 19 14.19 -19.89 -0.33
N SER B 20 12.91 -19.87 -0.68
CA SER B 20 12.46 -19.74 -2.08
C SER B 20 11.37 -18.66 -2.17
N ILE B 21 11.68 -17.52 -2.81
CA ILE B 21 10.74 -16.40 -2.98
C ILE B 21 10.26 -16.33 -4.42
N SER B 22 8.98 -16.02 -4.60
CA SER B 22 8.35 -15.96 -5.92
C SER B 22 7.97 -14.54 -6.31
N CYS B 23 8.00 -14.28 -7.62
CA CYS B 23 7.65 -12.99 -8.16
C CYS B 23 6.95 -13.20 -9.49
N ARG B 24 5.73 -12.70 -9.61
CA ARG B 24 4.98 -12.79 -10.86
C ARG B 24 4.76 -11.42 -11.46
N SER B 25 5.02 -11.25 -12.75
CA SER B 25 4.72 -9.99 -13.40
C SER B 25 3.41 -10.08 -14.16
N SER B 26 2.63 -9.01 -14.12
CA SER B 26 1.32 -9.05 -14.74
C SER B 26 1.40 -9.07 -16.27
N GLN B 27 2.58 -8.88 -16.85
CA GLN B 27 2.75 -8.93 -18.29
C GLN B 27 4.11 -9.52 -18.60
N SER B 28 4.29 -9.89 -19.85
CA SER B 28 5.63 -10.23 -20.29
C SER B 28 6.58 -9.07 -20.01
N ILE B 29 7.78 -9.44 -19.59
CA ILE B 29 8.85 -8.60 -19.08
C ILE B 29 10.08 -8.74 -19.98
N VAL B 30 9.91 -9.33 -21.16
CA VAL B 30 10.98 -9.44 -22.15
C VAL B 30 11.04 -8.15 -22.96
N HIS B 31 12.23 -7.58 -23.07
CA HIS B 31 12.37 -6.30 -23.83
C HIS B 31 12.56 -6.61 -25.31
N SER B 32 12.49 -5.58 -26.15
CA SER B 32 12.72 -5.73 -27.61
C SER B 32 14.15 -6.21 -27.79
N ASN B 33 15.05 -5.74 -26.93
CA ASN B 33 16.50 -6.13 -26.95
C ASN B 33 16.56 -7.63 -26.69
N GLY B 34 15.53 -8.21 -26.08
CA GLY B 34 15.49 -9.65 -25.80
C GLY B 34 16.03 -10.00 -24.44
N ASN B 35 16.32 -8.98 -23.64
CA ASN B 35 16.80 -9.20 -22.27
C ASN B 35 15.63 -8.95 -21.32
N THR B 36 15.45 -9.83 -20.34
CA THR B 36 14.39 -9.61 -19.32
C THR B 36 15.06 -8.92 -18.14
N TYR B 37 14.70 -7.67 -17.91
CA TYR B 37 15.34 -6.88 -16.83
C TYR B 37 14.60 -7.12 -15.53
N LEU B 38 14.79 -8.30 -14.95
CA LEU B 38 14.18 -8.58 -13.63
C LEU B 38 15.32 -8.60 -12.63
N GLU B 39 15.16 -7.86 -11.54
CA GLU B 39 16.24 -7.72 -10.56
C GLU B 39 15.69 -8.02 -9.17
N TRP B 40 16.54 -8.55 -8.29
CA TRP B 40 16.15 -8.85 -6.90
C TRP B 40 17.02 -8.01 -5.97
N TYR B 41 16.40 -7.34 -5.01
CA TYR B 41 17.15 -6.48 -4.06
C TYR B 41 16.89 -6.92 -2.62
N LEU B 42 17.90 -6.82 -1.76
CA LEU B 42 17.73 -7.09 -0.33
C LEU B 42 17.87 -5.80 0.46
N GLN B 43 17.02 -5.62 1.48
CA GLN B 43 17.13 -4.53 2.44
C GLN B 43 17.32 -5.16 3.83
N LYS B 44 18.56 -5.17 4.31
CA LYS B 44 18.80 -5.59 5.67
C LYS B 44 18.33 -4.49 6.62
N PRO B 45 17.94 -4.85 7.84
CA PRO B 45 17.47 -3.85 8.81
C PRO B 45 18.42 -2.67 8.95
N GLY B 46 17.88 -1.47 8.78
CA GLY B 46 18.65 -0.27 8.98
C GLY B 46 19.42 0.19 7.77
N GLN B 47 19.31 -0.47 6.64
CA GLN B 47 20.13 -0.12 5.50
C GLN B 47 19.26 0.21 4.30
N SER B 48 19.89 0.84 3.31
CA SER B 48 19.24 1.01 2.02
C SER B 48 19.21 -0.32 1.28
N PRO B 49 18.25 -0.51 0.37
CA PRO B 49 18.24 -1.71 -0.45
C PRO B 49 19.55 -1.87 -1.19
N GLN B 50 19.89 -3.13 -1.52
CA GLN B 50 21.11 -3.41 -2.26
C GLN B 50 20.83 -4.48 -3.31
N LEU B 51 21.51 -4.36 -4.45
CA LEU B 51 21.26 -5.21 -5.61
C LEU B 51 21.81 -6.61 -5.40
N LEU B 52 21.00 -7.63 -5.69
CA LEU B 52 21.46 -9.01 -5.62
C LEU B 52 21.55 -9.65 -7.00
N ILE B 53 20.47 -9.56 -7.77
CA ILE B 53 20.36 -10.26 -9.05
C ILE B 53 19.85 -9.27 -10.08
N TYR B 54 20.44 -9.29 -11.28
CA TYR B 54 19.88 -8.53 -12.39
C TYR B 54 19.80 -9.45 -13.61
N LYS B 55 18.97 -9.05 -14.58
CA LYS B 55 18.70 -9.84 -15.78
C LYS B 55 18.36 -11.27 -15.37
N VAL B 56 17.44 -11.39 -14.41
CA VAL B 56 16.84 -12.64 -13.94
C VAL B 56 17.80 -13.51 -13.11
N SER B 57 18.99 -13.84 -13.67
CA SER B 57 19.87 -14.77 -12.99
C SER B 57 21.29 -14.29 -12.75
N ASN B 58 21.65 -13.07 -13.14
CA ASN B 58 23.03 -12.62 -12.94
C ASN B 58 23.26 -12.11 -11.51
N ARG B 59 24.27 -12.66 -10.83
CA ARG B 59 24.62 -12.18 -9.51
C ARG B 59 25.42 -10.87 -9.61
N PHE B 60 24.94 -9.82 -8.93
CA PHE B 60 25.67 -8.57 -8.90
C PHE B 60 27.00 -8.77 -8.18
N SER B 61 27.95 -7.91 -8.49
CA SER B 61 29.31 -8.12 -8.02
C SER B 61 29.35 -8.13 -6.50
N GLY B 62 29.95 -9.18 -5.93
CA GLY B 62 30.02 -9.34 -4.49
C GLY B 62 29.00 -10.27 -3.88
N VAL B 63 27.88 -10.52 -4.57
CA VAL B 63 26.83 -11.39 -4.02
C VAL B 63 27.31 -12.84 -4.00
N PRO B 64 27.21 -13.53 -2.85
CA PRO B 64 27.65 -14.93 -2.77
C PRO B 64 26.85 -15.84 -3.69
N ASP B 65 27.44 -16.99 -4.00
CA ASP B 65 26.87 -17.87 -5.01
C ASP B 65 25.65 -18.64 -4.50
N ARG B 66 25.43 -18.69 -3.19
CA ARG B 66 24.23 -19.35 -2.70
C ARG B 66 22.95 -18.57 -3.04
N PHE B 67 23.06 -17.31 -3.48
CA PHE B 67 21.90 -16.58 -4.01
C PHE B 67 21.75 -16.89 -5.48
N SER B 68 20.50 -17.09 -5.91
CA SER B 68 20.27 -17.69 -7.22
C SER B 68 18.94 -17.21 -7.77
N GLY B 69 18.96 -16.63 -8.96
CA GLY B 69 17.74 -16.19 -9.62
C GLY B 69 17.41 -17.05 -10.82
N SER B 70 16.14 -17.38 -10.98
CA SER B 70 15.65 -18.10 -12.14
C SER B 70 14.31 -17.50 -12.53
N GLY B 71 13.81 -17.91 -13.67
CA GLY B 71 12.53 -17.42 -14.10
C GLY B 71 12.35 -17.60 -15.58
N SER B 72 11.10 -17.41 -15.99
CA SER B 72 10.70 -17.59 -17.39
C SER B 72 9.41 -16.80 -17.60
N GLY B 73 9.45 -15.89 -18.56
CA GLY B 73 8.25 -15.21 -18.99
C GLY B 73 7.75 -14.19 -18.01
N THR B 74 6.95 -14.66 -17.04
CA THR B 74 6.40 -13.85 -15.97
C THR B 74 6.58 -14.48 -14.60
N ASP B 75 7.19 -15.66 -14.49
CA ASP B 75 7.43 -16.32 -13.20
C ASP B 75 8.90 -16.28 -12.87
N PHE B 76 9.25 -15.62 -11.77
CA PHE B 76 10.63 -15.57 -11.34
C PHE B 76 10.69 -16.05 -9.90
N THR B 77 11.76 -16.76 -9.56
CA THR B 77 12.01 -17.09 -8.17
C THR B 77 13.48 -16.84 -7.86
N LEU B 78 13.72 -16.38 -6.63
CA LEU B 78 15.03 -16.28 -6.02
C LEU B 78 15.15 -17.39 -4.98
N LYS B 79 16.25 -18.11 -4.99
CA LYS B 79 16.54 -19.15 -4.02
C LYS B 79 17.80 -18.77 -3.25
N ILE B 80 17.72 -18.91 -1.92
CA ILE B 80 18.83 -18.75 -1.00
C ILE B 80 19.07 -20.11 -0.36
N ASN B 81 20.01 -20.89 -0.87
CA ASN B 81 20.28 -22.13 -0.13
C ASN B 81 21.38 -21.92 0.91
N ARG B 82 21.35 -22.77 1.95
CA ARG B 82 22.22 -22.60 3.12
C ARG B 82 22.07 -21.19 3.71
N VAL B 83 20.82 -20.81 3.96
CA VAL B 83 20.52 -19.49 4.48
C VAL B 83 21.39 -19.20 5.69
N GLU B 84 22.05 -18.04 5.68
CA GLU B 84 22.82 -17.55 6.81
C GLU B 84 22.05 -16.44 7.53
N ALA B 85 22.43 -16.19 8.79
CA ALA B 85 21.71 -15.24 9.61
C ALA B 85 21.75 -13.84 9.03
N GLU B 86 22.86 -13.47 8.37
CA GLU B 86 23.02 -12.13 7.85
C GLU B 86 22.15 -11.89 6.62
N ASP B 87 21.48 -12.94 6.13
CA ASP B 87 20.50 -12.85 5.05
C ASP B 87 19.15 -12.28 5.46
N LEU B 88 18.87 -12.13 6.76
CA LEU B 88 17.52 -11.69 7.13
C LEU B 88 17.26 -10.27 6.64
N GLY B 89 16.04 -10.02 6.19
CA GLY B 89 15.70 -8.69 5.72
C GLY B 89 14.47 -8.74 4.82
N LEU B 90 14.35 -7.69 4.02
CA LEU B 90 13.25 -7.57 3.06
C LEU B 90 13.77 -7.77 1.64
N TYR B 91 13.12 -8.66 0.90
CA TYR B 91 13.52 -8.98 -0.45
C TYR B 91 12.47 -8.41 -1.39
N TYR B 92 12.91 -7.71 -2.43
CA TYR B 92 12.03 -7.11 -3.44
C TYR B 92 12.44 -7.58 -4.83
N CYS B 93 11.46 -8.01 -5.62
CA CYS B 93 11.75 -8.12 -7.05
C CYS B 93 11.40 -6.80 -7.73
N PHE B 94 11.92 -6.65 -8.94
CA PHE B 94 11.87 -5.36 -9.60
C PHE B 94 12.00 -5.59 -11.11
N GLN B 95 11.25 -4.84 -11.89
CA GLN B 95 11.35 -4.95 -13.34
C GLN B 95 11.66 -3.55 -13.88
N ALA B 96 12.60 -3.51 -14.82
CA ALA B 96 12.94 -2.31 -15.57
C ALA B 96 12.80 -2.54 -17.08
N SER B 97 12.00 -3.52 -17.48
CA SER B 97 11.68 -3.70 -18.88
C SER B 97 10.65 -2.71 -19.38
N HIS B 98 9.84 -2.15 -18.49
CA HIS B 98 8.79 -1.21 -18.85
C HIS B 98 8.89 0.02 -17.97
N VAL B 99 8.73 1.20 -18.57
CA VAL B 99 8.59 2.42 -17.77
C VAL B 99 7.10 2.59 -17.49
N PRO B 100 6.69 2.86 -16.23
CA PRO B 100 7.50 3.04 -15.02
C PRO B 100 8.04 1.73 -14.47
N TYR B 101 9.29 1.74 -14.05
CA TYR B 101 9.86 0.61 -13.35
C TYR B 101 9.03 0.32 -12.09
N THR B 102 8.89 -0.95 -11.73
CA THR B 102 8.02 -1.28 -10.61
C THR B 102 8.66 -2.33 -9.70
N PHE B 103 8.34 -2.25 -8.41
CA PHE B 103 8.80 -3.20 -7.39
C PHE B 103 7.66 -4.14 -6.98
N GLY B 104 8.04 -5.28 -6.45
CA GLY B 104 7.06 -6.12 -5.80
C GLY B 104 6.85 -5.71 -4.37
N GLY B 105 5.79 -6.24 -3.78
CA GLY B 105 5.38 -5.84 -2.45
C GLY B 105 6.35 -6.16 -1.35
N GLY B 106 7.30 -7.04 -1.57
CA GLY B 106 8.26 -7.37 -0.55
C GLY B 106 8.01 -8.73 0.09
N THR B 107 9.08 -9.30 0.64
CA THR B 107 9.01 -10.56 1.36
C THR B 107 9.95 -10.45 2.55
N LYS B 108 9.43 -10.65 3.76
CA LYS B 108 10.32 -10.59 4.91
C LYS B 108 10.80 -11.99 5.24
N LEU B 109 12.13 -12.14 5.31
CA LEU B 109 12.73 -13.40 5.65
C LEU B 109 13.02 -13.36 7.11
N GLU B 110 12.57 -14.39 7.82
CA GLU B 110 12.78 -14.45 9.23
C GLU B 110 13.57 -15.70 9.48
N ILE B 111 14.39 -15.66 10.50
CA ILE B 111 15.24 -16.78 10.76
C ILE B 111 14.68 -17.61 11.89
N LYS B 112 14.46 -18.89 11.66
CA LYS B 112 14.01 -19.76 12.73
C LYS B 112 15.20 -20.16 13.54
N ARG B 113 15.08 -20.07 14.84
CA ARG B 113 16.22 -20.30 15.69
C ARG B 113 15.69 -21.03 16.91
N THR B 114 16.57 -21.61 17.70
CA THR B 114 16.17 -22.26 18.93
C THR B 114 15.61 -21.26 19.88
N VAL B 115 14.65 -21.68 20.69
CA VAL B 115 14.02 -20.76 21.60
C VAL B 115 15.04 -20.19 22.55
N ALA B 116 14.99 -18.89 22.72
CA ALA B 116 15.94 -18.23 23.59
C ALA B 116 15.15 -17.45 24.56
N ALA B 117 15.67 -17.33 25.76
CA ALA B 117 14.92 -16.68 26.80
C ALA B 117 15.19 -15.19 26.95
N PRO B 118 14.14 -14.37 27.29
CA PRO B 118 14.49 -12.97 27.44
C PRO B 118 15.22 -12.64 28.71
N SER B 119 16.00 -11.57 28.68
CA SER B 119 16.61 -11.10 29.89
C SER B 119 15.74 -9.90 30.15
N VAL B 120 15.23 -9.74 31.36
CA VAL B 120 14.26 -8.72 31.70
C VAL B 120 14.89 -7.72 32.66
N PHE B 121 14.76 -6.44 32.36
CA PHE B 121 15.29 -5.38 33.20
C PHE B 121 14.24 -4.29 33.36
N ILE B 122 14.20 -3.64 34.53
CA ILE B 122 13.28 -2.53 34.77
C ILE B 122 14.08 -1.26 35.03
N PHE B 123 13.57 -0.14 34.52
CA PHE B 123 14.19 1.17 34.69
C PHE B 123 13.15 2.12 35.24
N PRO B 124 13.38 2.74 36.40
CA PRO B 124 12.44 3.71 36.97
C PRO B 124 12.68 5.10 36.41
N PRO B 125 11.73 6.02 36.53
CA PRO B 125 11.88 7.31 35.86
C PRO B 125 13.03 8.10 36.45
N SER B 126 13.76 8.81 35.60
CA SER B 126 14.73 9.77 36.11
C SER B 126 14.01 10.86 36.90
N ASP B 127 14.69 11.46 37.86
CA ASP B 127 14.11 12.54 38.61
C ASP B 127 14.05 13.76 37.73
N GLU B 128 14.88 13.77 36.71
CA GLU B 128 14.87 14.86 35.77
C GLU B 128 13.60 14.91 34.95
N GLN B 129 13.11 13.75 34.55
CA GLN B 129 11.88 13.70 33.80
C GLN B 129 10.82 13.89 34.82
N LEU B 130 11.10 13.45 36.01
CA LEU B 130 10.11 13.70 37.07
C LEU B 130 10.00 15.18 37.37
N LYS B 131 11.06 15.97 37.16
CA LYS B 131 10.91 17.41 37.19
C LYS B 131 10.04 17.86 36.04
N SER B 132 10.15 17.20 34.88
CA SER B 132 9.31 17.60 33.76
C SER B 132 7.82 17.42 34.05
N GLY B 133 7.47 16.65 35.07
CA GLY B 133 6.09 16.30 35.36
C GLY B 133 5.58 15.01 34.73
N THR B 134 6.43 14.27 34.03
CA THR B 134 6.04 13.00 33.43
C THR B 134 6.91 11.90 34.03
N ALA B 135 6.39 10.68 34.06
CA ALA B 135 7.09 9.54 34.60
C ALA B 135 7.03 8.38 33.62
N SER B 136 8.19 7.95 33.13
CA SER B 136 8.27 6.83 32.21
C SER B 136 9.01 5.70 32.90
N VAL B 137 8.34 4.56 33.01
CA VAL B 137 8.97 3.33 33.49
C VAL B 137 9.19 2.44 32.28
N VAL B 138 10.41 1.98 32.09
CA VAL B 138 10.75 1.19 30.90
C VAL B 138 11.04 -0.24 31.33
N CYS B 139 10.49 -1.20 30.60
CA CYS B 139 10.82 -2.61 30.78
C CYS B 139 11.49 -3.10 29.52
N LEU B 140 12.57 -3.84 29.68
CA LEU B 140 13.38 -4.29 28.55
C LEU B 140 13.47 -5.80 28.57
N LEU B 141 13.06 -6.43 27.47
CA LEU B 141 13.24 -7.85 27.21
C LEU B 141 14.34 -7.98 26.16
N ASN B 142 15.44 -8.58 26.54
CA ASN B 142 16.58 -8.66 25.65
C ASN B 142 16.90 -10.02 25.14
N ASN B 143 17.20 -10.10 23.86
CA ASN B 143 17.60 -11.34 23.25
C ASN B 143 16.71 -12.57 23.35
N PHE B 144 15.46 -12.45 22.95
CA PHE B 144 14.54 -13.58 22.92
C PHE B 144 14.19 -14.03 21.51
N TYR B 145 14.22 -15.33 21.21
CA TYR B 145 13.81 -15.71 19.86
C TYR B 145 12.34 -15.66 19.45
N PRO B 146 11.46 -16.30 20.21
CA PRO B 146 10.12 -16.16 19.63
C PRO B 146 9.66 -14.77 19.91
N ARG B 147 9.27 -14.04 18.88
CA ARG B 147 8.93 -12.65 19.06
C ARG B 147 7.76 -12.50 19.95
N GLU B 148 6.85 -13.44 19.83
CA GLU B 148 5.64 -13.35 20.60
C GLU B 148 5.98 -13.41 22.06
N ALA B 149 5.48 -12.43 22.80
CA ALA B 149 5.75 -12.35 24.22
C ALA B 149 4.77 -11.36 24.79
N LYS B 150 4.38 -11.56 26.03
CA LYS B 150 3.42 -10.69 26.67
C LYS B 150 4.04 -9.98 27.83
N VAL B 151 3.86 -8.68 27.87
CA VAL B 151 4.39 -7.91 28.97
C VAL B 151 3.24 -7.30 29.73
N GLN B 152 3.19 -7.55 31.03
CA GLN B 152 2.11 -7.05 31.84
C GLN B 152 2.64 -6.07 32.82
N TRP B 153 1.96 -4.95 32.94
CA TRP B 153 2.36 -3.96 33.89
C TRP B 153 1.44 -3.92 35.06
N LYS B 154 1.99 -4.06 36.26
CA LYS B 154 1.17 -3.94 37.45
C LYS B 154 1.63 -2.77 38.30
N VAL B 155 0.75 -1.80 38.52
CA VAL B 155 1.08 -0.69 39.38
C VAL B 155 0.51 -1.16 40.67
N ASP B 156 1.29 -1.16 41.75
CA ASP B 156 0.86 -1.78 43.00
C ASP B 156 0.62 -3.20 42.53
N ASN B 157 -0.52 -3.79 42.81
CA ASN B 157 -0.78 -5.09 42.22
C ASN B 157 -1.88 -5.05 41.21
N ALA B 158 -2.20 -3.84 40.74
CA ALA B 158 -3.26 -3.67 39.78
C ALA B 158 -2.77 -3.71 38.36
N LEU B 159 -3.34 -4.61 37.56
CA LEU B 159 -2.98 -4.66 36.17
C LEU B 159 -3.37 -3.36 35.54
N GLN B 160 -2.51 -2.84 34.69
CA GLN B 160 -2.77 -1.55 34.10
C GLN B 160 -2.98 -1.66 32.62
N SER B 161 -3.89 -0.86 32.10
CA SER B 161 -4.09 -0.85 30.67
C SER B 161 -4.28 0.53 30.12
N GLY B 162 -3.89 0.73 28.86
CA GLY B 162 -4.04 2.02 28.22
C GLY B 162 -2.93 2.99 28.45
N ASN B 163 -1.94 2.56 29.22
CA ASN B 163 -0.81 3.42 29.51
C ASN B 163 0.52 2.93 28.97
N SER B 164 0.51 1.84 28.23
CA SER B 164 1.77 1.26 27.77
C SER B 164 2.00 1.14 26.28
N GLN B 165 3.18 1.53 25.82
CA GLN B 165 3.53 1.41 24.43
C GLN B 165 4.68 0.43 24.31
N GLU B 166 4.60 -0.52 23.38
CA GLU B 166 5.67 -1.48 23.18
C GLU B 166 6.33 -1.23 21.83
N SER B 167 7.60 -1.61 21.75
CA SER B 167 8.40 -1.44 20.56
C SER B 167 9.39 -2.58 20.48
N VAL B 168 9.44 -3.24 19.34
CA VAL B 168 10.31 -4.37 19.17
C VAL B 168 11.29 -4.15 18.04
N THR B 169 12.54 -4.53 18.27
CA THR B 169 13.55 -4.41 17.27
C THR B 169 13.46 -5.47 16.21
N GLU B 170 14.13 -5.24 15.10
CA GLU B 170 14.19 -6.24 14.07
C GLU B 170 15.16 -7.32 14.48
N GLN B 171 15.08 -8.47 13.84
CA GLN B 171 15.93 -9.58 14.21
C GLN B 171 17.38 -9.24 14.02
N ASP B 172 18.19 -9.62 14.98
CA ASP B 172 19.59 -9.28 14.91
C ASP B 172 20.29 -10.28 14.07
N SER B 173 21.18 -9.80 13.24
CA SER B 173 21.91 -10.68 12.39
C SER B 173 22.74 -11.62 13.20
N LYS B 174 23.38 -11.13 14.25
CA LYS B 174 24.26 -12.00 14.98
C LYS B 174 23.63 -13.15 15.69
N ASP B 175 22.56 -12.93 16.43
CA ASP B 175 22.00 -14.00 17.23
C ASP B 175 20.62 -14.43 16.85
N SER B 176 20.07 -13.84 15.82
CA SER B 176 18.71 -14.14 15.39
C SER B 176 17.71 -13.95 16.50
N THR B 177 17.86 -12.85 17.23
CA THR B 177 16.98 -12.59 18.36
C THR B 177 16.32 -11.25 18.27
N TYR B 178 15.28 -11.08 19.08
CA TYR B 178 14.54 -9.84 19.10
C TYR B 178 14.66 -9.24 20.45
N SER B 179 14.46 -7.95 20.55
CA SER B 179 14.47 -7.28 21.83
C SER B 179 13.26 -6.36 21.90
N LEU B 180 12.73 -6.12 23.10
CA LEU B 180 11.53 -5.30 23.25
C LEU B 180 11.52 -4.31 24.40
N SER B 181 10.99 -3.11 24.17
CA SER B 181 10.84 -2.10 25.21
C SER B 181 9.35 -1.83 25.40
N SER B 182 8.88 -2.01 26.62
CA SER B 182 7.52 -1.68 27.02
C SER B 182 7.61 -0.48 27.96
N THR B 183 7.16 0.67 27.54
CA THR B 183 7.24 1.85 28.37
C THR B 183 5.90 2.07 28.99
N LEU B 184 5.85 2.49 30.25
CA LEU B 184 4.62 2.84 30.90
C LEU B 184 4.77 4.30 31.20
N THR B 185 3.88 5.12 30.70
CA THR B 185 4.04 6.54 30.89
C THR B 185 2.91 7.07 31.73
N LEU B 186 3.23 7.74 32.84
CA LEU B 186 2.24 8.25 33.76
C LEU B 186 2.61 9.66 34.11
N SER B 187 1.69 10.43 34.66
CA SER B 187 2.02 11.76 35.13
C SER B 187 2.66 11.67 36.49
N LYS B 188 3.32 12.73 36.93
CA LYS B 188 3.98 12.72 38.22
C LYS B 188 2.94 12.51 39.30
N ALA B 189 1.81 13.18 39.17
CA ALA B 189 0.75 13.02 40.14
C ALA B 189 0.20 11.63 40.10
N ASP B 190 0.06 11.08 38.90
CA ASP B 190 -0.45 9.73 38.74
C ASP B 190 0.54 8.74 39.29
N TYR B 191 1.81 9.12 39.40
CA TYR B 191 2.80 8.27 40.03
C TYR B 191 2.53 8.66 41.47
N GLU B 192 1.41 8.19 42.01
CA GLU B 192 0.99 8.58 43.34
C GLU B 192 1.58 7.66 44.33
N LYS B 193 2.88 7.81 44.55
CA LYS B 193 3.57 7.02 45.56
C LYS B 193 3.23 5.55 45.49
N HIS B 194 2.79 5.08 44.34
CA HIS B 194 2.39 3.74 44.29
C HIS B 194 3.69 3.04 44.37
N LYS B 195 3.77 2.01 45.17
CA LYS B 195 4.99 1.25 45.18
C LYS B 195 4.77 0.13 44.20
N LEU B 196 5.64 -0.85 44.23
CA LEU B 196 5.45 -2.02 43.40
C LEU B 196 5.17 -1.74 41.95
N TYR B 197 5.99 -0.95 41.29
CA TYR B 197 5.85 -0.78 39.87
C TYR B 197 6.51 -2.04 39.39
N ALA B 198 5.77 -2.94 38.78
CA ALA B 198 6.29 -4.24 38.38
C ALA B 198 5.98 -4.56 36.94
N CYS B 199 6.82 -5.40 36.37
CA CYS B 199 6.80 -5.74 34.96
C CYS B 199 6.80 -7.26 34.87
N GLU B 200 5.70 -7.85 34.39
CA GLU B 200 5.57 -9.30 34.29
C GLU B 200 5.67 -9.75 32.85
N VAL B 201 6.69 -10.58 32.56
CA VAL B 201 6.95 -11.09 31.22
C VAL B 201 6.51 -12.54 31.13
N THR B 202 5.97 -12.91 29.99
CA THR B 202 5.66 -14.31 29.68
C THR B 202 6.18 -14.56 28.27
N HIS B 203 6.99 -15.60 28.13
CA HIS B 203 7.62 -15.95 26.87
C HIS B 203 7.63 -17.45 26.71
N GLN B 204 7.66 -17.89 25.46
CA GLN B 204 7.65 -19.33 25.19
C GLN B 204 8.71 -20.07 25.99
N GLY B 205 9.90 -19.49 26.10
CA GLY B 205 11.00 -20.12 26.81
C GLY B 205 11.14 -19.74 28.27
N LEU B 206 10.03 -19.49 28.97
CA LEU B 206 10.11 -19.11 30.37
C LEU B 206 8.97 -19.77 31.15
N SER B 207 8.90 -19.42 32.45
CA SER B 207 7.77 -19.78 33.33
C SER B 207 7.42 -18.58 34.25
N SER B 208 7.35 -17.40 33.63
CA SER B 208 6.88 -16.08 34.07
C SER B 208 7.68 -15.31 35.13
N PRO B 209 8.82 -14.71 34.78
CA PRO B 209 9.48 -13.73 35.67
C PRO B 209 8.82 -12.35 35.75
N VAL B 210 9.02 -11.72 36.92
CA VAL B 210 8.58 -10.37 37.25
C VAL B 210 9.78 -9.60 37.78
N THR B 211 9.91 -8.34 37.38
CA THR B 211 10.89 -7.40 37.94
C THR B 211 10.14 -6.15 38.42
N LYS B 212 10.43 -5.69 39.65
CA LYS B 212 9.61 -4.69 40.33
C LYS B 212 10.47 -3.61 41.02
N SER B 213 9.92 -2.38 41.10
CA SER B 213 10.57 -1.24 41.73
C SER B 213 9.70 -0.73 42.87
N ALA B 214 10.28 -0.61 44.08
CA ALA B 214 9.64 0.11 45.18
C ALA B 214 9.88 1.61 45.00
N ALA B 215 8.80 2.41 45.02
CA ALA B 215 8.84 3.75 44.42
C ALA B 215 9.98 4.65 44.93
N ALA B 216 10.39 4.52 46.18
CA ALA B 216 11.52 5.32 46.67
C ALA B 216 12.61 4.48 47.34
N ASN C 1 17.80 31.32 -55.64
CA ASN C 1 17.45 30.56 -54.46
C ASN C 1 16.59 31.44 -53.59
N ASN C 2 15.27 31.47 -53.81
CA ASN C 2 14.42 32.44 -53.05
C ASN C 2 13.54 31.73 -52.01
N ILE C 3 13.46 32.30 -50.79
CA ILE C 3 12.70 31.65 -49.68
C ILE C 3 11.90 32.71 -48.94
N CYS C 4 10.85 32.31 -48.21
CA CYS C 4 9.99 33.30 -47.52
C CYS C 4 10.84 34.05 -46.51
N LEU C 5 10.71 35.38 -46.49
CA LEU C 5 11.50 36.24 -45.57
C LEU C 5 10.55 36.86 -44.53
N GLN C 6 9.33 36.36 -44.45
CA GLN C 6 8.31 36.99 -43.57
C GLN C 6 7.88 36.06 -42.44
N LYS C 7 7.74 36.60 -41.23
CA LYS C 7 7.23 35.76 -40.12
C LYS C 7 5.82 35.32 -40.52
N THR C 8 5.48 34.05 -40.27
CA THR C 8 4.17 33.54 -40.75
C THR C 8 3.69 32.37 -39.89
N SER C 9 2.57 32.57 -39.20
CA SER C 9 1.96 31.50 -38.43
C SER C 9 1.61 30.31 -39.29
N ASN C 10 1.55 30.49 -40.61
CA ASN C 10 1.18 29.38 -41.49
C ASN C 10 2.13 28.20 -41.32
N GLN C 11 1.58 27.02 -41.52
CA GLN C 11 2.38 25.80 -41.43
C GLN C 11 2.90 25.48 -42.84
N ILE C 12 3.85 26.33 -43.28
CA ILE C 12 4.43 26.23 -44.62
C ILE C 12 5.66 25.31 -44.73
N LEU C 13 6.25 24.89 -43.60
CA LEU C 13 7.29 23.87 -43.58
C LEU C 13 6.64 22.51 -43.48
N LYS C 14 7.01 21.57 -44.35
CA LYS C 14 6.37 20.24 -44.32
C LYS C 14 7.43 19.14 -44.36
N PRO C 15 7.99 18.77 -43.19
CA PRO C 15 9.14 17.86 -43.18
C PRO C 15 8.77 16.43 -43.50
N LYS C 16 9.72 15.73 -44.11
CA LYS C 16 9.55 14.32 -44.47
C LYS C 16 10.47 13.46 -43.61
N LEU C 17 9.94 12.33 -43.13
CA LEU C 17 10.74 11.38 -42.38
C LEU C 17 11.55 10.51 -43.35
N ILE C 18 12.87 10.59 -43.27
CA ILE C 18 13.73 9.86 -44.16
C ILE C 18 14.73 9.05 -43.33
N SER C 19 14.36 8.74 -42.07
CA SER C 19 15.27 7.99 -41.20
C SER C 19 15.42 6.54 -41.63
N TYR C 20 14.54 6.04 -42.47
CA TYR C 20 14.62 4.66 -42.89
C TYR C 20 15.92 4.41 -43.59
N THR C 21 16.50 5.46 -44.14
CA THR C 21 17.73 5.34 -44.87
C THR C 21 18.90 4.94 -44.00
N LEU C 22 18.96 5.49 -42.80
CA LEU C 22 20.03 5.20 -41.87
C LEU C 22 19.99 3.80 -41.28
N PRO C 23 21.14 3.30 -40.81
CA PRO C 23 21.21 1.94 -40.29
C PRO C 23 20.72 1.80 -38.88
N VAL C 24 19.48 2.15 -38.67
CA VAL C 24 18.92 2.03 -37.37
C VAL C 24 17.88 0.92 -37.45
N VAL C 25 18.02 -0.09 -36.61
CA VAL C 25 17.00 -1.11 -36.60
C VAL C 25 16.22 -0.85 -35.36
N GLY C 26 14.99 -0.40 -35.52
CA GLY C 26 14.15 -0.19 -34.36
C GLY C 26 13.83 -1.49 -33.70
N GLN C 27 13.62 -2.52 -34.49
CA GLN C 27 13.20 -3.80 -33.96
C GLN C 27 14.21 -4.49 -33.10
N SER C 28 15.48 -4.16 -33.26
CA SER C 28 16.51 -4.72 -32.44
C SER C 28 16.30 -4.36 -30.97
N GLY C 29 15.71 -3.21 -30.68
CA GLY C 29 15.44 -2.79 -29.33
C GLY C 29 16.55 -2.05 -28.68
N THR C 30 17.54 -1.73 -29.47
CA THR C 30 18.72 -1.11 -28.95
C THR C 30 18.77 0.39 -28.86
N CYS C 31 19.54 0.89 -27.91
CA CYS C 31 19.73 2.33 -27.83
C CYS C 31 20.81 2.69 -28.83
N ILE C 32 20.60 3.80 -29.54
CA ILE C 32 21.57 4.34 -30.47
C ILE C 32 22.01 5.71 -29.94
N THR C 33 23.30 5.87 -29.64
CA THR C 33 23.85 7.09 -29.05
C THR C 33 25.04 7.60 -29.86
N ASP C 34 25.61 8.71 -29.37
CA ASP C 34 26.81 9.33 -29.94
C ASP C 34 26.73 9.54 -31.44
N PRO C 35 25.70 10.21 -31.96
CA PRO C 35 25.54 10.33 -33.41
C PRO C 35 26.41 11.40 -34.02
N LEU C 36 26.61 11.25 -35.31
CA LEU C 36 27.41 12.15 -36.11
C LEU C 36 26.73 12.14 -37.46
N LEU C 37 26.43 13.32 -38.00
CA LEU C 37 25.93 13.44 -39.39
C LEU C 37 26.67 14.63 -40.02
N ALA C 38 27.48 14.36 -41.05
CA ALA C 38 28.21 15.44 -41.75
C ALA C 38 27.86 15.36 -43.24
N MET C 39 27.51 16.50 -43.84
CA MET C 39 27.22 16.53 -45.30
C MET C 39 28.07 17.58 -46.01
N ASP C 40 28.78 17.20 -47.07
CA ASP C 40 29.48 18.20 -47.93
C ASP C 40 29.34 17.71 -49.37
N GLU C 41 29.21 18.63 -50.31
CA GLU C 41 28.99 18.25 -51.73
C GLU C 41 27.73 17.38 -51.80
N GLY C 42 27.81 16.26 -52.49
CA GLY C 42 26.68 15.32 -52.59
C GLY C 42 26.85 14.18 -51.62
N TYR C 43 27.80 14.30 -50.71
CA TYR C 43 28.16 13.14 -49.86
C TYR C 43 27.98 13.42 -48.37
N PHE C 44 27.80 12.34 -47.60
CA PHE C 44 27.62 12.48 -46.14
C PHE C 44 28.41 11.44 -45.37
N ALA C 45 28.80 11.78 -44.15
CA ALA C 45 29.39 10.83 -43.22
C ALA C 45 28.43 10.67 -42.06
N TYR C 46 28.38 9.47 -41.51
CA TYR C 46 27.44 9.16 -40.44
C TYR C 46 28.07 8.22 -39.43
N SER C 47 27.77 8.42 -38.15
CA SER C 47 28.34 7.49 -37.19
C SER C 47 27.44 7.37 -35.97
N HIS C 48 27.42 6.17 -35.40
CA HIS C 48 26.75 6.05 -34.11
C HIS C 48 27.29 4.85 -33.34
N LEU C 49 26.94 4.81 -32.06
CA LEU C 49 27.28 3.69 -31.19
C LEU C 49 25.98 3.03 -30.77
N GLU C 50 25.83 1.75 -31.12
CA GLU C 50 24.64 0.97 -30.83
C GLU C 50 24.89 0.09 -29.62
N ARG C 51 23.97 0.17 -28.64
CA ARG C 51 24.04 -0.44 -27.33
C ARG C 51 22.86 -1.36 -27.03
N ILE C 52 23.10 -2.45 -26.33
CA ILE C 52 22.01 -3.25 -25.80
C ILE C 52 21.81 -2.90 -24.33
N GLY C 53 20.69 -2.26 -24.04
CA GLY C 53 20.39 -1.81 -22.69
C GLY C 53 20.27 -0.31 -22.62
N SER C 54 20.62 0.24 -21.46
CA SER C 54 20.52 1.67 -21.26
C SER C 54 21.41 2.41 -22.25
N CYS C 55 21.05 3.66 -22.52
CA CYS C 55 21.83 4.51 -23.40
C CYS C 55 23.13 4.94 -22.74
N SER C 56 23.11 5.12 -21.43
CA SER C 56 24.30 5.56 -20.71
C SER C 56 25.34 4.46 -20.63
N ARG C 57 24.89 3.22 -20.30
CA ARG C 57 25.80 2.16 -19.90
C ARG C 57 25.41 0.79 -20.42
N GLY C 58 24.47 0.67 -21.35
CA GLY C 58 24.28 -0.60 -22.00
C GLY C 58 25.52 -1.02 -22.77
N VAL C 59 25.64 -2.32 -22.98
CA VAL C 59 26.82 -2.91 -23.59
C VAL C 59 26.85 -2.58 -25.07
N SER C 60 28.02 -2.17 -25.57
CA SER C 60 28.14 -1.74 -26.96
C SER C 60 28.01 -2.91 -27.88
N LYS C 61 27.12 -2.79 -28.86
CA LYS C 61 26.91 -3.80 -29.88
C LYS C 61 27.69 -3.47 -31.13
N GLN C 62 27.77 -2.20 -31.52
CA GLN C 62 28.53 -1.82 -32.69
C GLN C 62 28.75 -0.35 -32.85
N ARG C 63 29.92 0.03 -33.30
CA ARG C 63 30.13 1.42 -33.62
C ARG C 63 30.21 1.45 -35.11
N ILE C 64 29.41 2.31 -35.71
CA ILE C 64 29.37 2.41 -37.13
C ILE C 64 29.90 3.72 -37.62
N ILE C 65 30.77 3.73 -38.60
CA ILE C 65 31.22 4.92 -39.31
C ILE C 65 30.95 4.65 -40.78
N GLY C 66 30.01 5.36 -41.38
CA GLY C 66 29.64 5.10 -42.77
C GLY C 66 29.63 6.39 -43.55
N VAL C 67 29.87 6.26 -44.84
CA VAL C 67 29.79 7.39 -45.74
C VAL C 67 28.95 6.99 -46.94
N GLY C 68 28.43 8.01 -47.61
CA GLY C 68 27.69 7.76 -48.84
C GLY C 68 27.26 9.05 -49.50
N GLU C 69 26.28 8.90 -50.39
CA GLU C 69 25.78 10.03 -51.17
C GLU C 69 24.42 10.45 -50.66
N VAL C 70 24.15 11.74 -50.84
CA VAL C 70 22.83 12.34 -50.62
C VAL C 70 22.18 12.47 -51.99
N LEU C 71 21.16 11.67 -52.28
CA LEU C 71 20.56 11.66 -53.60
C LEU C 71 19.06 11.95 -53.54
N ASP C 72 18.54 12.54 -54.62
CA ASP C 72 17.11 12.60 -54.85
C ASP C 72 16.58 11.19 -54.92
N ARG C 73 15.72 10.83 -53.97
CA ARG C 73 15.31 9.42 -53.86
C ARG C 73 14.32 8.99 -54.94
N GLY C 74 13.81 9.92 -55.74
CA GLY C 74 12.93 9.54 -56.84
C GLY C 74 11.75 10.46 -57.03
N ASP C 75 11.39 11.21 -55.98
CA ASP C 75 10.27 12.14 -56.00
C ASP C 75 10.69 13.54 -55.58
N GLU C 76 11.92 13.94 -55.91
CA GLU C 76 12.49 15.22 -55.52
C GLU C 76 12.60 15.38 -54.02
N VAL C 77 12.85 14.30 -53.30
CA VAL C 77 13.16 14.33 -51.87
C VAL C 77 14.56 13.78 -51.67
N PRO C 78 15.41 14.44 -50.91
CA PRO C 78 16.75 13.89 -50.69
C PRO C 78 16.70 12.78 -49.65
N SER C 79 17.52 11.75 -49.86
CA SER C 79 17.74 10.66 -48.91
C SER C 79 19.22 10.37 -48.79
N LEU C 80 19.57 9.68 -47.71
CA LEU C 80 20.94 9.23 -47.47
C LEU C 80 21.10 7.81 -48.01
N PHE C 81 22.07 7.62 -48.90
CA PHE C 81 22.33 6.28 -49.45
C PHE C 81 23.74 5.87 -49.08
N MET C 82 23.85 5.10 -48.00
CA MET C 82 25.14 4.73 -47.49
C MET C 82 25.81 3.74 -48.43
N THR C 83 27.07 4.02 -48.77
CA THR C 83 27.83 3.16 -49.68
C THR C 83 29.04 2.49 -49.06
N ASN C 84 29.49 2.91 -47.89
CA ASN C 84 30.76 2.40 -47.36
C ASN C 84 30.71 2.46 -45.85
N VAL C 85 30.82 1.31 -45.18
CA VAL C 85 30.63 1.24 -43.74
C VAL C 85 31.83 0.59 -43.10
N TRP C 86 32.36 1.23 -42.07
CA TRP C 86 33.47 0.69 -41.34
C TRP C 86 33.14 0.57 -39.91
N THR C 87 33.38 -0.59 -39.34
CA THR C 87 33.17 -0.78 -37.94
C THR C 87 34.55 -0.79 -37.35
N PRO C 88 34.82 0.15 -36.46
CA PRO C 88 36.11 0.17 -35.81
C PRO C 88 36.36 -1.05 -35.00
N PRO C 89 37.55 -1.62 -35.12
CA PRO C 89 37.86 -2.73 -34.24
C PRO C 89 37.96 -2.13 -32.87
N ASN C 90 37.53 -2.84 -31.85
CA ASN C 90 37.48 -2.26 -30.51
C ASN C 90 36.64 -1.01 -30.44
N PRO C 91 35.33 -1.19 -30.52
CA PRO C 91 34.44 -0.04 -30.53
C PRO C 91 34.57 0.84 -29.31
N ASN C 92 34.85 0.28 -28.16
CA ASN C 92 34.90 1.03 -26.92
C ASN C 92 36.03 2.02 -26.75
N THR C 93 37.05 1.92 -27.56
CA THR C 93 38.16 2.86 -27.50
C THR C 93 37.98 4.10 -28.34
N VAL C 94 36.93 4.16 -29.15
CA VAL C 94 36.76 5.28 -30.12
C VAL C 94 35.82 6.34 -29.57
N TYR C 95 36.29 7.59 -29.48
CA TYR C 95 35.48 8.68 -28.91
C TYR C 95 35.58 9.97 -29.72
N HIS C 96 34.53 10.80 -29.68
CA HIS C 96 34.59 12.18 -30.29
C HIS C 96 35.01 12.21 -31.75
N CYS C 97 34.46 11.34 -32.58
CA CYS C 97 34.76 11.36 -34.04
C CYS C 97 34.27 12.66 -34.70
N SER C 98 35.06 13.21 -35.62
CA SER C 98 34.65 14.43 -36.39
C SER C 98 34.95 14.17 -37.87
N ALA C 99 34.13 14.69 -38.79
CA ALA C 99 34.31 14.36 -40.22
C ALA C 99 34.49 15.58 -41.13
N VAL C 100 35.48 15.53 -42.03
CA VAL C 100 35.69 16.60 -43.06
C VAL C 100 35.78 15.88 -44.41
N TYR C 101 35.16 16.42 -45.46
CA TYR C 101 35.17 15.75 -46.78
C TYR C 101 36.08 16.45 -47.77
N ASN C 102 37.03 15.74 -48.39
CA ASN C 102 37.82 16.34 -49.49
C ASN C 102 38.08 15.36 -50.63
N ASN C 103 37.93 15.77 -51.88
CA ASN C 103 38.38 14.96 -53.05
C ASN C 103 37.90 13.51 -53.10
N GLU C 104 36.60 13.25 -52.87
CA GLU C 104 36.06 11.87 -53.02
C GLU C 104 36.35 11.02 -51.78
N PHE C 105 36.88 11.63 -50.75
CA PHE C 105 37.11 10.89 -49.50
C PHE C 105 36.57 11.69 -48.30
N TYR C 106 36.10 10.98 -47.29
CA TYR C 106 35.68 11.64 -46.04
C TYR C 106 36.73 11.22 -45.01
N TYR C 107 37.28 12.17 -44.28
CA TYR C 107 38.32 11.83 -43.30
C TYR C 107 37.72 12.03 -41.91
N VAL C 108 37.80 11.00 -41.07
CA VAL C 108 37.17 11.07 -39.74
C VAL C 108 38.29 11.03 -38.71
N LEU C 109 38.31 12.02 -37.82
CA LEU C 109 39.35 12.08 -36.79
C LEU C 109 38.69 11.71 -35.48
N CYS C 110 39.21 10.69 -34.81
CA CYS C 110 38.55 10.20 -33.58
C CYS C 110 39.57 10.04 -32.46
N ALA C 111 39.20 10.41 -31.24
CA ALA C 111 40.06 10.18 -30.07
C ALA C 111 40.14 8.69 -29.77
N VAL C 112 41.30 8.21 -29.33
CA VAL C 112 41.39 6.80 -28.88
C VAL C 112 41.71 6.85 -27.39
N SER C 113 40.91 6.16 -26.58
CA SER C 113 41.08 6.25 -25.11
C SER C 113 40.77 4.93 -24.43
N THR C 114 41.75 4.38 -23.74
CA THR C 114 41.52 3.22 -22.91
C THR C 114 41.19 3.57 -21.47
N VAL C 115 41.01 4.86 -21.17
CA VAL C 115 40.66 5.32 -19.84
C VAL C 115 39.29 6.00 -19.80
N GLY C 116 38.50 5.88 -20.87
CA GLY C 116 37.17 6.45 -20.89
C GLY C 116 37.10 7.71 -21.71
N ASP C 117 36.00 8.43 -21.52
CA ASP C 117 35.80 9.67 -22.27
C ASP C 117 36.90 10.65 -21.87
N PRO C 118 37.74 11.08 -22.81
CA PRO C 118 38.83 12.01 -22.44
C PRO C 118 38.37 13.24 -21.68
N ILE C 119 37.15 13.74 -21.93
CA ILE C 119 36.66 14.88 -21.15
C ILE C 119 36.56 14.54 -19.67
N LEU C 120 36.23 13.29 -19.32
CA LEU C 120 36.02 12.95 -17.92
C LEU C 120 37.25 12.39 -17.22
N ASN C 121 38.05 11.58 -17.91
CA ASN C 121 39.29 11.10 -17.34
C ASN C 121 40.46 11.77 -18.05
N SER C 122 40.46 13.11 -18.05
CA SER C 122 41.35 13.89 -18.90
C SER C 122 42.82 13.82 -18.49
N THR C 123 43.14 13.73 -17.20
CA THR C 123 44.57 13.68 -16.87
C THR C 123 45.21 12.34 -17.24
N TYR C 124 44.43 11.29 -17.29
CA TYR C 124 44.97 9.98 -17.60
C TYR C 124 44.97 9.70 -19.09
N TRP C 125 44.24 10.49 -19.87
CA TRP C 125 44.14 10.21 -21.30
C TRP C 125 45.50 10.32 -21.97
N SER C 126 45.88 9.26 -22.69
CA SER C 126 47.02 9.20 -23.60
C SER C 126 47.16 10.46 -24.46
N GLY C 127 46.03 10.99 -24.91
CA GLY C 127 46.03 12.03 -25.91
C GLY C 127 45.98 11.53 -27.33
N SER C 128 46.11 10.23 -27.55
CA SER C 128 46.23 9.68 -28.90
C SER C 128 44.95 9.87 -29.73
N LEU C 129 45.15 10.14 -31.02
CA LEU C 129 44.08 10.32 -31.98
C LEU C 129 44.29 9.33 -33.13
N MET C 130 43.21 9.01 -33.80
CA MET C 130 43.19 8.18 -34.99
C MET C 130 42.53 8.92 -36.15
N MET C 131 43.14 8.85 -37.33
CA MET C 131 42.58 9.47 -38.52
C MET C 131 42.23 8.39 -39.53
N THR C 132 40.97 8.27 -39.89
CA THR C 132 40.49 7.22 -40.78
C THR C 132 39.93 7.84 -42.06
N ARG C 133 40.32 7.31 -43.21
CA ARG C 133 39.86 7.83 -44.49
C ARG C 133 38.97 6.81 -45.19
N LEU C 134 37.80 7.24 -45.61
CA LEU C 134 36.80 6.37 -46.21
C LEU C 134 36.40 6.91 -47.57
N ALA C 135 36.46 6.04 -48.58
CA ALA C 135 36.07 6.42 -49.93
C ALA C 135 34.55 6.54 -49.99
N VAL C 136 34.06 7.64 -50.57
CA VAL C 136 32.62 7.81 -50.68
C VAL C 136 32.03 7.04 -51.86
N LYS C 137 32.88 6.67 -52.77
CA LYS C 137 32.45 5.89 -53.90
C LYS C 137 33.44 4.77 -53.89
N PRO C 138 33.12 3.66 -53.16
CA PRO C 138 34.15 2.64 -53.12
C PRO C 138 34.37 1.84 -54.37
N LYS C 139 35.45 1.08 -54.39
CA LYS C 139 35.81 0.32 -55.58
C LYS C 139 36.32 -1.01 -55.11
N SER C 140 36.15 -2.06 -55.91
CA SER C 140 36.72 -3.37 -55.58
C SER C 140 38.22 -3.32 -55.45
N ASN C 141 38.74 -3.58 -54.26
CA ASN C 141 40.18 -3.46 -54.00
C ASN C 141 40.76 -4.55 -53.13
N GLY C 142 42.07 -4.66 -53.11
CA GLY C 142 42.71 -5.65 -52.26
C GLY C 142 43.47 -5.07 -51.08
N GLY C 143 43.40 -3.75 -50.90
CA GLY C 143 44.09 -3.09 -49.81
C GLY C 143 43.31 -2.09 -49.03
N GLY C 144 43.79 -0.86 -48.98
CA GLY C 144 43.15 0.19 -48.22
C GLY C 144 42.50 1.37 -48.90
N TYR C 145 42.19 1.30 -50.18
CA TYR C 145 41.64 2.48 -50.84
C TYR C 145 40.32 2.84 -50.22
N ASN C 146 39.50 1.84 -49.97
CA ASN C 146 38.18 2.12 -49.46
C ASN C 146 38.27 2.51 -48.02
N GLN C 147 39.12 1.85 -47.25
CA GLN C 147 39.34 2.26 -45.87
C GLN C 147 40.74 2.11 -45.41
N HIS C 148 41.32 3.15 -44.85
CA HIS C 148 42.63 3.04 -44.25
C HIS C 148 42.83 4.06 -43.21
N GLN C 149 43.74 3.79 -42.31
CA GLN C 149 44.00 4.70 -41.23
C GLN C 149 45.31 5.39 -41.44
N LEU C 150 45.39 6.65 -41.06
CA LEU C 150 46.58 7.43 -41.33
C LEU C 150 47.52 7.75 -40.19
N ALA C 151 48.73 8.16 -40.53
CA ALA C 151 49.75 8.44 -39.54
C ALA C 151 49.84 9.95 -39.32
N LEU C 152 49.66 10.36 -38.05
CA LEU C 152 49.71 11.76 -37.65
C LEU C 152 51.12 11.95 -37.07
N ARG C 153 52.08 12.30 -37.93
CA ARG C 153 53.46 12.35 -37.47
C ARG C 153 53.57 13.18 -36.20
N SER C 154 52.94 14.34 -36.14
CA SER C 154 53.02 15.10 -34.91
C SER C 154 51.65 15.72 -34.64
N ILE C 155 51.46 16.16 -33.41
CA ILE C 155 50.28 16.90 -33.00
C ILE C 155 50.80 18.15 -32.32
N GLU C 156 50.63 19.30 -32.98
CA GLU C 156 51.14 20.56 -32.49
C GLU C 156 50.03 21.20 -31.65
N LYS C 157 50.17 21.13 -30.33
CA LYS C 157 49.12 21.55 -29.41
C LYS C 157 49.51 22.79 -28.62
N GLY C 158 50.69 23.31 -28.86
CA GLY C 158 51.09 24.58 -28.29
C GLY C 158 51.17 24.50 -26.79
N ARG C 159 50.43 25.37 -26.10
CA ARG C 159 50.49 25.36 -24.65
C ARG C 159 49.48 24.41 -24.05
N TYR C 160 48.60 23.85 -24.86
CA TYR C 160 47.65 22.87 -24.33
C TYR C 160 48.37 21.55 -24.09
N ASP C 161 47.88 20.80 -23.10
CA ASP C 161 48.43 19.48 -22.82
C ASP C 161 47.92 18.43 -23.79
N LYS C 162 46.68 18.60 -24.26
CA LYS C 162 45.97 17.60 -25.02
C LYS C 162 44.99 18.33 -25.90
N VAL C 163 44.77 17.83 -27.11
CA VAL C 163 43.79 18.39 -28.03
C VAL C 163 42.98 17.25 -28.63
N MET C 164 41.76 17.56 -29.06
CA MET C 164 40.84 16.48 -29.39
C MET C 164 39.80 16.99 -30.36
N PRO C 165 39.37 16.18 -31.34
CA PRO C 165 38.19 16.55 -32.11
C PRO C 165 37.00 16.66 -31.16
N TYR C 166 36.10 17.61 -31.48
CA TYR C 166 34.97 17.87 -30.58
C TYR C 166 33.80 18.46 -31.36
N GLY C 167 33.08 17.61 -32.09
CA GLY C 167 31.96 18.09 -32.87
C GLY C 167 31.86 17.33 -34.17
N PRO C 168 30.71 17.38 -34.83
CA PRO C 168 30.45 16.43 -35.92
C PRO C 168 31.17 16.71 -37.22
N SER C 169 31.30 17.96 -37.64
CA SER C 169 31.60 18.29 -39.03
C SER C 169 32.66 19.39 -39.13
N GLY C 170 33.47 19.34 -40.20
CA GLY C 170 34.40 20.41 -40.47
C GLY C 170 34.39 20.87 -41.92
N ILE C 171 35.40 21.65 -42.31
CA ILE C 171 35.48 22.15 -43.69
C ILE C 171 36.80 21.75 -44.33
N LYS C 172 36.86 21.95 -45.64
CA LYS C 172 38.08 21.82 -46.41
C LYS C 172 38.32 23.17 -47.07
N GLN C 173 39.59 23.55 -47.20
CA GLN C 173 39.99 24.70 -48.01
C GLN C 173 41.21 24.24 -48.79
N GLY C 174 41.03 23.96 -50.06
CA GLY C 174 42.12 23.43 -50.82
C GLY C 174 42.30 22.02 -50.36
N ASP C 175 43.49 21.72 -49.89
CA ASP C 175 43.77 20.42 -49.35
C ASP C 175 43.93 20.42 -47.85
N THR C 176 43.54 21.50 -47.22
CA THR C 176 43.62 21.56 -45.78
C THR C 176 42.28 21.34 -45.10
N LEU C 177 42.19 20.33 -44.23
CA LEU C 177 40.98 19.99 -43.51
C LEU C 177 41.00 20.70 -42.16
N TYR C 178 39.85 21.22 -41.75
CA TYR C 178 39.71 21.87 -40.45
C TYR C 178 38.57 21.19 -39.72
N PHE C 179 38.90 20.41 -38.66
CA PHE C 179 37.95 19.76 -37.75
C PHE C 179 37.65 20.63 -36.54
N PRO C 180 36.43 20.63 -36.03
CA PRO C 180 36.17 21.28 -34.75
C PRO C 180 36.81 20.50 -33.62
N ALA C 181 37.42 21.23 -32.71
CA ALA C 181 38.29 20.60 -31.74
C ALA C 181 38.21 21.36 -30.42
N VAL C 182 38.93 20.84 -29.43
CA VAL C 182 39.02 21.42 -28.10
C VAL C 182 40.41 21.16 -27.56
N GLY C 183 40.92 22.12 -26.80
CA GLY C 183 42.20 22.02 -26.13
C GLY C 183 42.01 21.96 -24.63
N PHE C 184 42.81 21.12 -23.98
CA PHE C 184 42.83 20.96 -22.54
C PHE C 184 43.97 21.80 -22.02
N LEU C 185 43.67 22.87 -21.29
CA LEU C 185 44.70 23.77 -20.78
C LEU C 185 44.71 23.71 -19.26
N VAL C 186 45.88 23.50 -18.69
CA VAL C 186 45.99 23.44 -17.24
C VAL C 186 45.40 24.71 -16.64
N ARG C 187 44.43 24.54 -15.73
CA ARG C 187 43.66 25.68 -15.22
C ARG C 187 44.57 26.72 -14.56
N THR C 188 45.64 26.28 -13.90
CA THR C 188 46.58 27.20 -13.28
C THR C 188 47.34 28.05 -14.30
N GLU C 189 47.36 27.63 -15.56
CA GLU C 189 48.04 28.38 -16.61
C GLU C 189 47.06 29.16 -17.48
N PHE C 190 45.78 29.12 -17.15
CA PHE C 190 44.73 29.83 -17.90
C PHE C 190 44.72 31.29 -17.47
N LYS C 191 45.21 32.18 -18.33
CA LYS C 191 45.22 33.60 -18.01
C LYS C 191 43.83 34.19 -18.29
N TYR C 192 43.21 34.80 -17.29
CA TYR C 192 41.88 35.43 -17.49
C TYR C 192 41.68 36.60 -16.52
N ASN C 193 40.87 37.59 -16.91
CA ASN C 193 40.59 38.70 -15.98
C ASN C 193 39.13 38.62 -15.52
N ASP C 194 38.92 38.59 -14.21
CA ASP C 194 37.56 38.46 -13.61
C ASP C 194 36.74 39.70 -14.00
N SER C 195 37.36 40.87 -14.08
CA SER C 195 36.65 42.14 -14.36
C SER C 195 35.97 42.00 -15.71
N ASN C 196 36.61 41.30 -16.63
CA ASN C 196 36.06 41.10 -17.99
C ASN C 196 34.72 40.37 -17.88
N CYS C 197 34.57 39.44 -16.93
CA CYS C 197 33.32 38.63 -16.91
C CYS C 197 32.13 39.58 -16.77
N PRO C 198 31.03 39.36 -17.55
CA PRO C 198 29.89 40.30 -17.56
C PRO C 198 28.82 40.16 -16.48
N ILE C 199 29.13 40.57 -15.26
CA ILE C 199 28.18 40.43 -14.12
C ILE C 199 27.44 41.75 -13.89
N THR C 200 27.60 42.74 -14.75
CA THR C 200 27.06 44.10 -14.45
C THR C 200 25.54 44.10 -14.30
N LYS C 201 24.82 43.38 -15.15
CA LYS C 201 23.34 43.43 -15.08
C LYS C 201 22.84 42.29 -14.19
N CYS C 202 23.75 41.47 -13.67
CA CYS C 202 23.30 40.27 -12.92
C CYS C 202 23.58 40.43 -11.43
N GLN C 203 22.53 40.45 -10.62
CA GLN C 203 22.67 40.63 -9.15
C GLN C 203 23.40 39.47 -8.48
N TYR C 204 23.07 38.24 -8.84
CA TYR C 204 23.63 37.08 -8.11
C TYR C 204 24.88 36.54 -8.79
N SER C 205 25.22 37.11 -9.94
CA SER C 205 26.46 36.68 -10.65
C SER C 205 27.67 37.19 -9.89
N LYS C 206 28.79 36.49 -10.02
CA LYS C 206 30.04 36.87 -9.32
C LYS C 206 31.16 36.87 -10.34
N PRO C 207 32.23 37.65 -10.15
CA PRO C 207 33.29 37.80 -11.16
C PRO C 207 33.97 36.46 -11.44
N GLU C 208 34.15 35.64 -10.42
CA GLU C 208 34.86 34.34 -10.53
C GLU C 208 34.13 33.38 -11.47
N ASN C 209 32.82 33.52 -11.62
CA ASN C 209 32.03 32.48 -12.33
C ASN C 209 32.50 32.26 -13.77
N CYS C 210 32.83 33.29 -14.54
CA CYS C 210 33.21 33.00 -15.95
C CYS C 210 34.46 32.12 -16.02
N ARG C 211 35.50 32.44 -15.24
CA ARG C 211 36.75 31.62 -15.20
C ARG C 211 36.48 30.23 -14.64
N LEU C 212 35.64 30.16 -13.60
CA LEU C 212 35.41 28.87 -12.94
C LEU C 212 34.65 27.95 -13.90
N SER C 213 33.70 28.50 -14.65
CA SER C 213 32.95 27.61 -15.53
C SER C 213 33.63 27.40 -16.88
N MET C 214 34.89 27.80 -17.04
CA MET C 214 35.64 27.32 -18.20
C MET C 214 36.11 25.88 -18.05
N GLY C 215 35.80 25.24 -16.93
CA GLY C 215 36.00 23.82 -16.75
C GLY C 215 34.70 23.13 -16.37
N ILE C 216 34.74 21.79 -16.42
CA ILE C 216 33.53 21.05 -16.16
C ILE C 216 33.15 21.07 -14.68
N ARG C 217 34.05 21.53 -13.81
CA ARG C 217 33.74 21.79 -12.41
C ARG C 217 34.67 22.91 -11.96
N PRO C 218 34.28 23.68 -10.93
CA PRO C 218 35.13 24.81 -10.52
C PRO C 218 36.55 24.40 -10.23
N ASN C 219 36.76 23.15 -9.84
CA ASN C 219 38.08 22.68 -9.45
C ASN C 219 38.67 21.68 -10.41
N SER C 220 38.17 21.65 -11.63
CA SER C 220 38.74 20.83 -12.67
C SER C 220 40.22 21.17 -12.82
N HIS C 221 41.02 20.14 -13.10
CA HIS C 221 42.42 20.37 -13.36
C HIS C 221 42.63 21.10 -14.68
N TYR C 222 41.76 20.89 -15.64
CA TYR C 222 41.87 21.54 -16.92
C TYR C 222 40.72 22.52 -17.13
N ILE C 223 40.93 23.43 -18.08
CA ILE C 223 39.87 24.17 -18.75
C ILE C 223 39.81 23.65 -20.19
N LEU C 224 38.67 23.87 -20.86
CA LEU C 224 38.47 23.46 -22.25
C LEU C 224 38.26 24.69 -23.12
N ARG C 225 39.06 24.81 -24.19
CA ARG C 225 38.88 25.88 -25.17
C ARG C 225 38.58 25.31 -26.55
N SER C 226 37.51 25.79 -27.20
CA SER C 226 37.18 25.31 -28.53
C SER C 226 38.18 25.84 -29.56
N GLY C 227 38.15 25.23 -30.75
CA GLY C 227 39.07 25.61 -31.80
C GLY C 227 38.97 24.66 -32.97
N LEU C 228 40.03 24.62 -33.76
CA LEU C 228 40.09 23.74 -34.94
C LEU C 228 41.35 22.89 -34.87
N LEU C 229 41.27 21.71 -35.46
CA LEU C 229 42.44 20.91 -35.75
C LEU C 229 42.66 20.95 -37.26
N LYS C 230 43.86 21.36 -37.67
CA LYS C 230 44.22 21.57 -39.06
C LYS C 230 45.07 20.42 -39.58
N TYR C 231 44.71 19.92 -40.76
CA TYR C 231 45.38 18.78 -41.40
C TYR C 231 45.64 19.14 -42.87
N ASN C 232 46.88 19.47 -43.25
CA ASN C 232 47.21 19.87 -44.63
C ASN C 232 47.67 18.65 -45.41
N LEU C 233 46.80 18.17 -46.31
CA LEU C 233 47.07 16.93 -47.03
C LEU C 233 48.32 17.07 -47.87
N SER C 234 48.50 18.24 -48.47
CA SER C 234 49.66 18.55 -49.29
C SER C 234 50.78 19.13 -48.43
N ASP C 235 51.23 18.31 -47.46
CA ASP C 235 52.28 18.73 -46.53
C ASP C 235 52.98 17.48 -45.99
N GLY C 236 54.01 17.05 -46.69
CA GLY C 236 54.80 15.93 -46.27
C GLY C 236 54.07 14.62 -46.55
N GLU C 237 54.77 13.52 -46.29
CA GLU C 237 54.21 12.21 -46.59
C GLU C 237 53.19 11.82 -45.53
N ASN C 238 53.47 12.11 -44.26
CA ASN C 238 52.43 12.05 -43.22
C ASN C 238 52.29 13.43 -42.63
N PRO C 239 51.17 14.12 -42.87
CA PRO C 239 51.01 15.46 -42.31
C PRO C 239 50.71 15.41 -40.82
N LYS C 240 50.95 16.56 -40.18
CA LYS C 240 50.69 16.80 -38.77
C LYS C 240 49.34 17.49 -38.59
N VAL C 241 48.76 17.30 -37.44
CA VAL C 241 47.61 18.11 -37.04
C VAL C 241 48.11 19.28 -36.23
N VAL C 242 47.52 20.44 -36.44
CA VAL C 242 47.89 21.66 -35.72
C VAL C 242 46.64 22.21 -35.04
N PHE C 243 46.70 22.36 -33.73
CA PHE C 243 45.58 22.94 -33.02
C PHE C 243 45.58 24.45 -33.21
N ILE C 244 44.38 25.02 -33.28
CA ILE C 244 44.18 26.43 -33.55
C ILE C 244 43.09 26.88 -32.58
N GLU C 245 43.44 27.72 -31.61
CA GLU C 245 42.46 28.08 -30.58
C GLU C 245 41.49 29.13 -31.10
N ILE C 246 40.28 29.13 -30.54
CA ILE C 246 39.27 30.14 -30.89
C ILE C 246 39.63 31.45 -30.21
N SER C 247 39.26 32.59 -30.82
CA SER C 247 39.53 33.87 -30.16
C SER C 247 38.73 33.96 -28.87
N ASP C 248 39.14 34.88 -28.00
CA ASP C 248 38.49 35.01 -26.71
C ASP C 248 37.32 35.99 -26.72
N GLN C 249 36.82 36.36 -27.89
CA GLN C 249 35.56 37.10 -27.96
C GLN C 249 34.41 36.14 -27.70
N ARG C 250 33.59 36.46 -26.69
CA ARG C 250 32.44 35.65 -26.31
C ARG C 250 32.88 34.21 -26.00
N LEU C 251 33.84 34.11 -25.08
CA LEU C 251 34.43 32.83 -24.72
C LEU C 251 33.50 32.06 -23.77
N SER C 252 33.34 30.78 -24.06
CA SER C 252 32.56 29.83 -23.28
C SER C 252 33.39 28.55 -23.17
N ILE C 253 33.02 27.69 -22.22
CA ILE C 253 33.71 26.42 -22.11
C ILE C 253 33.71 25.73 -23.45
N GLY C 254 34.85 25.11 -23.78
CA GLY C 254 35.00 24.30 -24.96
C GLY C 254 33.86 23.32 -25.02
N SER C 255 33.23 23.18 -26.18
CA SER C 255 32.02 22.39 -26.30
C SER C 255 31.95 21.90 -27.74
N PRO C 256 31.16 20.83 -28.02
CA PRO C 256 31.02 20.36 -29.40
C PRO C 256 30.66 21.52 -30.33
N SER C 257 31.45 21.70 -31.38
CA SER C 257 31.30 22.81 -32.31
C SER C 257 31.24 22.24 -33.72
N LYS C 258 31.08 23.13 -34.69
CA LYS C 258 30.96 22.75 -36.09
C LYS C 258 31.36 23.94 -36.97
N ILE C 259 32.10 23.67 -38.02
CA ILE C 259 32.44 24.70 -39.00
C ILE C 259 32.01 24.18 -40.36
N TYR C 260 31.28 25.01 -41.13
CA TYR C 260 30.67 24.54 -42.38
C TYR C 260 30.64 25.64 -43.43
N ASP C 261 30.93 25.28 -44.68
CA ASP C 261 30.76 26.27 -45.75
C ASP C 261 29.28 26.43 -46.00
N SER C 262 28.79 27.66 -45.94
CA SER C 262 27.45 27.95 -46.43
C SER C 262 27.56 29.12 -47.38
N LEU C 263 26.99 28.98 -48.57
CA LEU C 263 26.90 30.09 -49.54
C LEU C 263 28.24 30.79 -49.73
N GLY C 264 29.32 30.01 -49.76
CA GLY C 264 30.64 30.52 -50.08
C GLY C 264 31.54 30.92 -48.92
N GLN C 265 31.12 30.73 -47.67
CA GLN C 265 31.98 31.16 -46.57
C GLN C 265 31.82 30.21 -45.39
N PRO C 266 32.86 30.02 -44.60
CA PRO C 266 32.72 29.18 -43.41
C PRO C 266 31.93 29.87 -42.32
N VAL C 267 31.09 29.11 -41.67
CA VAL C 267 30.32 29.53 -40.52
C VAL C 267 30.72 28.61 -39.38
N PHE C 268 30.83 29.17 -38.18
CA PHE C 268 31.20 28.41 -37.00
C PHE C 268 30.02 28.46 -36.07
N TYR C 269 29.69 27.30 -35.50
CA TYR C 269 28.71 27.16 -34.45
C TYR C 269 29.37 26.51 -33.24
N GLN C 270 29.15 27.07 -32.05
CA GLN C 270 29.61 26.46 -30.80
C GLN C 270 28.39 26.21 -29.91
N ALA C 271 28.24 24.97 -29.45
CA ALA C 271 27.20 24.62 -28.48
C ALA C 271 27.41 25.39 -27.17
N SER C 272 26.31 25.80 -26.55
CA SER C 272 26.36 26.61 -25.32
C SER C 272 26.20 25.70 -24.11
N PHE C 273 27.32 25.23 -23.59
CA PHE C 273 27.33 24.25 -22.52
C PHE C 273 27.56 24.87 -21.16
N SER C 274 27.38 26.17 -21.02
CA SER C 274 27.40 26.78 -19.70
C SER C 274 26.45 27.97 -19.64
N TRP C 275 26.92 29.12 -19.15
CA TRP C 275 26.00 30.18 -18.77
C TRP C 275 25.56 31.07 -19.93
N ASP C 276 26.34 31.16 -20.99
CA ASP C 276 25.93 31.98 -22.14
C ASP C 276 25.03 31.14 -23.06
N THR C 277 23.74 31.07 -22.70
CA THR C 277 22.82 30.11 -23.29
C THR C 277 22.22 30.57 -24.61
N MET C 278 22.47 31.80 -25.03
CA MET C 278 22.04 32.24 -26.35
C MET C 278 22.90 31.57 -27.42
N ILE C 279 22.31 31.36 -28.60
CA ILE C 279 23.04 30.61 -29.63
C ILE C 279 24.33 31.34 -30.04
N LYS C 280 25.41 30.56 -30.14
CA LYS C 280 26.74 31.05 -30.49
C LYS C 280 27.08 30.54 -31.88
N PHE C 281 26.99 31.40 -32.89
CA PHE C 281 27.42 31.03 -34.24
C PHE C 281 27.51 32.29 -35.05
N GLY C 282 28.17 32.18 -36.19
CA GLY C 282 28.41 33.33 -37.04
C GLY C 282 29.45 33.01 -38.09
N ASP C 283 29.59 33.96 -39.01
CA ASP C 283 30.61 33.90 -40.05
C ASP C 283 32.01 33.84 -39.46
N VAL C 284 32.84 32.97 -40.00
CA VAL C 284 34.26 32.93 -39.64
C VAL C 284 34.95 34.05 -40.41
N LEU C 285 35.54 35.00 -39.68
CA LEU C 285 36.30 36.08 -40.31
C LEU C 285 37.67 35.60 -40.74
N THR C 286 38.35 34.90 -39.84
CA THR C 286 39.64 34.30 -40.13
C THR C 286 39.63 32.90 -39.55
N VAL C 287 40.28 31.98 -40.26
CA VAL C 287 40.28 30.58 -39.87
C VAL C 287 41.45 30.24 -38.98
N ASN C 288 42.70 30.65 -39.40
CA ASN C 288 43.84 30.18 -38.61
C ASN C 288 44.05 31.03 -37.37
N PRO C 289 44.06 32.32 -37.46
CA PRO C 289 43.66 33.03 -36.24
C PRO C 289 42.14 32.93 -36.20
N LEU C 290 41.62 31.91 -35.52
CA LEU C 290 40.18 31.63 -35.56
C LEU C 290 39.42 32.73 -34.83
N VAL C 291 38.69 33.54 -35.58
CA VAL C 291 37.83 34.56 -34.97
C VAL C 291 36.48 34.49 -35.68
N VAL C 292 35.41 34.43 -34.91
CA VAL C 292 34.06 34.25 -35.41
C VAL C 292 33.28 35.51 -35.12
N ASN C 293 32.66 36.10 -36.16
CA ASN C 293 31.82 37.28 -35.99
C ASN C 293 30.44 36.79 -35.57
N TRP C 294 30.31 36.56 -34.26
CA TRP C 294 29.12 35.92 -33.68
C TRP C 294 27.86 36.73 -33.92
N ARG C 295 26.78 36.03 -34.24
CA ARG C 295 25.50 36.70 -34.31
C ARG C 295 25.07 37.17 -32.92
N ASN C 296 24.39 38.30 -32.87
CA ASN C 296 23.84 38.78 -31.61
C ASN C 296 22.40 38.37 -31.74
N ASN C 297 22.14 37.09 -31.53
CA ASN C 297 20.82 36.51 -31.68
C ASN C 297 20.06 36.61 -30.37
N THR C 298 18.82 37.06 -30.44
CA THR C 298 18.03 37.32 -29.23
C THR C 298 16.83 36.40 -29.11
N VAL C 299 16.74 35.36 -29.94
CA VAL C 299 15.53 34.53 -29.99
C VAL C 299 15.80 33.05 -29.83
N ILE C 300 16.99 32.54 -30.12
CA ILE C 300 17.27 31.09 -30.12
C ILE C 300 18.19 30.74 -28.95
N SER C 301 17.76 29.81 -28.11
CA SER C 301 18.59 29.35 -27.01
C SER C 301 18.30 27.86 -26.86
N ARG C 302 18.87 27.25 -25.84
CA ARG C 302 18.77 25.83 -25.65
C ARG C 302 18.32 25.56 -24.26
N PRO C 303 17.66 24.45 -24.06
CA PRO C 303 17.28 24.09 -22.71
C PRO C 303 18.44 23.76 -21.79
N GLY C 304 18.32 24.14 -20.52
CA GLY C 304 19.36 23.80 -19.56
C GLY C 304 18.79 23.20 -18.30
N GLN C 305 19.60 23.08 -17.25
CA GLN C 305 19.11 22.76 -15.93
C GLN C 305 18.75 24.06 -15.20
N SER C 306 18.59 23.99 -13.88
CA SER C 306 18.12 25.15 -13.10
C SER C 306 19.14 26.28 -13.06
N GLN C 307 20.42 25.98 -13.26
CA GLN C 307 21.47 26.98 -13.07
C GLN C 307 21.63 27.83 -14.32
N CYS C 308 21.60 27.18 -15.49
CA CYS C 308 21.79 27.85 -16.77
C CYS C 308 20.68 27.41 -17.72
N PRO C 309 19.45 27.81 -17.44
CA PRO C 309 18.31 27.41 -18.28
C PRO C 309 18.23 28.25 -19.54
N ARG C 310 17.32 27.85 -20.43
CA ARG C 310 17.13 28.59 -21.67
C ARG C 310 16.95 30.08 -21.38
N PHE C 311 17.62 30.89 -22.20
CA PHE C 311 17.55 32.33 -22.15
C PHE C 311 18.39 32.93 -21.03
N ASN C 312 19.20 32.12 -20.35
CA ASN C 312 20.07 32.66 -19.34
C ASN C 312 21.22 33.39 -20.00
N THR C 313 21.53 34.59 -19.54
CA THR C 313 22.70 35.31 -20.07
C THR C 313 23.63 35.78 -18.97
N CYS C 314 23.37 35.40 -17.70
CA CYS C 314 24.16 35.85 -16.56
C CYS C 314 25.21 34.81 -16.20
N PRO C 315 26.46 35.22 -16.00
CA PRO C 315 27.51 34.27 -15.66
C PRO C 315 27.15 33.41 -14.46
N GLU C 316 27.41 32.12 -14.60
CA GLU C 316 27.04 31.14 -13.59
C GLU C 316 27.97 29.94 -13.74
N ILE C 317 28.15 29.20 -12.66
CA ILE C 317 28.94 27.96 -12.67
C ILE C 317 28.00 26.85 -13.10
N CYS C 318 28.25 26.28 -14.28
CA CYS C 318 27.36 25.26 -14.82
C CYS C 318 27.99 24.65 -16.05
N TRP C 319 27.64 23.40 -16.28
CA TRP C 319 28.09 22.65 -17.44
C TRP C 319 26.86 21.81 -17.80
N GLU C 320 26.01 22.39 -18.64
CA GLU C 320 24.81 21.71 -19.03
C GLU C 320 24.36 22.32 -20.33
N GLY C 321 23.48 21.64 -21.01
CA GLY C 321 22.96 22.12 -22.28
C GLY C 321 22.88 20.98 -23.26
N VAL C 322 22.66 21.33 -24.51
CA VAL C 322 22.48 20.33 -25.54
C VAL C 322 23.01 20.93 -26.82
N TYR C 323 23.56 20.09 -27.68
CA TYR C 323 24.05 20.53 -28.99
C TYR C 323 22.84 20.61 -29.92
N ASN C 324 22.44 21.83 -30.32
CA ASN C 324 21.34 22.09 -31.29
C ASN C 324 21.90 23.07 -32.31
N ASP C 325 22.58 22.60 -33.35
CA ASP C 325 23.22 23.55 -34.25
C ASP C 325 22.22 24.14 -35.26
N ALA C 326 22.69 25.14 -36.00
CA ALA C 326 21.91 25.92 -36.96
C ALA C 326 22.72 26.20 -38.22
N PHE C 327 22.04 26.22 -39.35
CA PHE C 327 22.69 26.30 -40.65
C PHE C 327 22.24 27.55 -41.38
N LEU C 328 23.19 28.43 -41.73
CA LEU C 328 22.88 29.63 -42.50
C LEU C 328 22.39 29.24 -43.88
N ILE C 329 21.28 29.83 -44.31
CA ILE C 329 20.69 29.47 -45.58
C ILE C 329 20.45 30.69 -46.47
N ASP C 330 20.65 31.89 -45.93
CA ASP C 330 20.55 33.11 -46.75
C ASP C 330 21.44 34.14 -46.08
N ARG C 331 22.57 34.51 -46.74
CA ARG C 331 23.49 35.46 -46.13
C ARG C 331 23.08 36.90 -46.36
N ILE C 332 22.27 37.17 -47.39
CA ILE C 332 21.79 38.53 -47.61
C ILE C 332 20.93 38.98 -46.44
N ASN C 333 20.09 38.09 -45.92
CA ASN C 333 19.24 38.45 -44.80
C ASN C 333 19.66 37.80 -43.49
N TRP C 334 20.74 37.03 -43.50
CA TRP C 334 21.15 36.16 -42.40
C TRP C 334 19.98 35.40 -41.79
N ILE C 335 19.38 34.57 -42.62
CA ILE C 335 18.37 33.61 -42.17
C ILE C 335 19.06 32.27 -41.99
N SER C 336 18.76 31.58 -40.89
CA SER C 336 19.33 30.25 -40.62
C SER C 336 18.22 29.28 -40.23
N ALA C 337 18.56 27.99 -40.21
CA ALA C 337 17.59 26.94 -39.91
C ALA C 337 18.19 25.92 -38.95
N GLY C 338 17.37 25.40 -38.05
CA GLY C 338 17.84 24.33 -37.17
C GLY C 338 16.68 23.74 -36.41
N VAL C 339 16.95 22.70 -35.63
CA VAL C 339 15.93 22.10 -34.76
C VAL C 339 16.29 22.42 -33.32
N PHE C 340 15.37 23.04 -32.61
CA PHE C 340 15.65 23.49 -31.26
C PHE C 340 14.62 22.89 -30.33
N LEU C 341 15.03 22.57 -29.11
CA LEU C 341 14.14 21.93 -28.15
C LEU C 341 13.35 23.03 -27.45
N ASP C 342 12.09 23.20 -27.82
CA ASP C 342 11.34 24.40 -27.40
C ASP C 342 10.88 24.22 -25.95
N SER C 343 11.85 24.34 -25.04
CA SER C 343 11.58 24.20 -23.61
C SER C 343 12.67 24.91 -22.82
N ASN C 344 12.33 25.38 -21.61
CA ASN C 344 13.28 26.16 -20.80
C ASN C 344 14.27 25.29 -20.03
N GLN C 345 13.77 24.20 -19.47
CA GLN C 345 14.56 23.45 -18.51
C GLN C 345 14.43 21.95 -18.69
N THR C 346 13.71 21.47 -19.72
CA THR C 346 13.67 20.04 -19.98
C THR C 346 14.02 19.80 -21.45
N ALA C 347 14.67 18.68 -21.70
CA ALA C 347 15.13 18.33 -23.05
C ALA C 347 13.97 17.69 -23.76
N GLU C 348 13.10 18.51 -24.34
CA GLU C 348 11.92 17.98 -25.01
C GLU C 348 11.48 18.88 -26.15
N ASN C 349 10.53 18.37 -26.96
CA ASN C 349 9.79 19.14 -27.96
C ASN C 349 10.69 19.73 -29.05
N PRO C 350 11.19 18.92 -29.98
CA PRO C 350 11.99 19.49 -31.09
C PRO C 350 11.10 20.25 -32.07
N VAL C 351 11.57 21.44 -32.46
CA VAL C 351 10.87 22.30 -33.41
C VAL C 351 11.86 22.73 -34.48
N PHE C 352 11.56 22.43 -35.74
CA PHE C 352 12.35 22.93 -36.84
C PHE C 352 12.05 24.41 -37.04
N THR C 353 13.10 25.23 -37.06
CA THR C 353 12.96 26.67 -36.90
C THR C 353 13.80 27.41 -37.91
N VAL C 354 13.16 28.28 -38.68
CA VAL C 354 13.80 29.21 -39.59
C VAL C 354 13.72 30.57 -38.96
N PHE C 355 14.86 31.25 -38.83
CA PHE C 355 14.96 32.40 -37.93
C PHE C 355 16.02 33.42 -38.38
N LYS C 356 15.78 34.67 -37.98
CA LYS C 356 16.76 35.75 -38.04
C LYS C 356 17.34 36.06 -36.65
N ASP C 357 18.18 37.08 -36.60
CA ASP C 357 18.84 37.46 -35.35
C ASP C 357 17.84 37.80 -34.25
N ASN C 358 16.75 38.50 -34.59
CA ASN C 358 15.82 39.02 -33.59
C ASN C 358 14.39 38.52 -33.81
N GLU C 359 14.22 37.42 -34.54
CA GLU C 359 12.89 37.02 -35.01
C GLU C 359 12.91 35.57 -35.45
N ILE C 360 12.00 34.76 -34.91
CA ILE C 360 11.74 33.46 -35.48
C ILE C 360 10.76 33.63 -36.65
N LEU C 361 11.18 33.20 -37.84
CA LEU C 361 10.33 33.40 -39.01
C LEU C 361 9.22 32.34 -39.09
N TYR C 362 9.59 31.06 -39.12
CA TYR C 362 8.54 30.04 -39.15
C TYR C 362 9.05 28.71 -38.61
N ARG C 363 8.09 27.88 -38.19
CA ARG C 363 8.45 26.66 -37.52
C ARG C 363 7.55 25.47 -37.68
N ALA C 364 8.11 24.27 -37.60
CA ALA C 364 7.33 23.05 -37.63
C ALA C 364 7.70 22.18 -36.44
N GLN C 365 6.74 21.81 -35.62
CA GLN C 365 7.05 20.92 -34.52
C GLN C 365 7.13 19.53 -35.06
N LEU C 366 8.25 18.87 -34.79
CA LEU C 366 8.49 17.57 -35.38
C LEU C 366 7.93 16.47 -34.55
N ALA C 367 7.53 16.79 -33.34
CA ALA C 367 7.00 15.80 -32.44
C ALA C 367 6.16 16.53 -31.46
N SER C 368 5.63 15.83 -30.50
CA SER C 368 4.83 16.46 -29.47
C SER C 368 5.59 17.28 -28.46
N GLU C 369 4.88 18.08 -27.68
CA GLU C 369 5.51 18.96 -26.71
C GLU C 369 6.08 18.26 -25.55
N ASP C 370 5.72 17.00 -25.38
CA ASP C 370 6.19 16.22 -24.28
C ASP C 370 7.27 15.28 -24.69
N THR C 371 7.68 15.34 -25.94
CA THR C 371 8.51 14.32 -26.51
C THR C 371 9.94 14.61 -26.20
N ASN C 372 10.58 13.71 -25.46
CA ASN C 372 11.94 13.92 -25.06
C ASN C 372 12.89 13.78 -26.20
N ALA C 373 13.90 14.63 -26.24
CA ALA C 373 14.81 14.66 -27.37
C ALA C 373 16.14 15.23 -26.91
N GLN C 374 17.14 15.17 -27.79
CA GLN C 374 18.44 15.73 -27.43
C GLN C 374 19.19 16.34 -28.60
N LYS C 375 20.27 15.70 -29.01
CA LYS C 375 21.19 16.31 -29.95
C LYS C 375 20.52 16.51 -31.33
N THR C 376 20.91 17.59 -32.01
CA THR C 376 20.33 18.03 -33.28
C THR C 376 21.42 18.49 -34.24
N ILE C 377 21.43 17.93 -35.44
CA ILE C 377 22.44 18.28 -36.44
C ILE C 377 21.73 18.62 -37.76
N THR C 378 21.88 19.85 -38.22
CA THR C 378 21.18 20.32 -39.41
C THR C 378 22.19 20.67 -40.51
N ASN C 379 21.86 20.30 -41.75
CA ASN C 379 22.74 20.60 -42.88
C ASN C 379 21.88 20.94 -44.09
N CYS C 380 22.13 22.07 -44.74
CA CYS C 380 21.31 22.48 -45.88
C CYS C 380 22.15 22.54 -47.15
N PHE C 381 21.45 22.37 -48.27
CA PHE C 381 22.07 22.19 -49.57
C PHE C 381 21.04 22.46 -50.63
N LEU C 382 21.49 22.45 -51.89
CA LEU C 382 20.60 22.63 -53.03
C LEU C 382 20.27 21.29 -53.66
N LEU C 383 19.01 21.12 -54.06
CA LEU C 383 18.56 19.96 -54.83
C LEU C 383 17.68 20.48 -55.97
N LYS C 384 18.25 20.54 -57.17
CA LYS C 384 17.52 21.06 -58.33
C LYS C 384 17.00 22.47 -58.06
N ASN C 385 17.87 23.36 -57.56
CA ASN C 385 17.43 24.69 -57.06
C ASN C 385 16.53 24.63 -55.87
N LYS C 386 16.44 23.60 -55.07
CA LYS C 386 15.58 23.86 -53.95
C LYS C 386 16.42 23.82 -52.71
N ILE C 387 16.27 24.81 -51.84
CA ILE C 387 17.03 24.71 -50.61
C ILE C 387 16.39 23.60 -49.78
N TRP C 388 17.16 22.59 -49.46
CA TRP C 388 16.71 21.53 -48.59
C TRP C 388 17.60 21.47 -47.36
N CYS C 389 17.00 21.16 -46.20
CA CYS C 389 17.78 20.89 -45.00
C CYS C 389 17.48 19.48 -44.52
N ILE C 390 18.52 18.75 -44.11
CA ILE C 390 18.35 17.46 -43.45
C ILE C 390 18.81 17.63 -42.01
N SER C 391 17.91 17.31 -41.09
CA SER C 391 18.14 17.41 -39.66
C SER C 391 18.11 16.01 -39.03
N LEU C 392 19.18 15.65 -38.34
CA LEU C 392 19.19 14.50 -37.45
C LEU C 392 18.76 14.99 -36.07
N VAL C 393 17.78 14.30 -35.47
CA VAL C 393 17.16 14.66 -34.18
C VAL C 393 17.09 13.40 -33.33
N GLU C 394 17.83 13.38 -32.22
CA GLU C 394 17.72 12.29 -31.25
C GLU C 394 16.37 12.34 -30.55
N ILE C 395 15.55 11.31 -30.69
CA ILE C 395 14.22 11.33 -30.11
C ILE C 395 14.04 10.09 -29.22
N TYR C 396 13.32 10.27 -28.12
CA TYR C 396 13.10 9.23 -27.13
C TYR C 396 11.97 8.29 -27.54
N ASP C 397 12.23 6.99 -27.49
CA ASP C 397 11.26 5.95 -27.74
C ASP C 397 10.77 5.46 -26.38
N THR C 398 9.52 5.80 -26.06
CA THR C 398 9.00 5.43 -24.76
C THR C 398 8.74 3.96 -24.68
N GLY C 399 8.55 3.30 -25.82
CA GLY C 399 8.25 1.89 -25.79
C GLY C 399 9.46 1.06 -25.43
N ASP C 400 10.63 1.45 -25.89
CA ASP C 400 11.86 0.77 -25.57
C ASP C 400 12.69 1.52 -24.55
N ASN C 401 12.20 2.66 -24.05
CA ASN C 401 12.92 3.42 -23.03
C ASN C 401 14.34 3.75 -23.51
N VAL C 402 14.50 4.01 -24.81
CA VAL C 402 15.82 4.36 -25.35
C VAL C 402 15.69 5.57 -26.25
N ILE C 403 16.81 6.08 -26.72
CA ILE C 403 16.85 7.21 -27.64
C ILE C 403 17.36 6.72 -28.99
N ARG C 404 16.81 7.26 -30.07
CA ARG C 404 17.24 6.89 -31.42
C ARG C 404 17.21 8.10 -32.35
N PRO C 405 18.12 8.17 -33.32
CA PRO C 405 18.14 9.32 -34.24
C PRO C 405 17.09 9.16 -35.32
N LYS C 406 16.33 10.23 -35.54
CA LYS C 406 15.38 10.37 -36.62
C LYS C 406 15.90 11.42 -37.58
N LEU C 407 15.68 11.19 -38.87
CA LEU C 407 16.12 12.08 -39.94
C LEU C 407 14.93 12.76 -40.60
N PHE C 408 14.96 14.07 -40.66
CA PHE C 408 13.94 14.83 -41.35
C PHE C 408 14.60 15.55 -42.52
N ALA C 409 14.04 15.39 -43.72
CA ALA C 409 14.34 16.27 -44.84
C ALA C 409 13.22 17.31 -44.93
N VAL C 410 13.59 18.59 -44.92
CA VAL C 410 12.66 19.73 -44.87
C VAL C 410 13.01 20.68 -46.01
N LYS C 411 12.11 20.86 -46.97
CA LYS C 411 12.37 21.88 -48.03
C LYS C 411 12.05 23.26 -47.50
N ILE C 412 13.01 24.18 -47.58
CA ILE C 412 12.72 25.58 -47.16
C ILE C 412 11.67 26.12 -48.14
N PRO C 413 10.59 26.78 -47.66
CA PRO C 413 9.54 27.23 -48.55
C PRO C 413 9.84 28.54 -49.30
N GLU C 414 9.74 28.52 -50.62
CA GLU C 414 9.93 29.74 -51.47
C GLU C 414 8.85 30.78 -51.15
N GLN C 415 7.61 30.36 -50.93
CA GLN C 415 6.48 31.29 -50.72
C GLN C 415 5.88 31.17 -49.31
N CYS C 416 5.65 32.31 -48.65
CA CYS C 416 5.09 32.34 -47.27
C CYS C 416 3.70 31.71 -47.20
N THR C 417 2.85 31.91 -48.20
CA THR C 417 1.53 31.21 -48.19
C THR C 417 1.70 29.76 -48.65
N GLN D 1 -35.21 -3.18 5.16
CA GLN D 1 -34.96 -2.29 6.28
C GLN D 1 -33.85 -2.89 7.15
N VAL D 2 -33.11 -3.79 6.53
CA VAL D 2 -31.91 -4.34 7.14
C VAL D 2 -30.81 -3.31 7.03
N GLN D 3 -30.10 -3.07 8.13
CA GLN D 3 -29.17 -1.95 8.17
C GLN D 3 -28.10 -2.23 9.21
N LEU D 4 -26.90 -1.70 8.97
CA LEU D 4 -25.82 -1.72 9.92
C LEU D 4 -25.29 -0.29 10.02
N LYS D 5 -25.19 0.24 11.23
CA LYS D 5 -24.77 1.61 11.44
C LYS D 5 -23.57 1.62 12.37
N GLU D 6 -22.49 2.22 11.93
CA GLU D 6 -21.29 2.30 12.72
C GLU D 6 -21.20 3.61 13.46
N SER D 7 -20.84 3.55 14.73
CA SER D 7 -20.65 4.76 15.49
C SER D 7 -19.25 4.73 16.00
N GLY D 8 -18.45 5.71 15.63
CA GLY D 8 -17.07 5.69 16.01
C GLY D 8 -16.50 6.96 16.61
N PRO D 9 -15.15 7.08 16.76
CA PRO D 9 -14.72 8.30 17.43
C PRO D 9 -14.46 9.46 16.48
N GLY D 10 -14.30 9.23 15.18
CA GLY D 10 -13.91 10.32 14.31
C GLY D 10 -12.41 10.56 14.36
N LEU D 11 -11.92 10.98 15.52
CA LEU D 11 -10.53 11.31 15.76
C LEU D 11 -9.96 10.41 16.86
N VAL D 12 -8.78 9.83 16.62
CA VAL D 12 -8.09 8.96 17.58
C VAL D 12 -6.64 9.39 17.66
N ALA D 13 -6.13 9.61 18.86
CA ALA D 13 -4.74 10.04 18.99
C ALA D 13 -3.79 8.85 18.72
N PRO D 14 -2.60 9.10 18.16
CA PRO D 14 -1.69 7.99 17.88
C PRO D 14 -1.30 7.32 19.20
N SER D 15 -1.16 5.99 19.14
CA SER D 15 -0.85 5.06 20.23
C SER D 15 -2.09 4.72 21.05
N GLN D 16 -3.21 5.39 20.84
CA GLN D 16 -4.42 5.05 21.57
C GLN D 16 -5.28 4.07 20.76
N SER D 17 -6.37 3.63 21.34
CA SER D 17 -7.15 2.56 20.73
C SER D 17 -8.49 3.07 20.22
N LEU D 18 -8.93 2.47 19.12
CA LEU D 18 -10.19 2.87 18.46
C LEU D 18 -11.33 1.94 18.87
N SER D 19 -12.47 2.52 19.22
CA SER D 19 -13.65 1.68 19.51
C SER D 19 -14.78 2.07 18.54
N ILE D 20 -15.34 1.10 17.82
CA ILE D 20 -16.50 1.38 16.94
C ILE D 20 -17.63 0.44 17.35
N THR D 21 -18.85 0.95 17.40
CA THR D 21 -20.03 0.11 17.73
C THR D 21 -20.90 0.02 16.47
N CYS D 22 -21.26 -1.20 16.07
CA CYS D 22 -22.16 -1.37 14.90
C CYS D 22 -23.50 -1.83 15.44
N THR D 23 -24.55 -1.11 15.07
CA THR D 23 -25.90 -1.45 15.56
C THR D 23 -26.63 -2.04 14.36
N VAL D 24 -27.26 -3.18 14.54
CA VAL D 24 -27.86 -3.92 13.39
C VAL D 24 -29.38 -3.90 13.49
N SER D 25 -30.06 -3.62 12.38
CA SER D 25 -31.54 -3.59 12.35
C SER D 25 -32.09 -4.59 11.34
N GLY D 26 -33.11 -5.37 11.74
CA GLY D 26 -33.80 -6.28 10.81
C GLY D 26 -33.18 -7.65 10.64
N PHE D 27 -32.10 -7.93 11.36
CA PHE D 27 -31.50 -9.28 11.31
C PHE D 27 -30.96 -9.62 12.70
N SER D 28 -30.80 -10.90 12.98
CA SER D 28 -30.25 -11.35 14.27
C SER D 28 -28.77 -11.70 14.09
N LEU D 29 -27.96 -11.30 15.04
CA LEU D 29 -26.51 -11.60 15.02
C LEU D 29 -26.37 -13.11 15.06
N THR D 30 -27.25 -13.79 15.80
CA THR D 30 -27.25 -15.28 15.81
C THR D 30 -27.55 -15.81 14.40
N SER D 31 -28.46 -15.22 13.66
CA SER D 31 -28.73 -15.60 12.24
C SER D 31 -27.59 -15.32 11.25
N TYR D 32 -26.88 -14.19 11.34
CA TYR D 32 -25.86 -13.81 10.32
C TYR D 32 -24.48 -13.46 10.88
N ASP D 33 -23.41 -13.91 10.21
CA ASP D 33 -22.01 -13.56 10.58
C ASP D 33 -21.71 -12.09 10.23
N ILE D 34 -20.88 -11.41 11.04
CA ILE D 34 -20.55 -9.98 10.83
C ILE D 34 -19.04 -9.81 10.65
N SER D 35 -18.62 -9.04 9.65
CA SER D 35 -17.18 -8.85 9.35
C SER D 35 -16.85 -7.36 9.31
N TRP D 36 -15.58 -7.03 9.56
CA TRP D 36 -15.15 -5.62 9.55
C TRP D 36 -14.17 -5.39 8.40
N ILE D 37 -14.44 -4.38 7.58
CA ILE D 37 -13.58 -4.05 6.41
C ILE D 37 -13.19 -2.58 6.50
N ARG D 38 -11.93 -2.28 6.21
CA ARG D 38 -11.44 -0.88 6.30
C ARG D 38 -10.92 -0.41 4.94
N GLN D 39 -11.31 0.79 4.52
CA GLN D 39 -10.70 1.36 3.30
C GLN D 39 -9.76 2.47 3.74
N PRO D 40 -8.45 2.33 3.47
CA PRO D 40 -7.50 3.39 3.77
C PRO D 40 -7.77 4.50 2.75
N PRO D 41 -7.53 5.79 3.06
CA PRO D 41 -7.91 6.84 2.13
C PRO D 41 -7.12 6.66 0.83
N GLY D 42 -7.79 6.83 -0.32
CA GLY D 42 -7.12 6.57 -1.61
C GLY D 42 -6.95 5.09 -1.86
N LYS D 43 -6.36 4.37 -0.90
CA LYS D 43 -6.05 2.91 -1.04
C LYS D 43 -7.30 2.02 -1.00
N GLY D 44 -7.20 0.81 -1.51
CA GLY D 44 -8.30 -0.18 -1.61
C GLY D 44 -8.72 -0.89 -0.33
N LEU D 45 -9.83 -1.61 -0.36
CA LEU D 45 -10.41 -2.31 0.82
C LEU D 45 -9.56 -3.43 1.41
N GLU D 46 -9.59 -3.57 2.75
CA GLU D 46 -8.86 -4.63 3.49
C GLU D 46 -9.82 -5.30 4.49
N TRP D 47 -9.65 -6.60 4.74
CA TRP D 47 -10.56 -7.34 5.65
C TRP D 47 -9.84 -7.61 6.96
N LEU D 48 -10.43 -7.17 8.07
CA LEU D 48 -9.77 -7.32 9.38
C LEU D 48 -10.28 -8.54 10.15
N GLY D 49 -11.59 -8.72 10.24
CA GLY D 49 -12.10 -9.80 11.08
C GLY D 49 -13.54 -10.22 10.85
N VAL D 50 -13.93 -11.40 11.34
CA VAL D 50 -15.36 -11.84 11.31
C VAL D 50 -15.75 -12.32 12.70
N ILE D 51 -16.96 -12.00 13.17
CA ILE D 51 -17.46 -12.62 14.42
C ILE D 51 -18.60 -13.53 13.96
N TRP D 52 -18.50 -14.81 14.28
CA TRP D 52 -19.52 -15.81 13.88
C TRP D 52 -20.76 -15.70 14.78
N THR D 53 -21.86 -16.31 14.35
CA THR D 53 -23.12 -16.27 15.11
C THR D 53 -22.88 -16.92 16.47
N GLY D 54 -22.10 -17.98 16.52
CA GLY D 54 -21.73 -18.68 17.76
C GLY D 54 -20.76 -17.89 18.61
N GLY D 55 -20.16 -16.85 18.05
CA GLY D 55 -19.11 -16.09 18.74
C GLY D 55 -17.70 -16.54 18.39
N VAL D 56 -17.55 -17.49 17.48
CA VAL D 56 -16.17 -17.79 17.02
C VAL D 56 -15.68 -16.53 16.33
N THR D 57 -14.43 -16.14 16.58
CA THR D 57 -13.86 -14.94 15.95
C THR D 57 -12.63 -15.34 15.14
N ASN D 58 -12.59 -14.96 13.87
CA ASN D 58 -11.43 -15.23 12.99
C ASN D 58 -10.92 -13.87 12.54
N TYR D 59 -9.62 -13.63 12.64
CA TYR D 59 -9.09 -12.28 12.38
C TYR D 59 -7.96 -12.34 11.38
N ASN D 60 -7.69 -11.23 10.72
CA ASN D 60 -6.52 -11.17 9.83
C ASN D 60 -5.31 -11.38 10.74
N SER D 61 -4.33 -12.13 10.28
CA SER D 61 -3.14 -12.46 11.10
C SER D 61 -2.42 -11.17 11.44
N ALA D 62 -2.38 -10.23 10.51
CA ALA D 62 -1.63 -8.97 10.70
C ALA D 62 -2.19 -8.19 11.89
N PHE D 63 -3.51 -8.19 12.07
CA PHE D 63 -4.14 -7.39 13.14
C PHE D 63 -4.38 -8.21 14.41
N LEU D 64 -3.94 -9.47 14.46
CA LEU D 64 -4.32 -10.35 15.60
C LEU D 64 -3.84 -9.80 16.93
N SER D 65 -2.62 -9.27 16.99
CA SER D 65 -2.09 -8.75 18.26
C SER D 65 -2.91 -7.57 18.77
N ARG D 66 -3.31 -6.67 17.89
CA ARG D 66 -4.01 -5.42 18.31
C ARG D 66 -5.53 -5.40 18.06
N LEU D 67 -6.14 -6.47 17.53
CA LEU D 67 -7.58 -6.37 17.15
C LEU D 67 -8.48 -7.33 17.90
N SER D 68 -9.58 -6.81 18.46
CA SER D 68 -10.59 -7.64 19.14
C SER D 68 -11.98 -7.36 18.58
N ILE D 69 -12.78 -8.38 18.28
CA ILE D 69 -14.19 -8.18 17.83
C ILE D 69 -15.14 -8.85 18.82
N SER D 70 -16.17 -8.14 19.27
CA SER D 70 -17.15 -8.65 20.26
C SER D 70 -18.56 -8.26 19.83
N LYS D 71 -19.59 -8.98 20.30
CA LYS D 71 -20.97 -8.56 19.96
C LYS D 71 -21.93 -8.67 21.13
N ASP D 72 -22.99 -7.86 21.14
CA ASP D 72 -24.07 -8.07 22.13
C ASP D 72 -25.26 -8.54 21.31
N ASN D 73 -25.66 -9.79 21.48
CA ASN D 73 -26.83 -10.34 20.74
C ASN D 73 -28.10 -9.62 21.16
N SER D 74 -28.25 -9.38 22.47
CA SER D 74 -29.48 -8.72 23.02
C SER D 74 -29.62 -7.28 22.51
N LYS D 75 -28.53 -6.53 22.43
CA LYS D 75 -28.58 -5.11 22.02
C LYS D 75 -28.43 -4.97 20.50
N SER D 76 -28.24 -6.07 19.79
CA SER D 76 -28.03 -6.03 18.32
C SER D 76 -26.81 -5.17 17.99
N GLN D 77 -25.76 -5.29 18.81
CA GLN D 77 -24.55 -4.46 18.62
C GLN D 77 -23.29 -5.31 18.38
N VAL D 78 -22.48 -4.94 17.40
CA VAL D 78 -21.19 -5.63 17.13
C VAL D 78 -20.08 -4.61 17.40
N PHE D 79 -19.04 -5.00 18.13
CA PHE D 79 -17.99 -4.03 18.54
C PHE D 79 -16.62 -4.38 17.99
N LEU D 80 -15.90 -3.39 17.44
CA LEU D 80 -14.50 -3.60 16.97
C LEU D 80 -13.59 -2.77 17.85
N LYS D 81 -12.56 -3.38 18.41
CA LYS D 81 -11.56 -2.62 19.19
C LYS D 81 -10.18 -2.85 18.58
N MET D 82 -9.44 -1.77 18.36
CA MET D 82 -8.05 -1.87 17.83
C MET D 82 -7.17 -1.04 18.74
N ASN D 83 -5.90 -1.38 18.88
CA ASN D 83 -5.02 -0.73 19.88
C ASN D 83 -3.75 -0.25 19.19
N SER D 84 -3.04 0.68 19.84
CA SER D 84 -1.74 1.14 19.29
C SER D 84 -1.95 1.73 17.89
N LEU D 85 -3.01 2.49 17.73
CA LEU D 85 -3.35 3.05 16.39
C LEU D 85 -2.27 4.01 15.89
N GLN D 86 -2.07 4.02 14.58
CA GLN D 86 -1.03 4.84 13.92
C GLN D 86 -1.64 5.45 12.67
N THR D 87 -0.96 6.38 12.01
CA THR D 87 -1.52 7.13 10.87
C THR D 87 -1.93 6.13 9.78
N ASP D 88 -1.18 5.05 9.63
CA ASP D 88 -1.48 4.02 8.61
C ASP D 88 -2.88 3.50 8.90
N ASP D 89 -3.23 3.40 10.17
CA ASP D 89 -4.56 2.91 10.61
C ASP D 89 -5.67 3.86 10.12
N THR D 90 -5.41 5.14 9.90
CA THR D 90 -6.54 6.03 9.53
C THR D 90 -7.20 5.47 8.28
N ALA D 91 -8.51 5.29 8.34
CA ALA D 91 -9.27 4.72 7.21
C ALA D 91 -10.77 4.87 7.46
N ILE D 92 -11.59 4.57 6.46
CA ILE D 92 -13.05 4.48 6.72
C ILE D 92 -13.27 3.04 7.14
N TYR D 93 -13.95 2.81 8.25
CA TYR D 93 -14.13 1.43 8.78
C TYR D 93 -15.58 1.02 8.56
N TYR D 94 -15.80 -0.16 7.98
CA TYR D 94 -17.17 -0.59 7.62
C TYR D 94 -17.62 -1.83 8.39
N CYS D 95 -18.88 -1.84 8.82
CA CYS D 95 -19.48 -3.03 9.48
C CYS D 95 -20.23 -3.72 8.34
N VAL D 96 -19.92 -4.99 8.06
CA VAL D 96 -20.52 -5.66 6.88
C VAL D 96 -21.21 -6.97 7.27
N ARG D 97 -22.39 -7.23 6.73
CA ARG D 97 -23.09 -8.50 6.99
C ARG D 97 -22.61 -9.53 5.96
N GLU D 98 -22.54 -10.79 6.38
CA GLU D 98 -22.02 -11.84 5.48
C GLU D 98 -23.06 -12.91 5.20
N GLY D 99 -23.29 -13.26 3.94
CA GLY D 99 -24.10 -14.46 3.65
C GLY D 99 -23.24 -15.37 2.79
N ASP D 100 -23.02 -16.61 3.18
CA ASP D 100 -22.27 -17.58 2.32
C ASP D 100 -20.91 -17.04 1.87
N TRP D 101 -20.13 -16.48 2.77
CA TRP D 101 -18.76 -16.03 2.42
C TRP D 101 -18.80 -14.90 1.39
N PHE D 102 -19.85 -14.09 1.41
CA PHE D 102 -19.93 -12.88 0.56
C PHE D 102 -20.52 -11.78 1.45
N PHE D 103 -20.20 -10.52 1.18
CA PHE D 103 -20.77 -9.42 1.98
C PHE D 103 -22.04 -8.88 1.32
N ASP D 104 -23.21 -9.37 1.73
CA ASP D 104 -24.51 -8.92 1.17
C ASP D 104 -24.85 -7.47 1.52
N VAL D 105 -24.61 -7.07 2.76
CA VAL D 105 -25.04 -5.70 3.18
C VAL D 105 -23.87 -4.97 3.80
N TRP D 106 -23.64 -3.74 3.38
CA TRP D 106 -22.54 -2.94 3.93
C TRP D 106 -23.12 -1.77 4.72
N GLY D 107 -22.47 -1.40 5.81
CA GLY D 107 -22.90 -0.25 6.55
C GLY D 107 -22.46 1.02 5.90
N ALA D 108 -22.74 2.15 6.54
CA ALA D 108 -22.42 3.40 5.85
C ALA D 108 -20.94 3.71 5.90
N GLY D 109 -20.23 3.13 6.87
CA GLY D 109 -18.83 3.41 7.14
C GLY D 109 -18.69 4.55 8.10
N THR D 110 -17.68 4.51 8.96
CA THR D 110 -17.36 5.61 9.85
C THR D 110 -15.93 5.98 9.55
N THR D 111 -15.63 7.27 9.50
CA THR D 111 -14.30 7.71 9.13
C THR D 111 -13.43 7.93 10.33
N VAL D 112 -12.29 7.27 10.38
CA VAL D 112 -11.39 7.39 11.52
C VAL D 112 -10.08 8.00 11.12
N THR D 113 -9.70 9.08 11.78
CA THR D 113 -8.46 9.79 11.52
C THR D 113 -7.58 9.68 12.75
N VAL D 114 -6.35 9.21 12.57
CA VAL D 114 -5.38 9.14 13.63
C VAL D 114 -4.53 10.40 13.58
N SER D 115 -4.57 11.19 14.65
CA SER D 115 -3.96 12.52 14.72
C SER D 115 -3.94 12.99 16.16
N SER D 116 -2.93 13.79 16.47
CA SER D 116 -2.87 14.41 17.79
C SER D 116 -3.60 15.76 17.83
N ALA D 117 -4.07 16.24 16.67
CA ALA D 117 -4.80 17.50 16.63
C ALA D 117 -6.14 17.36 17.33
N SER D 118 -6.73 18.50 17.65
CA SER D 118 -8.06 18.54 18.22
C SER D 118 -9.08 18.80 17.11
N THR D 119 -10.31 18.35 17.34
CA THR D 119 -11.35 18.57 16.33
C THR D 119 -11.68 20.04 16.28
N LYS D 120 -12.12 20.47 15.12
CA LYS D 120 -12.39 21.88 14.91
C LYS D 120 -13.48 21.99 13.85
N GLY D 121 -14.55 22.70 14.18
CA GLY D 121 -15.67 22.87 13.28
C GLY D 121 -15.36 23.85 12.17
N PRO D 122 -16.15 23.79 11.10
CA PRO D 122 -15.88 24.59 9.91
C PRO D 122 -16.45 25.99 9.98
N SER D 123 -15.86 26.86 9.17
CA SER D 123 -16.40 28.17 8.84
C SER D 123 -17.00 28.08 7.44
N VAL D 124 -18.20 28.65 7.27
CA VAL D 124 -18.94 28.53 6.01
C VAL D 124 -19.11 29.91 5.43
N PHE D 125 -18.52 30.12 4.30
CA PHE D 125 -18.55 31.41 3.65
C PHE D 125 -19.34 31.32 2.36
N PRO D 126 -20.08 32.36 1.99
CA PRO D 126 -20.85 32.30 0.76
C PRO D 126 -19.94 32.47 -0.45
N LEU D 127 -20.23 31.71 -1.50
CA LEU D 127 -19.70 31.95 -2.84
C LEU D 127 -20.83 32.54 -3.68
N ALA D 128 -20.78 33.86 -3.88
CA ALA D 128 -21.90 34.64 -4.38
C ALA D 128 -21.97 34.64 -5.91
N PRO D 129 -23.12 34.31 -6.50
CA PRO D 129 -23.28 34.51 -7.95
C PRO D 129 -23.08 35.96 -8.36
N SER D 130 -22.48 36.16 -9.55
CA SER D 130 -22.10 37.48 -10.05
C SER D 130 -22.26 37.50 -11.57
N SER D 131 -21.80 38.56 -12.22
CA SER D 131 -21.84 38.55 -13.68
C SER D 131 -20.84 37.50 -14.07
N LYS D 132 -19.79 37.41 -13.28
CA LYS D 132 -18.77 36.39 -13.53
C LYS D 132 -19.33 35.00 -13.35
N SER D 133 -20.16 34.83 -12.34
CA SER D 133 -20.77 33.54 -12.12
C SER D 133 -22.08 33.36 -12.89
N THR D 134 -22.23 33.99 -14.05
CA THR D 134 -23.42 33.78 -14.87
C THR D 134 -22.96 33.38 -16.27
N SER D 135 -23.32 32.17 -16.66
CA SER D 135 -22.97 31.57 -17.95
C SER D 135 -24.25 31.43 -18.75
N GLY D 136 -24.65 32.52 -19.40
CA GLY D 136 -25.84 32.52 -20.21
C GLY D 136 -27.09 32.72 -19.38
N GLY D 137 -27.83 31.63 -19.20
CA GLY D 137 -29.02 31.63 -18.38
C GLY D 137 -28.77 30.80 -17.15
N THR D 138 -27.69 30.03 -17.18
CA THR D 138 -27.28 29.30 -15.99
C THR D 138 -26.28 30.15 -15.21
N ALA D 139 -26.37 30.08 -13.89
CA ALA D 139 -25.50 30.80 -12.97
C ALA D 139 -24.99 29.82 -11.93
N ALA D 140 -23.93 30.19 -11.23
CA ALA D 140 -23.36 29.32 -10.21
C ALA D 140 -23.21 29.97 -8.87
N LEU D 141 -23.50 29.21 -7.82
CA LEU D 141 -23.36 29.73 -6.44
C LEU D 141 -22.81 28.60 -5.56
N GLY D 142 -22.14 28.95 -4.47
CA GLY D 142 -21.49 27.92 -3.66
C GLY D 142 -21.23 28.33 -2.23
N CYS D 143 -20.90 27.36 -1.37
CA CYS D 143 -20.47 27.71 0.00
C CYS D 143 -19.07 27.13 0.21
N LEU D 144 -18.19 27.87 0.89
CA LEU D 144 -16.84 27.34 1.17
C LEU D 144 -16.84 26.84 2.61
N VAL D 145 -16.58 25.53 2.78
CA VAL D 145 -16.47 24.95 4.15
C VAL D 145 -14.97 24.91 4.43
N LYS D 146 -14.53 25.58 5.49
CA LYS D 146 -13.06 25.70 5.68
C LYS D 146 -12.66 25.52 7.14
N ASP D 147 -11.39 25.22 7.37
CA ASP D 147 -10.84 25.11 8.74
C ASP D 147 -11.53 24.08 9.63
N TYR D 148 -11.91 22.90 9.10
CA TYR D 148 -12.40 21.82 9.99
C TYR D 148 -11.39 20.67 10.00
N PHE D 149 -10.79 20.32 11.13
CA PHE D 149 -9.81 19.21 11.08
C PHE D 149 -10.33 17.79 10.81
N PRO D 150 -11.41 17.29 11.46
CA PRO D 150 -11.80 15.89 11.22
C PRO D 150 -12.38 15.83 9.81
N GLU D 151 -12.03 14.83 9.02
CA GLU D 151 -12.39 14.85 7.57
C GLU D 151 -13.88 14.80 7.23
N PRO D 152 -14.75 13.99 7.86
CA PRO D 152 -16.11 13.91 7.35
C PRO D 152 -16.86 15.24 7.47
N VAL D 153 -17.60 15.63 6.45
CA VAL D 153 -18.46 16.86 6.47
C VAL D 153 -19.52 16.66 5.39
N THR D 154 -20.78 16.93 5.71
CA THR D 154 -21.89 16.69 4.76
C THR D 154 -22.46 18.04 4.33
N VAL D 155 -22.57 18.28 3.02
CA VAL D 155 -23.14 19.55 2.53
C VAL D 155 -24.42 19.27 1.74
N SER D 156 -25.51 19.97 2.08
CA SER D 156 -26.79 19.82 1.37
C SER D 156 -27.32 21.22 1.07
N TRP D 157 -28.10 21.34 -0.01
CA TRP D 157 -28.67 22.66 -0.37
C TRP D 157 -30.18 22.64 -0.15
N ASN D 158 -30.70 23.65 0.56
CA ASN D 158 -32.16 23.73 0.77
C ASN D 158 -32.66 22.45 1.44
N SER D 159 -31.91 21.95 2.42
CA SER D 159 -32.34 20.76 3.19
C SER D 159 -32.57 19.58 2.25
N GLY D 160 -31.73 19.42 1.25
CA GLY D 160 -31.82 18.25 0.35
C GLY D 160 -32.85 18.46 -0.72
N ALA D 161 -33.43 19.66 -0.77
CA ALA D 161 -34.37 19.96 -1.86
C ALA D 161 -33.64 19.91 -3.20
N LEU D 162 -32.41 20.44 -3.27
CA LEU D 162 -31.77 20.43 -4.61
C LEU D 162 -30.65 19.40 -4.62
N THR D 163 -30.80 18.38 -5.45
CA THR D 163 -29.75 17.35 -5.64
C THR D 163 -29.24 17.49 -7.07
N SER D 164 -29.62 18.57 -7.76
CA SER D 164 -29.32 18.67 -9.20
C SER D 164 -28.27 19.76 -9.49
N GLY D 165 -27.26 19.42 -10.28
CA GLY D 165 -26.20 20.40 -10.62
C GLY D 165 -25.46 20.83 -9.39
N VAL D 166 -25.35 19.94 -8.40
CA VAL D 166 -24.60 20.26 -7.17
C VAL D 166 -23.34 19.41 -7.21
N HIS D 167 -22.19 20.06 -7.10
CA HIS D 167 -20.92 19.29 -7.02
C HIS D 167 -20.25 19.63 -5.69
N THR D 168 -19.90 18.60 -4.92
CA THR D 168 -19.14 18.87 -3.69
C THR D 168 -17.72 18.38 -3.97
N PHE D 169 -16.76 19.27 -3.90
CA PHE D 169 -15.35 18.93 -4.22
C PHE D 169 -14.72 18.11 -3.10
N PRO D 170 -13.77 17.23 -3.42
CA PRO D 170 -13.06 16.51 -2.37
C PRO D 170 -12.28 17.54 -1.54
N ALA D 171 -12.27 17.37 -0.23
CA ALA D 171 -11.57 18.32 0.66
C ALA D 171 -10.05 18.21 0.48
N VAL D 172 -9.35 19.33 0.63
CA VAL D 172 -7.86 19.32 0.51
C VAL D 172 -7.28 19.76 1.86
N LEU D 173 -6.32 18.99 2.37
CA LEU D 173 -5.63 19.41 3.62
C LEU D 173 -4.74 20.61 3.30
N GLN D 174 -4.47 21.44 4.29
CA GLN D 174 -3.75 22.71 4.07
C GLN D 174 -2.61 22.81 5.08
N SER D 175 -1.73 23.79 4.91
CA SER D 175 -0.53 23.95 5.76
C SER D 175 -1.04 24.07 7.19
N SER D 176 -2.23 24.63 7.36
CA SER D 176 -2.89 24.75 8.67
C SER D 176 -3.08 23.36 9.26
N GLY D 177 -3.37 22.36 8.43
CA GLY D 177 -3.74 21.03 8.94
C GLY D 177 -5.24 20.94 9.06
N LEU D 178 -5.92 21.95 8.54
CA LEU D 178 -7.39 21.99 8.54
C LEU D 178 -7.87 21.89 7.09
N TYR D 179 -8.84 21.02 6.82
CA TYR D 179 -9.38 20.80 5.45
C TYR D 179 -10.22 21.97 4.92
N SER D 180 -10.16 22.22 3.61
CA SER D 180 -11.06 23.22 2.98
C SER D 180 -11.80 22.55 1.82
N LEU D 181 -13.12 22.75 1.73
CA LEU D 181 -13.90 22.20 0.59
C LEU D 181 -14.86 23.26 0.04
N SER D 182 -15.22 23.16 -1.24
CA SER D 182 -16.22 24.06 -1.83
C SER D 182 -17.39 23.25 -2.39
N SER D 183 -18.64 23.61 -2.07
CA SER D 183 -19.80 22.94 -2.69
C SER D 183 -20.42 23.93 -3.66
N VAL D 184 -20.60 23.54 -4.92
CA VAL D 184 -21.08 24.50 -5.96
C VAL D 184 -22.36 23.96 -6.61
N VAL D 185 -23.36 24.83 -6.81
CA VAL D 185 -24.59 24.39 -7.53
C VAL D 185 -24.79 25.31 -8.73
N THR D 186 -25.32 24.77 -9.83
CA THR D 186 -25.60 25.58 -11.03
C THR D 186 -27.10 25.81 -11.08
N VAL D 187 -27.53 27.07 -11.13
CA VAL D 187 -28.98 27.40 -11.05
C VAL D 187 -29.31 28.42 -12.12
N PRO D 188 -30.59 28.51 -12.56
CA PRO D 188 -30.98 29.54 -13.53
C PRO D 188 -30.81 30.96 -12.98
N SER D 189 -30.34 31.87 -13.82
CA SER D 189 -30.17 33.30 -13.42
C SER D 189 -31.55 33.85 -13.09
N SER D 190 -32.56 33.42 -13.86
CA SER D 190 -33.93 33.94 -13.67
C SER D 190 -34.36 33.59 -12.26
N SER D 191 -33.98 32.41 -11.79
CA SER D 191 -34.31 31.97 -10.41
C SER D 191 -33.67 32.91 -9.41
N LEU D 192 -32.47 33.41 -9.69
CA LEU D 192 -31.76 34.18 -8.64
C LEU D 192 -32.63 35.37 -8.23
N GLY D 193 -32.74 35.59 -6.93
CA GLY D 193 -33.54 36.69 -6.38
C GLY D 193 -34.99 36.28 -6.28
N THR D 194 -35.31 35.08 -6.76
CA THR D 194 -36.69 34.56 -6.59
C THR D 194 -36.64 33.32 -5.70
N GLN D 195 -35.46 32.70 -5.58
CA GLN D 195 -35.33 31.44 -4.81
C GLN D 195 -34.30 31.58 -3.70
N THR D 196 -34.65 31.22 -2.46
CA THR D 196 -33.64 31.23 -1.38
C THR D 196 -32.62 30.13 -1.63
N TYR D 197 -31.34 30.39 -1.42
CA TYR D 197 -30.33 29.29 -1.51
C TYR D 197 -29.64 29.19 -0.16
N ILE D 198 -29.63 27.99 0.41
CA ILE D 198 -29.07 27.81 1.78
C ILE D 198 -28.18 26.56 1.79
N CYS D 199 -27.06 26.63 2.51
CA CYS D 199 -26.15 25.47 2.58
C CYS D 199 -26.32 24.81 3.94
N ASN D 200 -26.54 23.50 3.93
CA ASN D 200 -26.58 22.82 5.24
C ASN D 200 -25.27 22.04 5.35
N VAL D 201 -24.48 22.36 6.36
CA VAL D 201 -23.17 21.67 6.56
C VAL D 201 -23.22 21.02 7.93
N ASN D 202 -22.93 19.72 7.99
CA ASN D 202 -22.84 19.10 9.33
C ASN D 202 -21.40 18.59 9.49
N HIS D 203 -20.74 18.97 10.58
CA HIS D 203 -19.40 18.42 10.87
C HIS D 203 -19.61 17.54 12.09
N LYS D 204 -20.04 16.31 11.85
CA LYS D 204 -20.36 15.47 13.00
C LYS D 204 -19.23 15.32 14.03
N PRO D 205 -17.94 15.21 13.67
CA PRO D 205 -16.90 15.06 14.69
C PRO D 205 -16.93 16.14 15.74
N SER D 206 -17.55 17.26 15.42
CA SER D 206 -17.54 18.40 16.34
C SER D 206 -18.89 18.92 16.67
N ASN D 207 -19.93 18.25 16.21
CA ASN D 207 -21.29 18.71 16.44
C ASN D 207 -21.50 20.13 15.99
N THR D 208 -21.01 20.48 14.81
CA THR D 208 -21.22 21.79 14.29
C THR D 208 -22.15 21.69 13.11
N LYS D 209 -23.33 22.28 13.23
CA LYS D 209 -24.30 22.26 12.14
C LYS D 209 -24.57 23.70 11.79
N VAL D 210 -24.33 24.06 10.54
CA VAL D 210 -24.43 25.44 10.11
C VAL D 210 -25.29 25.52 8.86
N ASP D 211 -26.16 26.52 8.83
CA ASP D 211 -26.92 26.85 7.63
C ASP D 211 -26.48 28.23 7.21
N LYS D 212 -26.04 28.37 5.97
CA LYS D 212 -25.59 29.67 5.45
C LYS D 212 -26.39 30.03 4.22
N LYS D 213 -27.14 31.12 4.31
CA LYS D 213 -27.85 31.58 3.12
C LYS D 213 -26.87 32.28 2.19
N VAL D 214 -26.90 31.92 0.91
CA VAL D 214 -25.98 32.46 -0.07
C VAL D 214 -26.78 33.33 -1.01
N GLU D 215 -26.46 34.61 -1.04
CA GLU D 215 -27.23 35.55 -1.83
C GLU D 215 -26.33 36.30 -2.80
N PRO D 216 -26.91 36.91 -3.85
CA PRO D 216 -26.10 37.69 -4.80
C PRO D 216 -25.89 39.12 -4.34
N ASP E 1 -0.96 -15.48 2.95
CA ASP E 1 -2.09 -14.84 2.28
C ASP E 1 -2.06 -15.12 0.78
N VAL E 2 -3.26 -15.24 0.22
CA VAL E 2 -3.46 -15.30 -1.23
C VAL E 2 -3.62 -13.87 -1.74
N LEU E 3 -2.77 -13.47 -2.67
CA LEU E 3 -2.80 -12.11 -3.15
C LEU E 3 -3.58 -12.04 -4.46
N MET E 4 -4.45 -11.03 -4.56
CA MET E 4 -5.27 -10.79 -5.74
C MET E 4 -4.69 -9.62 -6.52
N THR E 5 -4.42 -9.83 -7.81
CA THR E 5 -3.83 -8.83 -8.69
C THR E 5 -4.79 -8.50 -9.82
N GLN E 6 -5.24 -7.24 -9.85
CA GLN E 6 -6.27 -6.73 -10.76
C GLN E 6 -5.60 -5.97 -11.90
N THR E 7 -5.84 -6.39 -13.13
CA THR E 7 -4.87 -6.06 -14.18
C THR E 7 -4.98 -4.66 -14.72
N PRO E 8 -6.15 -4.16 -15.16
CA PRO E 8 -6.15 -2.74 -15.64
C PRO E 8 -6.36 -1.85 -14.43
N LEU E 9 -5.39 -0.97 -14.10
CA LEU E 9 -5.61 -0.04 -12.99
C LEU E 9 -6.73 0.95 -13.30
N SER E 10 -6.76 1.46 -14.53
CA SER E 10 -7.81 2.34 -15.02
C SER E 10 -8.23 1.82 -16.39
N LEU E 11 -9.53 1.80 -16.65
CA LEU E 11 -10.06 1.27 -17.90
C LEU E 11 -11.05 2.23 -18.54
N PRO E 12 -10.70 2.90 -19.63
CA PRO E 12 -11.62 3.83 -20.29
C PRO E 12 -12.44 3.08 -21.31
N VAL E 13 -13.72 3.42 -21.40
CA VAL E 13 -14.62 2.64 -22.24
C VAL E 13 -15.77 3.54 -22.68
N SER E 14 -16.18 3.40 -23.96
CA SER E 14 -17.29 4.20 -24.47
C SER E 14 -18.63 3.60 -24.05
N LEU E 15 -19.67 4.42 -24.13
CA LEU E 15 -21.00 3.94 -23.79
C LEU E 15 -21.44 2.90 -24.81
N GLY E 16 -21.98 1.79 -24.33
CA GLY E 16 -22.35 0.69 -25.19
C GLY E 16 -21.23 -0.25 -25.58
N ASP E 17 -20.01 0.03 -25.16
CA ASP E 17 -18.92 -0.90 -25.45
C ASP E 17 -18.76 -1.91 -24.33
N GLN E 18 -17.69 -2.69 -24.38
CA GLN E 18 -17.51 -3.74 -23.40
C GLN E 18 -16.28 -3.55 -22.58
N ALA E 19 -16.43 -3.67 -21.27
CA ALA E 19 -15.30 -3.56 -20.40
C ALA E 19 -14.86 -4.92 -19.92
N SER E 20 -13.57 -5.15 -19.81
CA SER E 20 -13.02 -6.41 -19.32
C SER E 20 -11.99 -6.10 -18.24
N ILE E 21 -12.30 -6.49 -17.01
CA ILE E 21 -11.39 -6.34 -15.88
C ILE E 21 -10.83 -7.72 -15.55
N SER E 22 -9.54 -7.78 -15.25
CA SER E 22 -8.89 -9.05 -14.97
C SER E 22 -8.46 -9.12 -13.52
N CYS E 23 -8.42 -10.34 -12.99
CA CYS E 23 -8.04 -10.62 -11.61
C CYS E 23 -7.34 -11.96 -11.58
N ARG E 24 -6.11 -11.99 -11.09
CA ARG E 24 -5.34 -13.22 -10.94
C ARG E 24 -5.09 -13.47 -9.46
N SER E 25 -5.29 -14.71 -9.02
CA SER E 25 -5.03 -15.08 -7.64
C SER E 25 -3.65 -15.71 -7.57
N SER E 26 -2.89 -15.42 -6.49
CA SER E 26 -1.52 -15.90 -6.47
C SER E 26 -1.42 -17.40 -6.24
N GLN E 27 -2.51 -18.05 -5.89
CA GLN E 27 -2.54 -19.49 -5.85
C GLN E 27 -3.98 -19.89 -6.18
N SER E 28 -4.18 -21.18 -6.41
CA SER E 28 -5.52 -21.68 -6.65
C SER E 28 -6.47 -21.28 -5.53
N ILE E 29 -7.70 -21.00 -5.95
CA ILE E 29 -8.76 -20.42 -5.15
C ILE E 29 -9.96 -21.37 -5.07
N VAL E 30 -9.78 -22.61 -5.53
CA VAL E 30 -10.78 -23.66 -5.43
C VAL E 30 -10.71 -24.23 -4.01
N HIS E 31 -11.83 -24.20 -3.30
CA HIS E 31 -11.97 -24.64 -1.92
C HIS E 31 -12.13 -26.16 -1.91
N SER E 32 -12.03 -26.74 -0.72
CA SER E 32 -12.19 -28.19 -0.64
C SER E 32 -13.60 -28.63 -0.99
N ASN E 33 -14.60 -27.76 -0.80
CA ASN E 33 -15.94 -28.12 -1.20
C ASN E 33 -16.16 -28.01 -2.70
N GLY E 34 -15.14 -27.61 -3.46
CA GLY E 34 -15.24 -27.51 -4.91
C GLY E 34 -15.68 -26.16 -5.41
N ASN E 35 -16.11 -25.25 -4.55
CA ASN E 35 -16.53 -23.95 -5.02
C ASN E 35 -15.35 -23.01 -4.99
N THR E 36 -15.43 -21.99 -5.83
CA THR E 36 -14.43 -20.95 -5.92
C THR E 36 -15.11 -19.67 -5.43
N TYR E 37 -14.75 -19.23 -4.23
CA TYR E 37 -15.37 -18.03 -3.67
C TYR E 37 -14.64 -16.78 -4.18
N LEU E 38 -14.70 -16.62 -5.51
CA LEU E 38 -14.21 -15.44 -6.21
C LEU E 38 -15.40 -14.53 -6.41
N GLU E 39 -15.24 -13.26 -6.04
CA GLU E 39 -16.32 -12.29 -6.00
C GLU E 39 -15.87 -10.96 -6.60
N TRP E 40 -16.84 -10.21 -7.12
CA TRP E 40 -16.62 -8.88 -7.64
C TRP E 40 -17.56 -7.90 -6.94
N TYR E 41 -16.99 -6.78 -6.48
CA TYR E 41 -17.66 -5.67 -5.81
C TYR E 41 -17.49 -4.40 -6.63
N LEU E 42 -18.54 -3.58 -6.69
CA LEU E 42 -18.46 -2.25 -7.29
C LEU E 42 -18.69 -1.24 -6.18
N GLN E 43 -17.86 -0.19 -6.19
CA GLN E 43 -17.98 0.95 -5.30
C GLN E 43 -18.17 2.21 -6.15
N LYS E 44 -19.41 2.68 -6.23
CA LYS E 44 -19.69 3.92 -6.93
C LYS E 44 -19.22 5.10 -6.08
N PRO E 45 -18.91 6.25 -6.70
CA PRO E 45 -18.45 7.41 -5.95
C PRO E 45 -19.40 7.78 -4.82
N GLY E 46 -18.86 7.88 -3.61
CA GLY E 46 -19.61 8.29 -2.44
C GLY E 46 -20.35 7.18 -1.72
N GLN E 47 -20.23 5.94 -2.17
CA GLN E 47 -21.02 4.84 -1.62
C GLN E 47 -20.11 3.75 -1.08
N SER E 48 -20.73 2.83 -0.35
CA SER E 48 -20.06 1.61 0.05
C SER E 48 -19.93 0.66 -1.11
N PRO E 49 -18.95 -0.23 -1.04
CA PRO E 49 -18.89 -1.29 -2.03
C PRO E 49 -20.20 -2.08 -2.07
N GLN E 50 -20.50 -2.67 -3.21
CA GLN E 50 -21.68 -3.50 -3.31
C GLN E 50 -21.33 -4.73 -4.13
N LEU E 51 -21.98 -5.84 -3.78
CA LEU E 51 -21.71 -7.12 -4.43
C LEU E 51 -22.35 -7.17 -5.81
N LEU E 52 -21.57 -7.61 -6.79
CA LEU E 52 -22.05 -7.85 -8.14
C LEU E 52 -22.06 -9.32 -8.47
N ILE E 53 -20.95 -9.99 -8.22
CA ILE E 53 -20.78 -11.38 -8.62
C ILE E 53 -20.21 -12.16 -7.44
N TYR E 54 -20.74 -13.35 -7.22
CA TYR E 54 -20.13 -14.24 -6.26
C TYR E 54 -19.99 -15.58 -6.95
N LYS E 55 -19.10 -16.41 -6.39
CA LYS E 55 -18.77 -17.73 -6.94
C LYS E 55 -18.43 -17.65 -8.42
N VAL E 56 -17.55 -16.71 -8.75
CA VAL E 56 -16.93 -16.52 -10.05
C VAL E 56 -17.88 -15.94 -11.09
N SER E 57 -19.06 -16.55 -11.27
CA SER E 57 -20.01 -16.18 -12.32
C SER E 57 -21.46 -15.95 -11.88
N ASN E 58 -21.82 -16.09 -10.61
CA ASN E 58 -23.20 -15.89 -10.15
C ASN E 58 -23.52 -14.43 -9.89
N ARG E 59 -24.54 -13.91 -10.56
CA ARG E 59 -24.92 -12.51 -10.37
C ARG E 59 -25.72 -12.32 -9.07
N PHE E 60 -25.28 -11.40 -8.23
CA PHE E 60 -26.03 -11.09 -7.02
C PHE E 60 -27.37 -10.49 -7.40
N SER E 61 -28.37 -10.71 -6.54
CA SER E 61 -29.73 -10.29 -6.90
C SER E 61 -29.78 -8.78 -7.05
N GLY E 62 -30.38 -8.34 -8.15
CA GLY E 62 -30.42 -6.94 -8.54
C GLY E 62 -29.41 -6.55 -9.61
N VAL E 63 -28.32 -7.31 -9.74
CA VAL E 63 -27.31 -7.01 -10.75
C VAL E 63 -27.85 -7.33 -12.13
N PRO E 64 -27.77 -6.35 -13.08
CA PRO E 64 -28.21 -6.75 -14.43
C PRO E 64 -27.39 -7.77 -15.18
N ASP E 65 -27.95 -8.28 -16.26
CA ASP E 65 -27.30 -9.28 -17.08
C ASP E 65 -26.03 -8.81 -17.74
N ARG E 66 -25.98 -7.55 -18.09
CA ARG E 66 -24.79 -6.99 -18.73
C ARG E 66 -23.54 -7.21 -17.93
N PHE E 67 -23.69 -7.55 -16.66
CA PHE E 67 -22.53 -7.88 -15.85
C PHE E 67 -22.32 -9.39 -15.85
N SER E 68 -21.07 -9.83 -15.97
CA SER E 68 -20.79 -11.23 -16.27
C SER E 68 -19.42 -11.61 -15.78
N GLY E 69 -19.34 -12.60 -14.88
CA GLY E 69 -18.07 -13.08 -14.37
C GLY E 69 -17.71 -14.43 -14.98
N SER E 70 -16.42 -14.60 -15.28
CA SER E 70 -15.91 -15.87 -15.77
C SER E 70 -14.56 -16.10 -15.13
N GLY E 71 -14.02 -17.29 -15.33
CA GLY E 71 -12.73 -17.57 -14.77
C GLY E 71 -12.49 -19.05 -14.56
N SER E 72 -11.22 -19.35 -14.31
CA SER E 72 -10.70 -20.72 -14.17
C SER E 72 -9.40 -20.67 -13.37
N GLY E 73 -9.38 -21.37 -12.25
CA GLY E 73 -8.16 -21.61 -11.52
C GLY E 73 -7.66 -20.38 -10.80
N THR E 74 -6.94 -19.54 -11.56
CA THR E 74 -6.43 -18.28 -11.02
C THR E 74 -6.74 -17.10 -11.93
N ASP E 75 -7.37 -17.31 -13.07
CA ASP E 75 -7.70 -16.23 -13.99
C ASP E 75 -9.19 -15.97 -13.94
N PHE E 76 -9.58 -14.80 -13.46
CA PHE E 76 -10.97 -14.41 -13.45
C PHE E 76 -11.07 -13.09 -14.20
N THR E 77 -12.13 -12.93 -14.98
CA THR E 77 -12.39 -11.66 -15.63
C THR E 77 -13.85 -11.30 -15.41
N LEU E 78 -14.09 -10.00 -15.22
CA LEU E 78 -15.42 -9.43 -15.18
C LEU E 78 -15.68 -8.66 -16.45
N LYS E 79 -16.80 -8.91 -17.09
CA LYS E 79 -17.20 -8.20 -18.29
C LYS E 79 -18.46 -7.40 -18.03
N ILE E 80 -18.40 -6.12 -18.39
CA ILE E 80 -19.58 -5.27 -18.46
C ILE E 80 -19.77 -4.95 -19.93
N ASN E 81 -20.67 -5.65 -20.59
CA ASN E 81 -20.98 -5.34 -21.95
C ASN E 81 -22.07 -4.30 -21.88
N ARG E 82 -22.21 -3.49 -22.93
CA ARG E 82 -23.14 -2.37 -22.92
C ARG E 82 -22.96 -1.43 -21.76
N VAL E 83 -21.72 -1.00 -21.52
CA VAL E 83 -21.45 -0.05 -20.45
C VAL E 83 -22.41 1.13 -20.42
N GLU E 84 -23.04 1.35 -19.27
CA GLU E 84 -23.91 2.48 -19.10
C GLU E 84 -23.09 3.46 -18.28
N ALA E 85 -23.50 4.71 -18.25
CA ALA E 85 -22.73 5.73 -17.55
C ALA E 85 -22.61 5.53 -16.07
N GLU E 86 -23.68 5.05 -15.45
CA GLU E 86 -23.70 4.85 -14.01
C GLU E 86 -22.79 3.74 -13.57
N ASP E 87 -22.31 2.95 -14.51
CA ASP E 87 -21.41 1.87 -14.20
C ASP E 87 -20.05 2.34 -13.72
N LEU E 88 -19.75 3.61 -13.84
CA LEU E 88 -18.47 4.15 -13.39
C LEU E 88 -18.23 3.99 -11.91
N GLY E 89 -16.99 3.70 -11.56
CA GLY E 89 -16.65 3.52 -10.18
C GLY E 89 -15.43 2.67 -10.02
N LEU E 90 -15.23 2.16 -8.82
CA LEU E 90 -14.12 1.28 -8.57
C LEU E 90 -14.57 -0.16 -8.48
N TYR E 91 -13.87 -1.05 -9.16
CA TYR E 91 -14.23 -2.46 -9.20
C TYR E 91 -13.18 -3.23 -8.40
N TYR E 92 -13.62 -4.14 -7.54
CA TYR E 92 -12.70 -4.94 -6.73
C TYR E 92 -12.99 -6.43 -6.90
N CYS E 93 -11.97 -7.21 -7.18
CA CYS E 93 -12.18 -8.63 -6.94
C CYS E 93 -11.77 -8.98 -5.52
N PHE E 94 -12.23 -10.14 -5.09
CA PHE E 94 -12.14 -10.52 -3.70
C PHE E 94 -12.24 -12.03 -3.64
N GLN E 95 -11.50 -12.60 -2.70
CA GLN E 95 -11.47 -14.05 -2.53
C GLN E 95 -11.81 -14.38 -1.10
N ALA E 96 -12.69 -15.36 -0.91
CA ALA E 96 -12.98 -15.92 0.41
C ALA E 96 -12.79 -17.43 0.42
N SER E 97 -11.93 -17.96 -0.44
CA SER E 97 -11.56 -19.37 -0.40
C SER E 97 -10.54 -19.70 0.68
N HIS E 98 -9.76 -18.71 1.12
CA HIS E 98 -8.74 -18.81 2.15
C HIS E 98 -8.90 -17.66 3.15
N VAL E 99 -8.71 -17.94 4.44
CA VAL E 99 -8.56 -16.88 5.43
C VAL E 99 -7.07 -16.54 5.51
N PRO E 100 -6.68 -15.26 5.49
CA PRO E 100 -7.50 -14.04 5.43
C PRO E 100 -8.13 -13.79 4.07
N TYR E 101 -9.37 -13.35 4.06
CA TYR E 101 -9.98 -12.89 2.83
C TYR E 101 -9.18 -11.73 2.29
N THR E 102 -9.02 -11.64 0.97
CA THR E 102 -8.19 -10.60 0.38
C THR E 102 -8.88 -9.96 -0.82
N PHE E 103 -8.58 -8.68 -1.04
CA PHE E 103 -9.15 -7.93 -2.15
C PHE E 103 -8.09 -7.68 -3.20
N GLY E 104 -8.55 -7.37 -4.41
CA GLY E 104 -7.65 -6.86 -5.42
C GLY E 104 -7.47 -5.36 -5.29
N GLY E 105 -6.46 -4.85 -5.98
CA GLY E 105 -6.12 -3.45 -5.88
C GLY E 105 -7.17 -2.50 -6.40
N GLY E 106 -8.12 -2.99 -7.17
CA GLY E 106 -9.14 -2.11 -7.70
C GLY E 106 -8.87 -1.73 -9.15
N THR E 107 -9.93 -1.35 -9.83
CA THR E 107 -9.91 -0.90 -11.23
C THR E 107 -10.91 0.24 -11.32
N LYS E 108 -10.46 1.43 -11.74
CA LYS E 108 -11.43 2.51 -11.93
C LYS E 108 -11.87 2.50 -13.38
N LEU E 109 -13.19 2.57 -13.59
CA LEU E 109 -13.75 2.60 -14.93
C LEU E 109 -14.10 4.02 -15.27
N GLU E 110 -13.66 4.48 -16.44
CA GLU E 110 -13.96 5.84 -16.87
C GLU E 110 -14.79 5.76 -18.11
N ILE E 111 -15.80 6.62 -18.20
CA ILE E 111 -16.66 6.59 -19.35
C ILE E 111 -16.17 7.56 -20.38
N LYS E 112 -15.80 7.07 -21.55
CA LYS E 112 -15.35 7.92 -22.62
C LYS E 112 -16.54 8.67 -23.10
N ARG E 113 -16.37 9.95 -23.33
CA ARG E 113 -17.49 10.80 -23.69
C ARG E 113 -16.97 11.73 -24.74
N THR E 114 -17.86 12.39 -25.46
CA THR E 114 -17.44 13.38 -26.42
C THR E 114 -16.79 14.53 -25.69
N VAL E 115 -15.82 15.18 -26.33
CA VAL E 115 -15.13 16.27 -25.72
C VAL E 115 -16.12 17.33 -25.38
N ALA E 116 -16.04 17.82 -24.17
CA ALA E 116 -16.96 18.82 -23.72
C ALA E 116 -16.11 19.84 -23.07
N ALA E 117 -16.55 21.08 -23.09
CA ALA E 117 -15.74 22.14 -22.57
C ALA E 117 -16.21 22.63 -21.21
N PRO E 118 -15.29 23.24 -20.39
CA PRO E 118 -15.81 23.63 -19.08
C PRO E 118 -16.43 25.01 -19.15
N SER E 119 -17.42 25.24 -18.29
CA SER E 119 -17.87 26.59 -17.99
C SER E 119 -17.03 27.12 -16.83
N VAL E 120 -16.52 28.34 -16.96
CA VAL E 120 -15.54 28.88 -16.02
C VAL E 120 -16.16 30.04 -15.26
N PHE E 121 -16.05 30.01 -13.94
CA PHE E 121 -16.59 31.07 -13.09
C PHE E 121 -15.58 31.44 -12.04
N ILE E 122 -15.52 32.73 -11.69
CA ILE E 122 -14.67 33.20 -10.60
C ILE E 122 -15.56 33.73 -9.49
N PHE E 123 -15.17 33.45 -8.24
CA PHE E 123 -15.84 33.90 -7.03
C PHE E 123 -14.81 34.64 -6.19
N PRO E 124 -15.01 35.93 -5.90
CA PRO E 124 -14.08 36.65 -5.03
C PRO E 124 -14.43 36.41 -3.58
N PRO E 125 -13.52 36.68 -2.63
CA PRO E 125 -13.76 36.24 -1.25
C PRO E 125 -14.93 36.96 -0.63
N SER E 126 -15.71 36.23 0.16
CA SER E 126 -16.78 36.84 0.94
C SER E 126 -16.19 37.80 1.96
N ASP E 127 -16.92 38.90 2.20
CA ASP E 127 -16.48 39.85 3.23
C ASP E 127 -16.54 39.23 4.62
N GLU E 128 -17.32 38.16 4.77
CA GLU E 128 -17.37 37.49 6.06
C GLU E 128 -16.03 36.82 6.31
N GLN E 129 -15.50 36.15 5.28
CA GLN E 129 -14.14 35.64 5.32
C GLN E 129 -13.12 36.77 5.38
N LEU E 130 -13.40 37.91 4.74
CA LEU E 130 -12.44 38.99 4.86
C LEU E 130 -12.32 39.42 6.32
N LYS E 131 -13.39 39.23 7.11
CA LYS E 131 -13.24 39.48 8.55
C LYS E 131 -12.14 38.59 9.14
N SER E 132 -12.02 37.35 8.68
CA SER E 132 -11.04 36.40 9.20
C SER E 132 -9.59 36.77 8.89
N GLY E 133 -9.34 37.72 8.00
CA GLY E 133 -7.98 38.03 7.64
C GLY E 133 -7.44 37.16 6.53
N THR E 134 -8.28 36.33 5.93
CA THR E 134 -7.95 35.43 4.84
C THR E 134 -8.82 35.77 3.63
N ALA E 135 -8.29 35.50 2.44
CA ALA E 135 -9.03 35.74 1.20
C ALA E 135 -8.96 34.47 0.37
N SER E 136 -10.09 33.88 0.07
CA SER E 136 -10.13 32.71 -0.80
C SER E 136 -10.90 33.08 -2.05
N VAL E 137 -10.22 33.06 -3.18
CA VAL E 137 -10.87 33.28 -4.48
C VAL E 137 -10.91 31.94 -5.20
N VAL E 138 -12.11 31.55 -5.64
CA VAL E 138 -12.34 30.22 -6.21
C VAL E 138 -12.60 30.35 -7.69
N CYS E 139 -11.97 29.49 -8.49
CA CYS E 139 -12.25 29.38 -9.90
C CYS E 139 -12.86 28.00 -10.15
N LEU E 140 -13.92 27.97 -10.95
CA LEU E 140 -14.72 26.77 -11.14
C LEU E 140 -14.74 26.41 -12.61
N LEU E 141 -14.31 25.20 -12.93
CA LEU E 141 -14.45 24.62 -14.26
C LEU E 141 -15.53 23.56 -14.15
N ASN E 142 -16.68 23.78 -14.77
CA ASN E 142 -17.80 22.86 -14.62
C ASN E 142 -18.12 22.06 -15.85
N ASN E 143 -18.45 20.80 -15.67
CA ASN E 143 -18.85 19.95 -16.78
C ASN E 143 -17.97 19.76 -18.03
N PHE E 144 -16.71 19.42 -17.84
CA PHE E 144 -15.81 19.16 -18.96
C PHE E 144 -15.43 17.68 -19.04
N TYR E 145 -15.50 17.06 -20.21
CA TYR E 145 -15.08 15.67 -20.23
C TYR E 145 -13.60 15.31 -20.11
N PRO E 146 -12.74 15.80 -21.05
CA PRO E 146 -11.37 15.35 -20.78
C PRO E 146 -10.89 15.91 -19.46
N ARG E 147 -10.48 15.07 -18.52
CA ARG E 147 -10.13 15.57 -17.20
C ARG E 147 -8.97 16.52 -17.28
N GLU E 148 -8.04 16.22 -18.16
CA GLU E 148 -6.89 17.06 -18.31
C GLU E 148 -7.23 18.52 -18.59
N ALA E 149 -6.86 19.41 -17.68
CA ALA E 149 -7.16 20.81 -17.84
C ALA E 149 -6.10 21.60 -17.13
N LYS E 150 -5.86 22.84 -17.55
CA LYS E 150 -4.79 23.63 -16.95
C LYS E 150 -5.40 24.86 -16.38
N VAL E 151 -5.00 25.26 -15.18
CA VAL E 151 -5.67 26.40 -14.53
C VAL E 151 -4.62 27.34 -13.97
N GLN E 152 -4.43 28.49 -14.62
CA GLN E 152 -3.41 29.42 -14.19
C GLN E 152 -4.08 30.61 -13.54
N TRP E 153 -3.49 31.06 -12.44
CA TRP E 153 -4.01 32.18 -11.72
C TRP E 153 -3.05 33.29 -11.91
N LYS E 154 -3.56 34.47 -12.25
CA LYS E 154 -2.70 35.64 -12.34
C LYS E 154 -3.21 36.77 -11.50
N VAL E 155 -2.39 37.30 -10.61
CA VAL E 155 -2.81 38.49 -9.89
C VAL E 155 -2.02 39.60 -10.53
N ASP E 156 -2.70 40.63 -11.01
CA ASP E 156 -2.02 41.69 -11.75
C ASP E 156 -1.23 41.10 -12.88
N ASN E 157 -1.82 40.16 -13.58
CA ASN E 157 -1.16 39.52 -14.72
C ASN E 157 0.21 38.96 -14.39
N ALA E 158 0.35 38.40 -13.20
CA ALA E 158 1.60 37.79 -12.82
C ALA E 158 1.28 36.38 -12.39
N LEU E 159 1.99 35.42 -12.95
CA LEU E 159 1.75 34.03 -12.60
C LEU E 159 2.02 33.85 -11.13
N GLN E 160 1.18 33.07 -10.49
CA GLN E 160 1.33 32.84 -9.07
C GLN E 160 1.77 31.43 -8.81
N SER E 161 2.72 31.26 -7.89
CA SER E 161 3.21 29.93 -7.57
C SER E 161 3.06 29.56 -6.14
N GLY E 162 2.59 28.35 -5.87
CA GLY E 162 2.53 27.88 -4.51
C GLY E 162 1.38 28.31 -3.65
N ASN E 163 0.44 29.03 -4.23
CA ASN E 163 -0.67 29.53 -3.46
C ASN E 163 -2.02 28.94 -3.82
N SER E 164 -2.07 28.07 -4.83
CA SER E 164 -3.33 27.52 -5.29
C SER E 164 -3.55 26.03 -5.08
N GLN E 165 -4.75 25.64 -4.63
CA GLN E 165 -5.08 24.23 -4.46
C GLN E 165 -6.23 23.80 -5.36
N GLU E 166 -6.06 22.72 -6.13
CA GLU E 166 -7.08 22.21 -7.02
C GLU E 166 -7.70 20.93 -6.48
N SER E 167 -8.94 20.71 -6.86
CA SER E 167 -9.72 19.57 -6.40
C SER E 167 -10.68 19.20 -7.51
N VAL E 168 -10.77 17.92 -7.85
CA VAL E 168 -11.62 17.47 -8.95
C VAL E 168 -12.64 16.47 -8.43
N THR E 169 -13.84 16.50 -8.99
CA THR E 169 -14.87 15.57 -8.62
C THR E 169 -14.70 14.35 -9.46
N GLU E 170 -15.42 13.30 -9.11
CA GLU E 170 -15.39 12.11 -9.91
C GLU E 170 -16.33 12.30 -11.06
N GLN E 171 -16.25 11.44 -12.04
CA GLN E 171 -17.05 11.60 -13.22
C GLN E 171 -18.51 11.54 -12.86
N ASP E 172 -19.29 12.36 -13.53
CA ASP E 172 -20.69 12.42 -13.20
C ASP E 172 -21.35 11.17 -13.63
N SER E 173 -22.29 10.74 -12.82
CA SER E 173 -23.03 9.57 -13.14
C SER E 173 -23.80 9.82 -14.41
N LYS E 174 -24.35 11.01 -14.55
CA LYS E 174 -25.15 11.29 -15.71
C LYS E 174 -24.45 11.90 -16.90
N ASP E 175 -23.70 12.95 -16.71
CA ASP E 175 -23.12 13.64 -17.85
C ASP E 175 -21.81 13.07 -18.23
N SER E 176 -21.27 12.17 -17.41
CA SER E 176 -19.95 11.62 -17.63
C SER E 176 -18.95 12.73 -17.71
N THR E 177 -19.09 13.72 -16.82
CA THR E 177 -18.22 14.87 -16.85
C THR E 177 -17.54 15.14 -15.54
N TYR E 178 -16.52 15.98 -15.58
CA TYR E 178 -15.76 16.29 -14.40
C TYR E 178 -15.91 17.74 -14.04
N SER E 179 -15.68 18.10 -12.78
CA SER E 179 -15.71 19.49 -12.38
C SER E 179 -14.45 19.75 -11.55
N LEU E 180 -13.96 20.98 -11.48
CA LEU E 180 -12.68 21.30 -10.84
C LEU E 180 -12.81 22.63 -10.13
N SER E 181 -12.30 22.69 -8.90
CA SER E 181 -12.23 23.92 -8.12
C SER E 181 -10.76 24.25 -7.92
N SER E 182 -10.36 25.43 -8.35
CA SER E 182 -9.02 25.93 -8.09
C SER E 182 -9.18 27.09 -7.15
N THR E 183 -8.81 26.92 -5.89
CA THR E 183 -8.94 28.00 -4.93
C THR E 183 -7.57 28.59 -4.64
N LEU E 184 -7.47 29.90 -4.79
CA LEU E 184 -6.29 30.69 -4.48
C LEU E 184 -6.50 31.35 -3.13
N THR E 185 -5.62 31.03 -2.17
CA THR E 185 -5.76 31.48 -0.80
C THR E 185 -4.67 32.46 -0.49
N LEU E 186 -5.04 33.68 -0.11
CA LEU E 186 -4.07 34.70 0.22
C LEU E 186 -4.47 35.34 1.50
N SER E 187 -3.62 36.19 2.04
CA SER E 187 -3.99 36.93 3.23
C SER E 187 -4.81 38.14 2.85
N LYS E 188 -5.46 38.75 3.82
CA LYS E 188 -6.20 39.96 3.52
C LYS E 188 -5.24 41.02 3.04
N ALA E 189 -4.07 41.09 3.65
CA ALA E 189 -3.10 42.08 3.26
C ALA E 189 -2.67 41.91 1.83
N ASP E 190 -2.38 40.69 1.44
CA ASP E 190 -2.01 40.43 0.05
C ASP E 190 -3.17 40.67 -0.88
N TYR E 191 -4.38 40.36 -0.44
CA TYR E 191 -5.54 40.59 -1.27
C TYR E 191 -5.78 42.06 -1.39
N GLU E 192 -5.46 42.82 -0.34
CA GLU E 192 -5.74 44.25 -0.36
C GLU E 192 -4.95 44.92 -1.45
N LYS E 193 -3.72 44.48 -1.64
CA LYS E 193 -2.93 45.01 -2.73
C LYS E 193 -3.36 44.44 -4.08
N HIS E 194 -2.59 44.69 -5.13
CA HIS E 194 -2.86 44.15 -6.46
C HIS E 194 -4.10 44.52 -7.23
N LYS E 195 -5.29 44.25 -6.72
CA LYS E 195 -6.55 44.54 -7.44
C LYS E 195 -6.99 43.63 -8.62
N LEU E 196 -6.17 43.39 -9.62
CA LEU E 196 -6.61 42.48 -10.68
C LEU E 196 -6.40 41.02 -10.31
N TYR E 197 -7.46 40.23 -10.31
CA TYR E 197 -7.34 38.81 -10.02
C TYR E 197 -7.92 38.05 -11.17
N ALA E 198 -7.15 37.15 -11.77
CA ALA E 198 -7.61 36.46 -12.96
C ALA E 198 -7.28 34.98 -13.01
N CYS E 199 -8.15 34.18 -13.68
CA CYS E 199 -7.84 32.78 -13.86
C CYS E 199 -8.00 32.34 -15.29
N GLU E 200 -6.93 31.77 -15.85
CA GLU E 200 -6.98 31.35 -17.23
C GLU E 200 -7.02 29.84 -17.34
N VAL E 201 -8.02 29.33 -18.04
CA VAL E 201 -8.15 27.91 -18.15
C VAL E 201 -7.88 27.40 -19.54
N THR E 202 -7.11 26.33 -19.61
CA THR E 202 -6.78 25.75 -20.88
C THR E 202 -7.29 24.33 -20.89
N HIS E 203 -8.06 23.97 -21.91
CA HIS E 203 -8.67 22.66 -22.02
C HIS E 203 -8.73 22.26 -23.48
N GLN E 204 -8.63 20.94 -23.69
CA GLN E 204 -8.64 20.38 -25.04
C GLN E 204 -9.82 20.91 -25.86
N GLY E 205 -10.98 21.08 -25.21
CA GLY E 205 -12.12 21.59 -25.94
C GLY E 205 -12.36 23.09 -25.90
N LEU E 206 -11.31 23.89 -25.66
CA LEU E 206 -11.52 25.36 -25.54
C LEU E 206 -10.33 26.11 -26.15
N SER E 207 -10.35 27.45 -26.10
CA SER E 207 -9.23 28.26 -26.64
C SER E 207 -8.76 29.32 -25.63
N SER E 208 -8.06 28.91 -24.57
CA SER E 208 -7.46 29.86 -23.60
C SER E 208 -8.48 30.85 -23.00
N PRO E 209 -9.69 30.45 -22.56
CA PRO E 209 -10.61 31.39 -21.89
C PRO E 209 -10.09 31.93 -20.55
N VAL E 210 -10.35 33.21 -20.26
CA VAL E 210 -9.93 33.85 -18.98
C VAL E 210 -11.12 34.49 -18.29
N THR E 211 -11.27 34.30 -16.99
CA THR E 211 -12.33 35.03 -16.25
C THR E 211 -11.59 35.92 -15.24
N LYS E 212 -11.87 37.22 -15.21
CA LYS E 212 -11.12 38.15 -14.34
C LYS E 212 -12.07 39.05 -13.54
N SER E 213 -11.76 39.29 -12.26
CA SER E 213 -12.57 40.24 -11.48
C SER E 213 -11.69 41.38 -10.94
N PHE E 214 -12.11 42.63 -11.14
CA PHE E 214 -11.39 43.77 -10.54
C PHE E 214 -11.66 43.72 -9.03
N ASN E 215 -10.71 44.15 -8.21
CA ASN E 215 -10.90 43.98 -6.75
C ASN E 215 -12.15 44.74 -6.30
N ARG E 216 -12.36 45.95 -6.81
CA ARG E 216 -13.58 46.75 -6.49
C ARG E 216 -14.27 46.16 -5.25
N ASN F 1 -16.41 -48.82 41.12
CA ASN F 1 -15.46 -48.09 40.29
C ASN F 1 -14.77 -46.99 41.08
N ASN F 2 -13.44 -46.97 41.07
CA ASN F 2 -12.72 -45.99 41.84
C ASN F 2 -11.94 -45.11 40.92
N ILE F 3 -11.97 -43.83 41.16
CA ILE F 3 -11.30 -42.91 40.29
C ILE F 3 -10.36 -42.09 41.10
N CYS F 4 -9.45 -41.43 40.42
CA CYS F 4 -8.54 -40.58 41.10
C CYS F 4 -9.29 -39.47 41.78
N LEU F 5 -8.98 -39.22 43.05
CA LEU F 5 -9.73 -38.23 43.81
C LEU F 5 -8.89 -37.05 44.21
N GLN F 6 -7.69 -36.96 43.67
CA GLN F 6 -6.82 -35.90 44.11
C GLN F 6 -6.48 -34.93 43.01
N LYS F 7 -6.35 -33.67 43.37
CA LYS F 7 -5.94 -32.71 42.38
C LYS F 7 -4.52 -33.01 42.01
N THR F 8 -4.25 -33.10 40.71
CA THR F 8 -2.92 -33.34 40.27
C THR F 8 -2.61 -32.58 39.00
N SER F 9 -1.35 -32.26 38.79
CA SER F 9 -0.93 -31.55 37.61
C SER F 9 -0.37 -32.56 36.68
N ASN F 10 -0.41 -33.80 37.10
CA ASN F 10 0.12 -34.87 36.29
C ASN F 10 -0.81 -35.09 35.14
N GLN F 11 -0.25 -35.36 33.97
CA GLN F 11 -1.10 -35.50 32.79
C GLN F 11 -1.54 -36.97 32.68
N ILE F 12 -2.46 -37.33 33.57
CA ILE F 12 -2.98 -38.69 33.65
C ILE F 12 -4.17 -38.94 32.73
N LEU F 13 -4.82 -37.91 32.22
CA LEU F 13 -5.93 -38.13 31.31
C LEU F 13 -5.42 -38.24 29.89
N LYS F 14 -5.52 -39.41 29.29
CA LYS F 14 -5.02 -39.55 27.95
C LYS F 14 -6.18 -39.74 27.01
N PRO F 15 -6.41 -38.74 26.16
CA PRO F 15 -7.58 -38.82 25.29
C PRO F 15 -7.32 -39.47 23.97
N LYS F 16 -8.29 -40.21 23.47
CA LYS F 16 -8.15 -40.87 22.18
C LYS F 16 -9.10 -40.26 21.15
N LEU F 17 -8.62 -40.09 19.92
CA LEU F 17 -9.46 -39.56 18.85
C LEU F 17 -10.29 -40.67 18.20
N ILE F 18 -11.62 -40.59 18.26
CA ILE F 18 -12.49 -41.66 17.73
C ILE F 18 -13.52 -41.19 16.72
N SER F 19 -13.25 -40.08 16.05
CA SER F 19 -14.15 -39.50 15.08
C SER F 19 -14.34 -40.27 13.80
N TYR F 20 -13.41 -41.17 13.50
CA TYR F 20 -13.42 -41.88 12.20
C TYR F 20 -14.74 -42.63 11.93
N THR F 21 -15.35 -43.18 12.97
CA THR F 21 -16.57 -44.00 12.77
C THR F 21 -17.70 -43.15 12.21
N LEU F 22 -17.87 -41.93 12.74
CA LEU F 22 -18.92 -40.99 12.28
C LEU F 22 -18.54 -40.36 10.93
N PRO F 23 -19.50 -39.86 10.14
CA PRO F 23 -19.14 -39.19 8.90
C PRO F 23 -18.78 -37.72 9.15
N VAL F 24 -17.73 -37.48 9.93
CA VAL F 24 -17.30 -36.09 10.27
C VAL F 24 -15.88 -35.79 9.76
N VAL F 25 -15.30 -36.63 8.89
CA VAL F 25 -13.88 -36.46 8.44
C VAL F 25 -13.66 -35.16 7.67
N GLY F 26 -14.61 -34.72 6.83
CA GLY F 26 -14.41 -33.42 6.17
C GLY F 26 -13.57 -33.38 4.91
N GLN F 27 -13.36 -34.52 4.25
CA GLN F 27 -12.67 -34.52 2.94
C GLN F 27 -13.52 -33.69 1.99
N SER F 28 -14.84 -33.74 2.14
CA SER F 28 -15.78 -32.93 1.33
C SER F 28 -15.51 -31.44 1.55
N GLY F 29 -15.13 -31.04 2.77
CA GLY F 29 -14.85 -29.63 3.09
C GLY F 29 -16.08 -28.90 3.56
N THR F 30 -17.18 -29.63 3.69
CA THR F 30 -18.45 -29.07 4.19
C THR F 30 -18.37 -28.71 5.66
N CYS F 31 -19.03 -27.63 6.09
CA CYS F 31 -19.16 -27.34 7.55
C CYS F 31 -20.14 -28.34 8.16
N ILE F 32 -19.90 -28.79 9.39
CA ILE F 32 -20.87 -29.66 10.09
C ILE F 32 -21.31 -28.92 11.35
N THR F 33 -22.56 -28.47 11.38
CA THR F 33 -23.07 -27.71 12.53
C THR F 33 -24.25 -28.40 13.20
N ASP F 34 -24.72 -27.77 14.27
CA ASP F 34 -25.83 -28.22 15.07
C ASP F 34 -25.75 -29.71 15.40
N PRO F 35 -24.68 -30.14 16.07
CA PRO F 35 -24.51 -31.56 16.37
C PRO F 35 -25.33 -31.96 17.59
N LEU F 36 -25.52 -33.28 17.72
CA LEU F 36 -26.25 -33.92 18.80
C LEU F 36 -25.58 -35.26 19.07
N LEU F 37 -25.26 -35.54 20.33
CA LEU F 37 -24.81 -36.87 20.73
C LEU F 37 -25.52 -37.27 22.02
N ALA F 38 -26.12 -38.45 22.00
CA ALA F 38 -26.87 -38.94 23.13
C ALA F 38 -26.50 -40.40 23.29
N MET F 39 -26.42 -40.86 24.55
CA MET F 39 -26.05 -42.25 24.82
C MET F 39 -26.82 -42.74 26.02
N ASP F 40 -27.28 -43.98 25.93
CA ASP F 40 -27.99 -44.63 27.02
C ASP F 40 -27.93 -46.12 26.80
N GLU F 41 -27.80 -46.89 27.89
CA GLU F 41 -27.54 -48.33 27.77
C GLU F 41 -26.37 -48.54 26.84
N GLY F 42 -26.37 -49.60 26.07
CA GLY F 42 -25.22 -49.69 25.17
C GLY F 42 -25.24 -48.84 23.90
N TYR F 43 -26.10 -47.82 23.83
CA TYR F 43 -26.49 -47.25 22.55
C TYR F 43 -26.22 -45.76 22.47
N PHE F 44 -26.34 -45.22 21.26
CA PHE F 44 -26.18 -43.80 21.02
C PHE F 44 -27.04 -43.32 19.86
N ALA F 45 -27.38 -42.03 19.92
CA ALA F 45 -27.99 -41.27 18.84
C ALA F 45 -27.06 -40.11 18.48
N TYR F 46 -26.98 -39.79 17.19
CA TYR F 46 -26.10 -38.76 16.68
C TYR F 46 -26.82 -37.99 15.58
N SER F 47 -26.60 -36.68 15.52
CA SER F 47 -27.20 -35.91 14.44
C SER F 47 -26.36 -34.68 14.11
N HIS F 48 -26.36 -34.28 12.82
CA HIS F 48 -25.76 -33.00 12.44
C HIS F 48 -26.33 -32.48 11.13
N LEU F 49 -26.03 -31.22 10.84
CA LEU F 49 -26.42 -30.56 9.59
C LEU F 49 -25.17 -30.19 8.79
N GLU F 50 -25.10 -30.64 7.55
CA GLU F 50 -23.95 -30.42 6.69
C GLU F 50 -24.23 -29.30 5.67
N ARG F 51 -23.31 -28.34 5.58
CA ARG F 51 -23.44 -27.17 4.74
C ARG F 51 -22.28 -27.10 3.74
N ILE F 52 -22.58 -26.65 2.53
CA ILE F 52 -21.50 -26.38 1.58
C ILE F 52 -21.27 -24.88 1.60
N GLY F 53 -20.15 -24.48 2.19
CA GLY F 53 -19.85 -23.09 2.38
C GLY F 53 -19.81 -22.75 3.85
N SER F 54 -20.16 -21.50 4.17
CA SER F 54 -20.05 -20.97 5.52
C SER F 54 -20.91 -21.76 6.47
N CYS F 55 -20.52 -21.79 7.74
CA CYS F 55 -21.28 -22.56 8.72
C CYS F 55 -22.62 -21.91 9.03
N SER F 56 -22.65 -20.57 8.97
CA SER F 56 -23.88 -19.84 9.25
C SER F 56 -24.89 -19.99 8.12
N ARG F 57 -24.43 -19.90 6.87
CA ARG F 57 -25.41 -19.75 5.80
C ARG F 57 -25.05 -20.51 4.54
N GLY F 58 -24.13 -21.46 4.60
CA GLY F 58 -23.93 -22.36 3.48
C GLY F 58 -25.17 -23.18 3.19
N VAL F 59 -25.24 -23.69 1.97
CA VAL F 59 -26.43 -24.43 1.56
C VAL F 59 -26.45 -25.77 2.27
N SER F 60 -27.63 -26.14 2.81
CA SER F 60 -27.79 -27.40 3.53
C SER F 60 -27.76 -28.54 2.51
N LYS F 61 -26.87 -29.49 2.76
CA LYS F 61 -26.74 -30.65 1.92
C LYS F 61 -27.46 -31.85 2.50
N GLN F 62 -27.47 -31.99 3.82
CA GLN F 62 -28.01 -33.16 4.47
C GLN F 62 -28.10 -32.92 5.97
N ARG F 63 -29.22 -33.33 6.59
CA ARG F 63 -29.35 -33.51 8.04
C ARG F 63 -29.29 -35.00 8.29
N ILE F 64 -28.36 -35.42 9.14
CA ILE F 64 -28.17 -36.82 9.46
C ILE F 64 -28.71 -37.05 10.87
N ILE F 65 -29.58 -38.06 11.00
CA ILE F 65 -30.03 -38.59 12.28
C ILE F 65 -29.69 -40.07 12.26
N GLY F 66 -28.77 -40.49 13.10
CA GLY F 66 -28.34 -41.89 13.11
C GLY F 66 -28.32 -42.45 14.52
N VAL F 67 -28.47 -43.77 14.61
CA VAL F 67 -28.37 -44.46 15.88
C VAL F 67 -27.43 -45.64 15.73
N GLY F 68 -26.90 -46.07 16.85
CA GLY F 68 -26.06 -47.25 16.84
C GLY F 68 -25.58 -47.67 18.21
N GLU F 69 -24.53 -48.47 18.23
CA GLU F 69 -24.00 -49.00 19.47
C GLU F 69 -22.68 -48.39 19.84
N VAL F 70 -22.44 -48.38 21.14
CA VAL F 70 -21.16 -48.02 21.71
C VAL F 70 -20.49 -49.33 22.12
N LEU F 71 -19.46 -49.72 21.38
CA LEU F 71 -18.78 -50.99 21.56
C LEU F 71 -17.28 -50.82 21.72
N ASP F 72 -16.69 -51.77 22.47
CA ASP F 72 -15.26 -51.97 22.51
C ASP F 72 -14.76 -52.25 21.11
N ARG F 73 -13.93 -51.37 20.58
CA ARG F 73 -13.56 -51.54 19.19
C ARG F 73 -12.57 -52.68 18.97
N GLY F 74 -12.03 -53.26 20.03
CA GLY F 74 -11.10 -54.35 19.89
C GLY F 74 -9.92 -54.25 20.83
N ASP F 75 -9.64 -53.04 21.34
CA ASP F 75 -8.50 -52.81 22.22
C ASP F 75 -8.94 -52.13 23.51
N GLU F 76 -10.14 -52.47 23.98
CA GLU F 76 -10.69 -51.89 25.20
C GLU F 76 -10.84 -50.37 25.07
N VAL F 77 -11.06 -49.87 23.86
CA VAL F 77 -11.39 -48.46 23.63
C VAL F 77 -12.78 -48.44 23.01
N PRO F 78 -13.72 -47.63 23.52
CA PRO F 78 -15.08 -47.60 22.95
C PRO F 78 -15.14 -46.76 21.69
N SER F 79 -15.97 -47.20 20.74
CA SER F 79 -16.25 -46.45 19.52
C SER F 79 -17.73 -46.43 19.26
N LEU F 80 -18.16 -45.49 18.43
CA LEU F 80 -19.55 -45.40 18.02
C LEU F 80 -19.71 -46.19 16.71
N PHE F 81 -20.59 -47.16 16.69
CA PHE F 81 -20.83 -47.91 15.46
C PHE F 81 -22.27 -47.63 15.04
N MET F 82 -22.41 -46.68 14.13
CA MET F 82 -23.72 -46.26 13.68
C MET F 82 -24.35 -47.40 12.88
N THR F 83 -25.58 -47.78 13.21
CA THR F 83 -26.23 -48.90 12.54
C THR F 83 -27.44 -48.53 11.70
N ASN F 84 -27.99 -47.33 11.87
CA ASN F 84 -29.26 -46.99 11.22
C ASN F 84 -29.27 -45.49 11.04
N VAL F 85 -29.34 -45.02 9.79
CA VAL F 85 -29.29 -43.59 9.49
C VAL F 85 -30.48 -43.12 8.70
N TRP F 86 -31.11 -42.03 9.14
CA TRP F 86 -32.25 -41.49 8.46
C TRP F 86 -32.01 -40.05 8.22
N THR F 87 -32.40 -39.58 7.05
CA THR F 87 -32.24 -38.19 6.72
C THR F 87 -33.58 -37.53 6.55
N PRO F 88 -33.81 -36.43 7.26
CA PRO F 88 -35.03 -35.68 7.05
C PRO F 88 -35.13 -35.11 5.67
N PRO F 89 -36.29 -35.23 5.06
CA PRO F 89 -36.48 -34.57 3.78
C PRO F 89 -36.48 -33.09 4.09
N ASN F 90 -35.94 -32.26 3.23
CA ASN F 90 -35.82 -30.83 3.57
C ASN F 90 -35.12 -30.50 4.86
N PRO F 91 -33.80 -30.56 4.83
CA PRO F 91 -33.01 -30.27 6.02
C PRO F 91 -33.21 -28.86 6.52
N ASN F 92 -33.63 -27.96 5.67
CA ASN F 92 -33.85 -26.59 6.03
C ASN F 92 -34.98 -26.32 7.03
N THR F 93 -35.94 -27.22 7.11
CA THR F 93 -37.05 -27.07 8.03
C THR F 93 -36.90 -27.72 9.40
N VAL F 94 -35.81 -28.42 9.66
CA VAL F 94 -35.63 -29.16 10.90
C VAL F 94 -34.72 -28.47 11.88
N TYR F 95 -35.17 -28.30 13.11
CA TYR F 95 -34.40 -27.57 14.10
C TYR F 95 -34.47 -28.11 15.49
N HIS F 96 -33.44 -27.87 16.31
CA HIS F 96 -33.47 -28.23 17.75
C HIS F 96 -33.89 -29.69 17.99
N CYS F 97 -33.19 -30.64 17.39
CA CYS F 97 -33.46 -32.09 17.64
C CYS F 97 -33.03 -32.50 19.06
N SER F 98 -33.79 -33.38 19.72
CA SER F 98 -33.40 -33.94 21.05
C SER F 98 -33.65 -35.45 21.03
N ALA F 99 -32.84 -36.24 21.72
CA ALA F 99 -32.99 -37.71 21.62
C ALA F 99 -33.14 -38.43 22.96
N VAL F 100 -34.06 -39.40 23.03
CA VAL F 100 -34.22 -40.26 24.25
C VAL F 100 -34.29 -41.71 23.77
N TYR F 101 -33.77 -42.67 24.56
CA TYR F 101 -33.76 -44.09 24.13
C TYR F 101 -34.65 -44.96 25.00
N ASN F 102 -35.57 -45.74 24.41
CA ASN F 102 -36.34 -46.74 25.21
C ASN F 102 -36.64 -47.99 24.40
N ASN F 103 -36.55 -49.17 25.00
CA ASN F 103 -37.04 -50.42 24.34
C ASN F 103 -36.49 -50.69 22.94
N GLU F 104 -35.19 -50.54 22.73
CA GLU F 104 -34.59 -50.92 21.42
C GLU F 104 -34.83 -49.81 20.42
N PHE F 105 -35.34 -48.69 20.89
CA PHE F 105 -35.65 -47.58 19.98
C PHE F 105 -35.08 -46.28 20.53
N TYR F 106 -34.63 -45.41 19.65
CA TYR F 106 -34.19 -44.06 20.09
C TYR F 106 -35.22 -43.14 19.45
N TYR F 107 -35.78 -42.25 20.24
CA TYR F 107 -36.83 -41.35 19.71
C TYR F 107 -36.23 -39.96 19.65
N VAL F 108 -36.32 -39.34 18.48
CA VAL F 108 -35.71 -37.99 18.30
C VAL F 108 -36.84 -37.00 18.12
N LEU F 109 -36.85 -35.96 18.95
CA LEU F 109 -37.92 -34.95 18.86
C LEU F 109 -37.29 -33.69 18.29
N CYS F 110 -37.87 -33.17 17.23
CA CYS F 110 -37.26 -32.03 16.54
C CYS F 110 -38.36 -31.02 16.23
N ALA F 111 -37.99 -29.76 16.05
CA ALA F 111 -38.98 -28.71 15.70
C ALA F 111 -38.97 -28.48 14.19
N VAL F 112 -40.15 -28.42 13.57
CA VAL F 112 -40.19 -28.10 12.11
C VAL F 112 -40.71 -26.67 11.93
N SER F 113 -39.92 -25.79 11.30
CA SER F 113 -40.33 -24.40 11.03
C SER F 113 -40.09 -24.03 9.57
N THR F 114 -41.08 -23.43 8.90
CA THR F 114 -40.85 -22.86 7.56
C THR F 114 -40.47 -21.39 7.76
N VAL F 115 -40.53 -20.91 9.00
CA VAL F 115 -40.23 -19.49 9.34
C VAL F 115 -38.81 -19.33 9.90
N GLY F 116 -38.00 -20.39 9.90
CA GLY F 116 -36.65 -20.32 10.49
C GLY F 116 -36.57 -20.65 11.96
N ASP F 117 -35.39 -20.48 12.56
CA ASP F 117 -35.18 -20.87 13.98
C ASP F 117 -36.32 -20.30 14.83
N PRO F 118 -37.14 -21.16 15.43
CA PRO F 118 -38.25 -20.69 16.28
C PRO F 118 -37.84 -19.74 17.39
N ILE F 119 -36.60 -19.83 17.87
CA ILE F 119 -36.12 -18.88 18.87
C ILE F 119 -36.15 -17.45 18.32
N LEU F 120 -35.84 -17.26 17.03
CA LEU F 120 -35.79 -15.91 16.50
C LEU F 120 -37.11 -15.46 15.91
N ASN F 121 -37.84 -16.34 15.23
CA ASN F 121 -39.15 -15.97 14.71
C ASN F 121 -40.27 -16.61 15.53
N SER F 122 -40.29 -16.37 16.84
CA SER F 122 -41.14 -17.15 17.75
C SER F 122 -42.62 -16.89 17.53
N THR F 123 -43.00 -15.63 17.25
CA THR F 123 -44.42 -15.38 17.10
C THR F 123 -44.96 -16.00 15.82
N TYR F 124 -44.09 -16.24 14.86
CA TYR F 124 -44.51 -16.80 13.58
C TYR F 124 -44.48 -18.32 13.56
N TRP F 125 -43.79 -18.95 14.51
CA TRP F 125 -43.57 -20.39 14.43
C TRP F 125 -44.86 -21.16 14.58
N SER F 126 -45.13 -22.03 13.61
CA SER F 126 -46.20 -23.03 13.63
C SER F 126 -46.33 -23.74 14.98
N GLY F 127 -45.21 -24.09 15.60
CA GLY F 127 -45.21 -24.95 16.77
C GLY F 127 -45.07 -26.42 16.43
N SER F 128 -45.11 -26.76 15.15
CA SER F 128 -45.16 -28.15 14.72
C SER F 128 -43.88 -28.89 15.11
N LEU F 129 -44.04 -30.14 15.50
CA LEU F 129 -42.92 -30.96 15.97
C LEU F 129 -42.85 -32.25 15.16
N MET F 130 -41.64 -32.81 15.09
CA MET F 130 -41.41 -34.07 14.42
C MET F 130 -40.86 -35.05 15.43
N MET F 131 -41.46 -36.25 15.47
CA MET F 131 -41.05 -37.34 16.35
C MET F 131 -40.65 -38.49 15.45
N THR F 132 -39.37 -38.83 15.45
CA THR F 132 -38.87 -39.88 14.59
C THR F 132 -38.35 -40.99 15.47
N ARG F 133 -38.77 -42.24 15.22
CA ARG F 133 -38.31 -43.39 15.98
C ARG F 133 -37.44 -44.28 15.12
N LEU F 134 -36.24 -44.58 15.65
CA LEU F 134 -35.19 -45.32 14.97
C LEU F 134 -34.75 -46.53 15.79
N ALA F 135 -34.73 -47.71 15.16
CA ALA F 135 -34.30 -48.92 15.83
C ALA F 135 -32.78 -48.92 16.00
N VAL F 136 -32.30 -49.24 17.21
CA VAL F 136 -30.86 -49.23 17.43
C VAL F 136 -30.21 -50.47 16.83
N LYS F 137 -30.97 -51.52 16.62
CA LYS F 137 -30.49 -52.70 15.93
C LYS F 137 -31.49 -53.01 14.82
N PRO F 138 -31.27 -52.42 13.61
CA PRO F 138 -32.28 -52.70 12.61
C PRO F 138 -32.39 -54.14 12.18
N LYS F 139 -33.46 -54.42 11.45
CA LYS F 139 -33.69 -55.78 11.01
C LYS F 139 -33.88 -55.89 9.52
N SER F 140 -33.46 -57.02 8.97
CA SER F 140 -33.64 -57.27 7.57
C SER F 140 -35.10 -57.35 7.31
N ASN F 141 -35.54 -56.74 6.23
CA ASN F 141 -36.95 -56.76 5.88
C ASN F 141 -37.85 -56.28 7.01
N GLY F 142 -37.47 -55.19 7.66
CA GLY F 142 -38.31 -54.62 8.68
C GLY F 142 -38.64 -53.21 8.32
N GLY F 143 -39.92 -52.91 8.24
CA GLY F 143 -40.34 -51.58 7.90
C GLY F 143 -41.29 -51.19 8.97
N GLY F 144 -41.11 -49.99 9.51
CA GLY F 144 -41.95 -49.54 10.59
C GLY F 144 -41.35 -49.89 11.90
N TYR F 145 -40.28 -50.67 11.87
CA TYR F 145 -39.59 -50.99 13.08
C TYR F 145 -38.37 -50.16 12.94
N ASN F 146 -37.66 -50.34 11.84
CA ASN F 146 -36.39 -49.65 11.70
C ASN F 146 -36.53 -48.16 11.65
N GLN F 147 -37.48 -47.67 10.86
CA GLN F 147 -37.74 -46.25 10.81
C GLN F 147 -39.22 -46.00 10.83
N HIS F 148 -39.69 -45.15 11.73
CA HIS F 148 -41.09 -44.79 11.75
C HIS F 148 -41.25 -43.37 12.16
N GLN F 149 -42.18 -42.69 11.52
CA GLN F 149 -42.46 -41.33 11.87
C GLN F 149 -43.71 -41.35 12.69
N LEU F 150 -43.66 -40.77 13.87
CA LEU F 150 -44.80 -40.82 14.73
C LEU F 150 -45.61 -39.54 14.67
N ALA F 151 -46.93 -39.67 14.51
CA ALA F 151 -47.79 -38.49 14.49
C ALA F 151 -48.28 -38.16 15.89
N LEU F 152 -48.22 -36.89 16.25
CA LEU F 152 -48.58 -36.48 17.59
C LEU F 152 -49.96 -35.87 17.67
N ARG F 153 -50.83 -36.50 18.44
CA ARG F 153 -52.19 -36.03 18.58
C ARG F 153 -52.36 -34.69 19.26
N SER F 154 -51.66 -34.47 20.36
CA SER F 154 -51.86 -33.25 21.11
C SER F 154 -50.61 -32.75 21.77
N ILE F 155 -50.46 -31.43 21.84
CA ILE F 155 -49.32 -30.85 22.51
C ILE F 155 -49.93 -30.04 23.63
N GLU F 156 -49.51 -30.30 24.85
CA GLU F 156 -50.09 -29.59 25.94
C GLU F 156 -49.09 -28.62 26.50
N LYS F 157 -49.30 -27.33 26.20
CA LYS F 157 -48.36 -26.30 26.60
C LYS F 157 -48.73 -25.50 27.82
N GLY F 158 -49.96 -25.59 28.26
CA GLY F 158 -50.42 -24.79 29.38
C GLY F 158 -50.38 -23.31 29.15
N ARG F 159 -49.75 -22.59 30.06
CA ARG F 159 -49.64 -21.16 29.92
C ARG F 159 -48.82 -20.69 28.74
N TYR F 160 -47.87 -21.49 28.28
CA TYR F 160 -46.99 -21.07 27.21
C TYR F 160 -47.69 -21.10 25.86
N ASP F 161 -47.24 -20.23 24.94
CA ASP F 161 -47.78 -20.24 23.60
C ASP F 161 -47.26 -21.38 22.74
N LYS F 162 -46.01 -21.75 22.97
CA LYS F 162 -45.31 -22.67 22.10
C LYS F 162 -44.30 -23.40 22.96
N VAL F 163 -44.08 -24.68 22.66
CA VAL F 163 -43.06 -25.43 23.38
C VAL F 163 -42.20 -26.19 22.37
N MET F 164 -40.96 -26.48 22.78
CA MET F 164 -39.99 -26.94 21.81
C MET F 164 -38.90 -27.77 22.49
N PRO F 165 -38.45 -28.86 21.88
CA PRO F 165 -37.22 -29.49 22.37
C PRO F 165 -36.06 -28.52 22.25
N TYR F 166 -35.17 -28.56 23.23
CA TYR F 166 -34.09 -27.60 23.27
C TYR F 166 -32.93 -28.19 24.05
N GLY F 167 -32.12 -29.01 23.39
CA GLY F 167 -31.01 -29.66 24.05
C GLY F 167 -30.83 -31.05 23.50
N PRO F 168 -29.66 -31.65 23.69
CA PRO F 168 -29.32 -32.83 22.88
C PRO F 168 -30.03 -34.12 23.29
N SER F 169 -30.12 -34.39 24.59
CA SER F 169 -30.46 -35.74 25.05
C SER F 169 -31.32 -35.71 26.30
N GLY F 170 -32.21 -36.70 26.43
CA GLY F 170 -33.07 -36.81 27.58
C GLY F 170 -33.03 -38.19 28.23
N ILE F 171 -34.01 -38.49 29.10
CA ILE F 171 -34.03 -39.75 29.83
C ILE F 171 -35.35 -40.47 29.64
N LYS F 172 -35.36 -41.71 30.08
CA LYS F 172 -36.56 -42.52 30.14
C LYS F 172 -36.78 -42.92 31.59
N GLN F 173 -38.05 -43.01 31.97
CA GLN F 173 -38.44 -43.59 33.24
C GLN F 173 -39.57 -44.54 32.90
N GLY F 174 -39.33 -45.82 33.10
CA GLY F 174 -40.30 -46.81 32.69
C GLY F 174 -40.55 -46.74 31.20
N ASP F 175 -41.74 -46.27 30.85
CA ASP F 175 -42.15 -46.15 29.45
C ASP F 175 -42.42 -44.70 29.05
N THR F 176 -41.97 -43.73 29.86
CA THR F 176 -42.16 -42.31 29.59
C THR F 176 -40.82 -41.66 29.28
N LEU F 177 -40.79 -40.90 28.19
CA LEU F 177 -39.61 -40.16 27.76
C LEU F 177 -39.69 -38.71 28.22
N TYR F 178 -38.55 -38.17 28.63
CA TYR F 178 -38.40 -36.80 29.09
C TYR F 178 -37.30 -36.16 28.26
N PHE F 179 -37.68 -35.23 27.37
CA PHE F 179 -36.72 -34.46 26.58
C PHE F 179 -36.44 -33.09 27.21
N PRO F 180 -35.22 -32.58 27.15
CA PRO F 180 -35.00 -31.19 27.53
C PRO F 180 -35.72 -30.28 26.54
N ALA F 181 -36.41 -29.28 27.06
CA ALA F 181 -37.36 -28.49 26.29
C ALA F 181 -37.36 -27.06 26.78
N VAL F 182 -38.15 -26.23 26.10
CA VAL F 182 -38.30 -24.82 26.43
C VAL F 182 -39.71 -24.35 26.08
N GLY F 183 -40.23 -23.46 26.89
CA GLY F 183 -41.54 -22.85 26.67
C GLY F 183 -41.40 -21.36 26.38
N PHE F 184 -42.21 -20.90 25.44
CA PHE F 184 -42.28 -19.49 25.04
C PHE F 184 -43.45 -18.89 25.80
N LEU F 185 -43.18 -17.94 26.70
CA LEU F 185 -44.23 -17.31 27.48
C LEU F 185 -44.33 -15.83 27.12
N VAL F 186 -45.53 -15.36 26.82
CA VAL F 186 -45.72 -13.94 26.49
C VAL F 186 -45.18 -13.10 27.63
N ARG F 187 -44.24 -12.19 27.31
CA ARG F 187 -43.49 -11.45 28.34
C ARG F 187 -44.43 -10.68 29.28
N THR F 188 -45.52 -10.14 28.74
CA THR F 188 -46.47 -9.41 29.57
C THR F 188 -47.14 -10.30 30.61
N GLU F 189 -47.08 -11.62 30.44
CA GLU F 189 -47.67 -12.55 31.39
C GLU F 189 -46.64 -13.23 32.26
N PHE F 190 -45.37 -12.85 32.14
CA PHE F 190 -44.31 -13.43 32.93
C PHE F 190 -44.31 -12.80 34.32
N LYS F 191 -44.75 -13.56 35.33
CA LYS F 191 -44.77 -13.06 36.70
C LYS F 191 -43.38 -13.18 37.30
N TYR F 192 -42.79 -12.03 37.65
CA TYR F 192 -41.44 -11.98 38.22
C TYR F 192 -41.34 -10.68 38.99
N ASN F 193 -41.00 -10.78 40.26
CA ASN F 193 -40.80 -9.62 41.10
C ASN F 193 -39.32 -9.25 41.03
N ASP F 194 -39.02 -7.98 40.72
CA ASP F 194 -37.64 -7.56 40.48
C ASP F 194 -36.81 -7.45 41.75
N SER F 195 -37.44 -7.27 42.92
CA SER F 195 -36.62 -7.29 44.13
C SER F 195 -36.00 -8.68 44.32
N ASN F 196 -36.32 -9.65 43.45
CA ASN F 196 -35.77 -10.98 43.66
C ASN F 196 -34.46 -11.17 42.91
N CYS F 197 -34.10 -10.20 42.08
CA CYS F 197 -32.91 -10.16 41.26
C CYS F 197 -31.64 -9.92 42.08
N PRO F 198 -30.73 -10.89 42.13
CA PRO F 198 -29.58 -10.83 43.06
C PRO F 198 -28.49 -9.81 42.69
N ILE F 199 -28.75 -8.53 42.90
CA ILE F 199 -27.83 -7.48 42.52
C ILE F 199 -27.07 -6.91 43.72
N THR F 200 -27.06 -7.61 44.83
CA THR F 200 -26.49 -7.06 46.07
C THR F 200 -25.10 -6.51 46.03
N LYS F 201 -24.15 -7.32 45.62
CA LYS F 201 -22.76 -6.89 45.63
C LYS F 201 -22.42 -6.52 44.23
N CYS F 202 -23.44 -6.16 43.48
CA CYS F 202 -23.26 -5.78 42.10
C CYS F 202 -23.47 -4.29 41.99
N GLN F 203 -22.43 -3.54 41.63
CA GLN F 203 -22.53 -2.08 41.62
C GLN F 203 -23.18 -1.57 40.34
N TYR F 204 -22.93 -2.23 39.22
CA TYR F 204 -23.39 -1.78 37.92
C TYR F 204 -24.63 -2.55 37.46
N SER F 205 -25.26 -3.29 38.35
CA SER F 205 -26.48 -4.01 38.01
C SER F 205 -27.73 -3.21 38.38
N LYS F 206 -28.84 -3.58 37.75
CA LYS F 206 -30.12 -2.92 37.86
C LYS F 206 -31.16 -3.99 38.19
N PRO F 207 -32.18 -3.70 39.02
CA PRO F 207 -33.03 -4.81 39.49
C PRO F 207 -33.83 -5.49 38.39
N GLU F 208 -34.16 -4.79 37.31
CA GLU F 208 -34.93 -5.41 36.24
C GLU F 208 -34.11 -6.32 35.34
N ASN F 209 -32.78 -6.35 35.53
CA ASN F 209 -31.91 -7.03 34.58
C ASN F 209 -32.29 -8.49 34.43
N CYS F 210 -32.73 -9.12 35.53
CA CYS F 210 -33.09 -10.53 35.49
C CYS F 210 -34.28 -10.75 34.58
N ARG F 211 -35.34 -9.96 34.83
CA ARG F 211 -36.56 -10.00 34.02
C ARG F 211 -36.26 -9.69 32.56
N LEU F 212 -35.47 -8.65 32.30
CA LEU F 212 -35.21 -8.28 30.92
C LEU F 212 -34.48 -9.40 30.20
N SER F 213 -33.46 -9.99 30.84
CA SER F 213 -32.66 -11.02 30.19
C SER F 213 -33.27 -12.40 30.27
N MET F 214 -34.52 -12.52 30.74
CA MET F 214 -35.20 -13.78 30.54
C MET F 214 -35.73 -13.96 29.11
N GLY F 215 -35.57 -12.95 28.24
CA GLY F 215 -35.84 -13.08 26.84
C GLY F 215 -34.59 -12.72 26.05
N ILE F 216 -34.59 -13.06 24.75
CA ILE F 216 -33.37 -12.88 23.96
C ILE F 216 -33.07 -11.41 23.71
N ARG F 217 -34.00 -10.54 24.08
CA ARG F 217 -33.82 -9.10 24.03
C ARG F 217 -34.63 -8.50 25.15
N PRO F 218 -34.24 -7.34 25.67
CA PRO F 218 -35.05 -6.71 26.72
C PRO F 218 -36.48 -6.49 26.28
N ASN F 219 -36.71 -6.41 24.98
CA ASN F 219 -38.01 -6.10 24.40
C ASN F 219 -38.59 -7.30 23.62
N SER F 220 -38.05 -8.50 23.81
CA SER F 220 -38.60 -9.68 23.14
C SER F 220 -40.07 -9.87 23.49
N HIS F 221 -40.82 -10.40 22.53
CA HIS F 221 -42.23 -10.69 22.78
C HIS F 221 -42.40 -11.86 23.75
N TYR F 222 -41.52 -12.84 23.69
CA TYR F 222 -41.57 -13.98 24.59
C TYR F 222 -40.37 -13.96 25.53
N ILE F 223 -40.51 -14.67 26.62
CA ILE F 223 -39.39 -15.12 27.41
C ILE F 223 -39.33 -16.64 27.27
N LEU F 224 -38.16 -17.20 27.57
CA LEU F 224 -37.92 -18.63 27.41
C LEU F 224 -37.69 -19.26 28.77
N ARG F 225 -38.44 -20.33 29.07
CA ARG F 225 -38.24 -21.10 30.29
C ARG F 225 -37.89 -22.54 29.94
N SER F 226 -36.81 -23.06 30.52
CA SER F 226 -36.43 -24.46 30.28
C SER F 226 -37.40 -25.41 30.98
N GLY F 227 -37.30 -26.68 30.61
CA GLY F 227 -38.20 -27.67 31.17
C GLY F 227 -38.03 -28.97 30.43
N LEU F 228 -39.06 -29.80 30.51
CA LEU F 228 -39.06 -31.10 29.84
C LEU F 228 -40.31 -31.25 28.99
N LEU F 229 -40.19 -32.03 27.93
CA LEU F 229 -41.35 -32.51 27.21
C LEU F 229 -41.49 -33.99 27.53
N LYS F 230 -42.67 -34.35 28.05
CA LYS F 230 -42.98 -35.68 28.54
C LYS F 230 -43.83 -36.40 27.51
N TYR F 231 -43.43 -37.63 27.18
CA TYR F 231 -44.09 -38.49 26.19
C TYR F 231 -44.25 -39.85 26.85
N ASN F 232 -45.47 -40.17 27.28
CA ASN F 232 -45.76 -41.44 27.98
C ASN F 232 -46.21 -42.46 26.94
N LEU F 233 -45.33 -43.41 26.62
CA LEU F 233 -45.61 -44.35 25.52
C LEU F 233 -46.84 -45.20 25.79
N SER F 234 -46.99 -45.67 27.01
CA SER F 234 -48.15 -46.51 27.33
C SER F 234 -49.32 -45.65 27.78
N ASP F 235 -49.73 -44.75 26.88
CA ASP F 235 -50.82 -43.83 27.19
C ASP F 235 -51.50 -43.46 25.86
N GLY F 236 -52.42 -44.27 25.41
CA GLY F 236 -53.13 -43.97 24.19
C GLY F 236 -52.51 -44.52 22.94
N GLU F 237 -53.28 -44.56 21.86
CA GLU F 237 -52.74 -45.00 20.60
C GLU F 237 -51.69 -44.02 20.13
N ASN F 238 -51.98 -42.74 20.25
CA ASN F 238 -50.99 -41.74 19.92
C ASN F 238 -50.84 -40.95 21.22
N PRO F 239 -49.72 -41.15 21.97
CA PRO F 239 -49.67 -40.32 23.18
C PRO F 239 -49.55 -38.83 22.99
N LYS F 240 -49.48 -38.13 24.10
CA LYS F 240 -49.47 -36.68 24.06
C LYS F 240 -48.20 -36.16 24.66
N VAL F 241 -47.74 -35.01 24.17
CA VAL F 241 -46.54 -34.41 24.69
C VAL F 241 -46.95 -33.37 25.67
N VAL F 242 -46.36 -33.40 26.84
CA VAL F 242 -46.73 -32.48 27.86
C VAL F 242 -45.55 -31.65 28.30
N PHE F 243 -45.66 -30.33 28.26
CA PHE F 243 -44.60 -29.47 28.73
C PHE F 243 -44.59 -29.41 30.25
N ILE F 244 -43.39 -29.31 30.80
CA ILE F 244 -43.15 -29.29 32.24
C ILE F 244 -42.09 -28.22 32.47
N GLU F 245 -42.48 -27.12 33.12
CA GLU F 245 -41.55 -26.01 33.31
C GLU F 245 -40.59 -26.34 34.45
N ILE F 246 -39.39 -25.74 34.36
CA ILE F 246 -38.40 -25.90 35.43
C ILE F 246 -38.80 -25.02 36.61
N SER F 247 -38.23 -25.27 37.78
CA SER F 247 -38.47 -24.42 38.94
C SER F 247 -37.93 -23.02 38.80
N ASP F 248 -38.32 -22.14 39.70
CA ASP F 248 -37.88 -20.76 39.66
C ASP F 248 -36.61 -20.57 40.42
N GLN F 249 -36.10 -21.63 41.01
CA GLN F 249 -34.85 -21.54 41.70
C GLN F 249 -33.72 -21.34 40.72
N ARG F 250 -32.93 -20.29 40.91
CA ARG F 250 -31.79 -20.02 40.06
C ARG F 250 -32.20 -19.99 38.59
N LEU F 251 -33.14 -19.09 38.31
CA LEU F 251 -33.71 -18.98 36.96
C LEU F 251 -32.71 -18.32 36.04
N SER F 252 -32.63 -18.84 34.81
CA SER F 252 -31.87 -18.25 33.72
C SER F 252 -32.71 -18.38 32.46
N ILE F 253 -32.39 -17.56 31.46
CA ILE F 253 -33.11 -17.68 30.19
C ILE F 253 -33.03 -19.12 29.71
N GLY F 254 -34.14 -19.59 29.14
CA GLY F 254 -34.25 -20.89 28.51
C GLY F 254 -33.09 -21.08 27.56
N SER F 255 -32.48 -22.25 27.63
CA SER F 255 -31.23 -22.49 26.95
C SER F 255 -31.13 -23.97 26.68
N PRO F 256 -30.31 -24.38 25.72
CA PRO F 256 -30.10 -25.81 25.50
C PRO F 256 -29.72 -26.49 26.79
N SER F 257 -30.46 -27.54 27.13
CA SER F 257 -30.27 -28.26 28.38
C SER F 257 -30.19 -29.75 28.12
N LYS F 258 -29.95 -30.52 29.19
CA LYS F 258 -29.78 -31.96 29.11
C LYS F 258 -30.17 -32.58 30.46
N ILE F 259 -30.91 -33.68 30.42
CA ILE F 259 -31.25 -34.45 31.61
C ILE F 259 -30.76 -35.85 31.33
N TYR F 260 -30.00 -36.43 32.26
CA TYR F 260 -29.31 -37.69 31.99
C TYR F 260 -29.25 -38.58 33.22
N ASP F 261 -29.47 -39.88 33.02
CA ASP F 261 -29.31 -40.84 34.10
C ASP F 261 -27.84 -41.05 34.38
N SER F 262 -27.40 -40.78 35.60
CA SER F 262 -26.05 -41.16 36.01
C SER F 262 -26.12 -41.81 37.38
N LEU F 263 -25.53 -43.01 37.50
CA LEU F 263 -25.37 -43.71 38.78
C LEU F 263 -26.69 -43.77 39.57
N GLY F 264 -27.78 -44.00 38.87
CA GLY F 264 -29.02 -44.26 39.56
C GLY F 264 -29.89 -43.05 39.81
N GLN F 265 -29.50 -41.88 39.33
CA GLN F 265 -30.32 -40.69 39.59
C GLN F 265 -30.27 -39.81 38.36
N PRO F 266 -31.33 -39.09 38.05
CA PRO F 266 -31.27 -38.12 36.96
C PRO F 266 -30.46 -36.90 37.38
N VAL F 267 -29.67 -36.39 36.47
CA VAL F 267 -28.92 -35.15 36.66
C VAL F 267 -29.35 -34.19 35.54
N PHE F 268 -29.48 -32.91 35.87
CA PHE F 268 -29.90 -31.89 34.92
C PHE F 268 -28.79 -30.87 34.74
N TYR F 269 -28.52 -30.54 33.49
CA TYR F 269 -27.59 -29.47 33.13
C TYR F 269 -28.32 -28.45 32.27
N GLN F 270 -28.09 -27.16 32.56
CA GLN F 270 -28.59 -26.05 31.75
C GLN F 270 -27.43 -25.14 31.33
N ALA F 271 -27.38 -24.77 30.07
CA ALA F 271 -26.36 -23.87 29.62
C ALA F 271 -26.59 -22.48 30.12
N SER F 272 -25.50 -21.81 30.45
CA SER F 272 -25.61 -20.48 30.93
C SER F 272 -25.55 -19.59 29.74
N PHE F 273 -26.68 -19.11 29.28
CA PHE F 273 -26.73 -18.28 28.10
C PHE F 273 -27.03 -16.86 28.48
N SER F 274 -26.58 -16.45 29.65
CA SER F 274 -26.87 -15.12 30.15
C SER F 274 -25.97 -14.80 31.30
N TRP F 275 -26.46 -14.00 32.23
CA TRP F 275 -25.67 -13.55 33.35
C TRP F 275 -25.11 -14.55 34.33
N ASP F 276 -25.83 -15.62 34.59
CA ASP F 276 -25.38 -16.62 35.52
C ASP F 276 -24.46 -17.51 34.77
N THR F 277 -23.23 -17.09 34.58
CA THR F 277 -22.27 -17.84 33.80
C THR F 277 -21.76 -19.10 34.41
N MET F 278 -21.84 -19.23 35.72
CA MET F 278 -21.30 -20.39 36.37
C MET F 278 -22.11 -21.61 36.06
N ILE F 279 -21.50 -22.78 36.14
CA ILE F 279 -22.20 -23.97 35.69
C ILE F 279 -23.47 -24.26 36.43
N LYS F 280 -24.49 -24.60 35.67
CA LYS F 280 -25.77 -24.91 36.24
C LYS F 280 -26.06 -26.36 35.97
N PHE F 281 -25.66 -27.21 36.88
CA PHE F 281 -26.03 -28.61 36.87
C PHE F 281 -26.31 -29.14 38.26
N GLY F 282 -27.09 -30.21 38.38
CA GLY F 282 -27.18 -31.00 39.59
C GLY F 282 -28.25 -32.06 39.63
N ASP F 283 -28.35 -32.80 40.72
CA ASP F 283 -29.34 -33.85 40.86
C ASP F 283 -30.73 -33.30 40.64
N VAL F 284 -31.53 -34.02 39.86
CA VAL F 284 -32.95 -33.72 39.74
C VAL F 284 -33.62 -34.25 41.00
N LEU F 285 -34.24 -33.36 41.78
CA LEU F 285 -34.95 -33.86 42.95
C LEU F 285 -36.26 -34.51 42.55
N THR F 286 -37.05 -33.83 41.73
CA THR F 286 -38.27 -34.40 41.17
C THR F 286 -38.34 -34.08 39.67
N VAL F 287 -38.94 -34.99 38.93
CA VAL F 287 -39.01 -34.86 37.48
C VAL F 287 -40.26 -34.10 37.05
N ASN F 288 -41.44 -34.46 37.61
CA ASN F 288 -42.61 -33.80 37.07
C ASN F 288 -42.84 -32.42 37.65
N PRO F 289 -42.80 -32.21 38.94
CA PRO F 289 -42.47 -30.84 39.35
C PRO F 289 -40.96 -30.72 39.19
N LEU F 290 -40.49 -30.32 38.00
CA LEU F 290 -39.05 -30.38 37.73
C LEU F 290 -38.35 -29.36 38.61
N VAL F 291 -37.60 -29.85 39.60
CA VAL F 291 -36.76 -29.01 40.45
C VAL F 291 -35.39 -29.66 40.51
N VAL F 292 -34.35 -28.85 40.33
CA VAL F 292 -32.97 -29.32 40.29
C VAL F 292 -32.21 -28.72 41.46
N ASN F 293 -31.54 -29.56 42.25
CA ASN F 293 -30.69 -29.08 43.34
C ASN F 293 -29.34 -28.72 42.74
N TRP F 294 -29.28 -27.49 42.18
CA TRP F 294 -28.12 -27.08 41.42
C TRP F 294 -26.86 -27.11 42.26
N ARG F 295 -25.76 -27.50 41.63
CA ARG F 295 -24.49 -27.45 42.32
C ARG F 295 -24.12 -26.02 42.65
N ASN F 296 -23.53 -25.83 43.83
CA ASN F 296 -22.93 -24.55 44.17
C ASN F 296 -21.47 -24.59 43.76
N ASN F 297 -21.29 -24.61 42.43
CA ASN F 297 -20.00 -24.76 41.79
C ASN F 297 -19.36 -23.41 41.56
N THR F 298 -18.09 -23.30 41.96
CA THR F 298 -17.36 -22.03 41.91
C THR F 298 -16.18 -22.04 40.94
N VAL F 299 -16.02 -23.08 40.12
CA VAL F 299 -14.79 -23.21 39.35
C VAL F 299 -15.03 -23.41 37.86
N ILE F 300 -16.21 -23.86 37.42
CA ILE F 300 -16.45 -24.21 36.02
C ILE F 300 -17.46 -23.23 35.42
N SER F 301 -17.07 -22.50 34.38
CA SER F 301 -17.98 -21.58 33.68
C SER F 301 -17.75 -21.68 32.18
N ARG F 302 -18.20 -20.70 31.42
CA ARG F 302 -18.14 -20.72 29.98
C ARG F 302 -17.72 -19.37 29.46
N PRO F 303 -17.06 -19.34 28.32
CA PRO F 303 -16.72 -18.05 27.75
C PRO F 303 -17.92 -17.20 27.30
N GLY F 304 -17.84 -15.88 27.42
CA GLY F 304 -18.92 -15.07 26.88
C GLY F 304 -18.44 -13.89 26.06
N GLN F 305 -19.28 -12.90 25.90
CA GLN F 305 -18.83 -11.70 25.25
C GLN F 305 -18.53 -10.72 26.36
N SER F 306 -18.40 -9.44 26.03
CA SER F 306 -18.01 -8.45 27.02
C SER F 306 -18.97 -8.29 28.17
N GLN F 307 -20.25 -8.41 27.88
CA GLN F 307 -21.27 -8.25 28.88
C GLN F 307 -21.33 -9.36 29.92
N CYS F 308 -21.31 -10.63 29.51
CA CYS F 308 -21.44 -11.73 30.45
C CYS F 308 -20.35 -12.76 30.16
N PRO F 309 -19.11 -12.40 30.46
CA PRO F 309 -17.97 -13.27 30.17
C PRO F 309 -17.83 -14.34 31.24
N ARG F 310 -16.89 -15.25 31.01
CA ARG F 310 -16.63 -16.30 31.98
C ARG F 310 -16.50 -15.72 33.38
N PHE F 311 -17.19 -16.35 34.32
CA PHE F 311 -17.19 -16.04 35.73
C PHE F 311 -18.06 -14.85 36.09
N ASN F 312 -18.87 -14.33 35.16
CA ASN F 312 -19.76 -13.25 35.56
C ASN F 312 -20.87 -13.82 36.44
N THR F 313 -21.20 -13.09 37.50
CA THR F 313 -22.33 -13.45 38.36
C THR F 313 -23.31 -12.29 38.57
N CYS F 314 -23.09 -11.17 37.95
CA CYS F 314 -24.00 -10.09 38.24
C CYS F 314 -25.06 -9.97 37.16
N PRO F 315 -26.34 -9.84 37.55
CA PRO F 315 -27.43 -9.70 36.57
C PRO F 315 -27.13 -8.60 35.55
N GLU F 316 -27.28 -8.97 34.28
CA GLU F 316 -26.92 -8.09 33.19
C GLU F 316 -27.79 -8.47 32.00
N ILE F 317 -28.04 -7.51 31.12
CA ILE F 317 -28.81 -7.77 29.91
C ILE F 317 -27.85 -8.34 28.87
N CYS F 318 -28.03 -9.61 28.52
CA CYS F 318 -27.13 -10.27 27.59
C CYS F 318 -27.73 -11.63 27.23
N TRP F 319 -27.40 -12.11 26.05
CA TRP F 319 -27.81 -13.45 25.60
C TRP F 319 -26.62 -14.00 24.84
N GLU F 320 -25.74 -14.67 25.55
CA GLU F 320 -24.55 -15.21 24.94
C GLU F 320 -24.04 -16.35 25.81
N GLY F 321 -23.19 -17.14 25.23
CA GLY F 321 -22.62 -18.27 25.94
C GLY F 321 -22.52 -19.45 25.01
N VAL F 322 -22.23 -20.61 25.57
CA VAL F 322 -21.98 -21.80 24.78
C VAL F 322 -22.43 -22.99 25.61
N TYR F 323 -22.88 -24.04 24.93
CA TYR F 323 -23.27 -25.29 25.61
C TYR F 323 -22.01 -26.13 25.84
N ASN F 324 -21.59 -26.26 27.11
CA ASN F 324 -20.43 -27.05 27.54
C ASN F 324 -20.88 -27.88 28.75
N ASP F 325 -21.52 -29.03 28.49
CA ASP F 325 -22.16 -29.77 29.57
C ASP F 325 -21.16 -30.60 30.35
N ALA F 326 -21.64 -31.18 31.44
CA ALA F 326 -20.82 -31.96 32.36
C ALA F 326 -21.56 -33.21 32.81
N PHE F 327 -20.81 -34.29 33.05
CA PHE F 327 -21.39 -35.58 33.37
C PHE F 327 -20.93 -36.00 34.77
N LEU F 328 -21.89 -36.25 35.66
CA LEU F 328 -21.57 -36.79 36.96
C LEU F 328 -20.96 -38.20 36.83
N ILE F 329 -19.82 -38.44 37.49
CA ILE F 329 -19.09 -39.71 37.38
C ILE F 329 -18.78 -40.33 38.74
N ASP F 330 -19.03 -39.60 39.83
CA ASP F 330 -18.89 -40.15 41.17
C ASP F 330 -19.86 -39.38 42.05
N ARG F 331 -20.89 -40.05 42.54
CA ARG F 331 -21.87 -39.35 43.35
C ARG F 331 -21.48 -39.22 44.80
N ILE F 332 -20.64 -40.11 45.35
CA ILE F 332 -20.26 -39.94 46.76
C ILE F 332 -19.51 -38.63 46.94
N ASN F 333 -18.66 -38.30 45.99
CA ASN F 333 -17.86 -37.08 46.04
C ASN F 333 -18.30 -36.02 45.04
N TRP F 334 -19.42 -36.24 44.33
CA TRP F 334 -19.83 -35.36 43.24
C TRP F 334 -18.63 -34.92 42.37
N ILE F 335 -18.02 -35.87 41.69
CA ILE F 335 -16.98 -35.60 40.72
C ILE F 335 -17.65 -35.62 39.37
N SER F 336 -17.32 -34.65 38.53
CA SER F 336 -17.91 -34.62 37.20
C SER F 336 -16.80 -34.41 36.18
N ALA F 337 -17.14 -34.64 34.92
CA ALA F 337 -16.22 -34.46 33.81
C ALA F 337 -16.93 -33.77 32.67
N GLY F 338 -16.19 -32.94 31.93
CA GLY F 338 -16.73 -32.28 30.75
C GLY F 338 -15.61 -31.61 29.98
N VAL F 339 -15.94 -31.01 28.82
CA VAL F 339 -14.98 -30.22 28.06
C VAL F 339 -15.38 -28.75 28.12
N PHE F 340 -14.45 -27.90 28.53
CA PHE F 340 -14.76 -26.49 28.74
C PHE F 340 -13.75 -25.63 27.99
N LEU F 341 -14.23 -24.53 27.40
CA LEU F 341 -13.37 -23.66 26.60
C LEU F 341 -12.66 -22.71 27.53
N ASP F 342 -11.35 -22.91 27.71
CA ASP F 342 -10.56 -22.24 28.76
C ASP F 342 -10.18 -20.83 28.32
N SER F 343 -11.17 -19.95 28.32
CA SER F 343 -10.94 -18.56 27.99
C SER F 343 -12.10 -17.75 28.57
N ASN F 344 -11.83 -16.45 28.84
CA ASN F 344 -12.83 -15.56 29.46
C ASN F 344 -13.83 -15.04 28.43
N GLN F 345 -13.35 -14.70 27.24
CA GLN F 345 -14.18 -13.95 26.31
C GLN F 345 -14.02 -14.39 24.87
N THR F 346 -13.28 -15.45 24.58
CA THR F 346 -13.26 -15.97 23.22
C THR F 346 -13.53 -17.46 23.28
N ALA F 347 -14.17 -17.97 22.22
CA ALA F 347 -14.54 -19.38 22.14
C ALA F 347 -13.34 -20.13 21.62
N GLU F 348 -12.44 -20.47 22.53
CA GLU F 348 -11.22 -21.14 22.13
C GLU F 348 -10.74 -22.04 23.27
N ASN F 349 -9.76 -22.89 22.95
CA ASN F 349 -9.03 -23.74 23.87
C ASN F 349 -9.90 -24.74 24.64
N PRO F 350 -10.36 -25.83 24.01
CA PRO F 350 -11.14 -26.83 24.75
C PRO F 350 -10.24 -27.67 25.66
N VAL F 351 -10.69 -27.86 26.90
CA VAL F 351 -9.97 -28.66 27.89
C VAL F 351 -10.93 -29.67 28.52
N PHE F 352 -10.60 -30.96 28.42
CA PHE F 352 -11.29 -32.00 29.14
C PHE F 352 -10.94 -31.88 30.63
N THR F 353 -11.95 -31.81 31.49
CA THR F 353 -11.78 -31.34 32.86
C THR F 353 -12.58 -32.22 33.81
N VAL F 354 -11.90 -32.75 34.83
CA VAL F 354 -12.53 -33.47 35.93
C VAL F 354 -12.42 -32.60 37.17
N PHE F 355 -13.57 -32.36 37.80
CA PHE F 355 -13.74 -31.29 38.79
C PHE F 355 -14.83 -31.61 39.82
N LYS F 356 -14.66 -31.03 41.01
CA LYS F 356 -15.68 -30.94 42.05
C LYS F 356 -16.26 -29.53 42.08
N ASP F 357 -17.14 -29.29 43.05
CA ASP F 357 -17.80 -27.99 43.14
C ASP F 357 -16.80 -26.86 43.24
N ASN F 358 -15.71 -27.05 43.98
CA ASN F 358 -14.79 -25.96 44.32
C ASN F 358 -13.36 -26.23 43.86
N GLU F 359 -13.16 -27.16 42.93
CA GLU F 359 -11.80 -27.60 42.64
C GLU F 359 -11.77 -28.35 41.32
N ILE F 360 -10.91 -27.90 40.42
CA ILE F 360 -10.58 -28.68 39.23
C ILE F 360 -9.51 -29.69 39.64
N LEU F 361 -9.81 -30.98 39.47
CA LEU F 361 -8.87 -32.01 39.91
C LEU F 361 -7.80 -32.25 38.86
N TYR F 362 -8.22 -32.57 37.64
CA TYR F 362 -7.21 -32.75 36.59
C TYR F 362 -7.79 -32.44 35.21
N ARG F 363 -6.88 -32.16 34.28
CA ARG F 363 -7.15 -31.51 33.01
C ARG F 363 -6.42 -32.26 31.90
N ALA F 364 -6.93 -32.08 30.68
CA ALA F 364 -6.29 -32.62 29.48
C ALA F 364 -6.68 -31.68 28.34
N GLN F 365 -5.74 -30.89 27.85
CA GLN F 365 -6.01 -30.01 26.74
C GLN F 365 -6.17 -30.83 25.50
N LEU F 366 -7.27 -30.62 24.79
CA LEU F 366 -7.54 -31.40 23.62
C LEU F 366 -6.96 -30.77 22.38
N ALA F 367 -6.58 -29.51 22.50
CA ALA F 367 -6.05 -28.79 21.35
C ALA F 367 -5.25 -27.64 21.83
N SER F 368 -4.80 -26.82 20.91
CA SER F 368 -4.03 -25.64 21.26
C SER F 368 -4.82 -24.53 21.92
N GLU F 369 -4.13 -23.62 22.57
CA GLU F 369 -4.78 -22.51 23.25
C GLU F 369 -5.52 -21.59 22.32
N ASP F 370 -5.04 -21.46 21.10
CA ASP F 370 -5.64 -20.55 20.15
C ASP F 370 -6.61 -21.25 19.25
N THR F 371 -7.03 -22.45 19.62
CA THR F 371 -7.88 -23.21 18.77
C THR F 371 -9.32 -22.91 19.01
N ASN F 372 -9.97 -22.37 18.00
CA ASN F 372 -11.35 -22.01 18.14
C ASN F 372 -12.24 -23.20 18.26
N ALA F 373 -13.21 -23.11 19.13
CA ALA F 373 -14.08 -24.22 19.40
C ALA F 373 -15.40 -23.76 19.95
N GLN F 374 -16.39 -24.63 19.95
CA GLN F 374 -17.70 -24.29 20.47
C GLN F 374 -18.36 -25.32 21.35
N LYS F 375 -19.45 -25.88 20.87
CA LYS F 375 -20.24 -26.80 21.67
C LYS F 375 -19.59 -28.07 22.11
N THR F 376 -19.86 -28.46 23.35
CA THR F 376 -19.29 -29.66 23.90
C THR F 376 -20.36 -30.54 24.49
N ILE F 377 -20.34 -31.81 24.13
CA ILE F 377 -21.31 -32.77 24.67
C ILE F 377 -20.55 -33.96 25.25
N THR F 378 -20.71 -34.19 26.55
CA THR F 378 -19.98 -35.26 27.23
C THR F 378 -20.94 -36.29 27.81
N ASN F 379 -20.60 -37.58 27.64
CA ASN F 379 -21.41 -38.69 28.14
C ASN F 379 -20.48 -39.80 28.61
N CYS F 380 -20.66 -40.25 29.85
CA CYS F 380 -19.80 -41.26 30.47
C CYS F 380 -20.59 -42.51 30.81
N PHE F 381 -19.85 -43.62 30.89
CA PHE F 381 -20.44 -44.95 30.99
C PHE F 381 -19.36 -45.91 31.44
N LEU F 382 -19.77 -47.16 31.69
CA LEU F 382 -18.86 -48.23 32.09
C LEU F 382 -18.49 -49.08 30.88
N LEU F 383 -17.23 -49.47 30.77
CA LEU F 383 -16.81 -50.38 29.72
C LEU F 383 -15.84 -51.31 30.40
N LYS F 384 -16.24 -52.57 30.59
CA LYS F 384 -15.41 -53.54 31.31
C LYS F 384 -15.03 -53.02 32.66
N ASN F 385 -16.00 -52.47 33.39
CA ASN F 385 -15.74 -51.86 34.69
C ASN F 385 -14.77 -50.70 34.70
N LYS F 386 -14.42 -50.15 33.55
CA LYS F 386 -13.61 -48.94 33.57
C LYS F 386 -14.49 -47.77 33.13
N ILE F 387 -14.43 -46.66 33.87
CA ILE F 387 -15.25 -45.50 33.54
C ILE F 387 -14.63 -44.77 32.35
N TRP F 388 -15.41 -44.65 31.27
CA TRP F 388 -15.00 -43.91 30.09
C TRP F 388 -15.95 -42.75 29.87
N CYS F 389 -15.44 -41.67 29.29
CA CYS F 389 -16.27 -40.56 28.82
C CYS F 389 -16.00 -40.37 27.33
N ILE F 390 -17.05 -40.12 26.56
CA ILE F 390 -16.92 -39.74 25.17
C ILE F 390 -17.46 -38.33 25.02
N SER F 391 -16.61 -37.43 24.54
CA SER F 391 -16.94 -36.02 24.37
C SER F 391 -16.90 -35.66 22.88
N LEU F 392 -18.00 -35.06 22.41
CA LEU F 392 -18.04 -34.38 21.13
C LEU F 392 -17.60 -32.95 21.36
N VAL F 393 -16.68 -32.47 20.55
CA VAL F 393 -16.13 -31.12 20.66
C VAL F 393 -16.16 -30.49 19.28
N GLU F 394 -16.94 -29.43 19.13
CA GLU F 394 -16.88 -28.64 17.91
C GLU F 394 -15.53 -27.94 17.80
N ILE F 395 -14.77 -28.20 16.73
CA ILE F 395 -13.46 -27.58 16.57
C ILE F 395 -13.35 -26.91 15.20
N TYR F 396 -12.70 -25.74 15.19
CA TYR F 396 -12.54 -24.97 13.97
C TYR F 396 -11.35 -25.48 13.16
N ASP F 397 -11.60 -25.69 11.88
CA ASP F 397 -10.60 -26.08 10.89
C ASP F 397 -10.19 -24.84 10.12
N THR F 398 -8.92 -24.45 10.29
CA THR F 398 -8.40 -23.23 9.70
C THR F 398 -8.25 -23.35 8.20
N GLY F 399 -8.03 -24.57 7.69
CA GLY F 399 -7.83 -24.72 6.27
C GLY F 399 -9.12 -24.64 5.47
N ASP F 400 -10.23 -25.09 6.06
CA ASP F 400 -11.50 -25.01 5.39
C ASP F 400 -12.38 -23.91 5.94
N ASN F 401 -11.91 -23.19 6.96
CA ASN F 401 -12.68 -22.09 7.55
C ASN F 401 -14.05 -22.59 8.00
N VAL F 402 -14.09 -23.80 8.56
CA VAL F 402 -15.38 -24.35 9.03
C VAL F 402 -15.20 -24.97 10.41
N ILE F 403 -16.31 -25.40 10.96
CA ILE F 403 -16.40 -26.10 12.24
C ILE F 403 -16.72 -27.56 11.90
N ARG F 404 -16.14 -28.49 12.63
CA ARG F 404 -16.49 -29.92 12.50
C ARG F 404 -16.35 -30.56 13.87
N PRO F 405 -17.19 -31.54 14.20
CA PRO F 405 -17.11 -32.14 15.52
C PRO F 405 -16.02 -33.20 15.56
N LYS F 406 -15.24 -33.20 16.62
CA LYS F 406 -14.29 -34.24 16.92
C LYS F 406 -14.78 -35.05 18.11
N LEU F 407 -14.55 -36.38 18.10
CA LEU F 407 -14.97 -37.24 19.20
C LEU F 407 -13.77 -37.81 19.92
N PHE F 408 -13.76 -37.59 21.23
CA PHE F 408 -12.69 -38.07 22.10
C PHE F 408 -13.25 -39.10 23.06
N ALA F 409 -12.59 -40.24 23.14
CA ALA F 409 -12.82 -41.20 24.19
C ALA F 409 -11.73 -40.96 25.23
N VAL F 410 -12.12 -40.76 26.48
CA VAL F 410 -11.23 -40.42 27.57
C VAL F 410 -11.50 -41.38 28.74
N LYS F 411 -10.54 -42.27 29.01
CA LYS F 411 -10.62 -43.14 30.17
C LYS F 411 -10.30 -42.33 31.42
N ILE F 412 -11.19 -42.41 32.40
CA ILE F 412 -10.97 -41.76 33.70
C ILE F 412 -9.99 -42.62 34.49
N PRO F 413 -8.86 -42.07 34.93
CA PRO F 413 -7.86 -42.87 35.66
C PRO F 413 -8.28 -43.28 37.07
N GLU F 414 -7.80 -44.46 37.48
CA GLU F 414 -7.94 -44.88 38.88
C GLU F 414 -6.82 -44.36 39.76
N GLN F 415 -5.65 -44.08 39.19
CA GLN F 415 -4.48 -43.67 39.95
C GLN F 415 -3.98 -42.33 39.44
N CYS F 416 -3.29 -41.61 40.32
CA CYS F 416 -2.83 -40.28 39.97
C CYS F 416 -1.33 -40.30 39.67
N THR F 417 -0.93 -41.25 38.82
CA THR F 417 0.44 -41.32 38.30
C THR F 417 0.45 -41.98 36.91
#